data_6FN4
#
_entry.id   6FN4
#
_cell.length_a   1.0
_cell.length_b   1.0
_cell.length_c   1.0
_cell.angle_alpha   90.00
_cell.angle_beta   90.00
_cell.angle_gamma   90.00
#
_symmetry.space_group_name_H-M   'P 1'
#
loop_
_entity.id
_entity.type
_entity.pdbx_description
1 polymer 'Apo form of Human-mouse chimeric ABCB1 (ABCB1HM) in complex with Antigen binding fragment of UIC2.'
2 polymer 'UIC2 Antigen Binding Fragment Light chain'
3 polymer 'UIC2 Antigen binding fragment Heavy chain'
4 non-polymer 2-acetamido-2-deoxy-beta-D-glucopyranose
5 non-polymer 1,2-Distearoyl-sn-glycerophosphoethanolamine
#
loop_
_entity_poly.entity_id
_entity_poly.type
_entity_poly.pdbx_seq_one_letter_code
_entity_poly.pdbx_strand_id
1 'polypeptide(L)'
;MELEEDLKGRADKNFSKMGKKSKKEKKEKKPAVSVLTMFRYAGWLDRLYMLVGTLAAIIHGVALPLMMLIFGEMTDIFAN
AGNLEDLMSNITNRSDINDTGFFMNLEEDMTTYAYYYTGIGAGVLIVAYIQVSFWLLAAGRQIHKIRQKFFHAIMNQEIG
WFDVHDVGELNTRLTDDVSKINEGIGDKIGMFFQAMATFFGGFIIGFTRGWKLTLVILAISPVLGLSAGIWAKILSSFTD
KELHAYAKAGAVAEEVLAAIRTVIAFGGQKKELERYNNNLEEAKRLGIKKAITANISMGAAFLLIYASYALAFWYGTTLV
LSGEYSIGQVLTVFFSVLIGAFSVGQASPNIEAFANARGAAYEVFKIIDNKPSIDSFSKSGHKPDNIQGNLEFKNIHFSY
PSRKEVQILKGLNLKVKSGQTVALVGNSGAGKSTTVQLMQRLYDPLDGMVSIDGQDIRTINVRYLREIIGVVSQEPVLFA
TTIAENIRYGREDVTMDEIEKAVKEANAYDFIMKLPHQFDTLVGERGAQLSGGQKQRIAIARALVRNPKILLLDEATCAL
DTESEAVVQAALDKAREGRTTIVIAHRLSTVRNADVIAGFDGGVIVEQGNHDELMREKGIYFKLVMTQTAGNEIELGNEA
AKSKDEIDNLDMSSKDSGSSLIRRRSTRKSIAGPHDQDRKLSTKEALDEDVPPASFWRILKLNSTEWPYFVVGIFVAIIN
GGLQPAFSVIFSKIIGVFTRIDDPETKRQNSNLFSLLFLILGIISFITFFLQGFTFGKAGEILTKRLRYMVFKSMLRQDV
SWFDDPKNTTGALTTRLANDAAQVKGATGSRLAVIFQNIANLGTGIIISFIYGWQLTLLLLAIVPIIAIAGVVEMKMLSG
QALKDKKELEGSGKIATEAIENFRTVVSLTREQKFETMYAQSLQIPYRNAMKKAHVFGITFSFTQAMMYFSYAAAFRFGA
YLVAHKLMSFEDVLLVFSAIVFGAMAVGQVSSFAPDYAKATVSASHIIRIIEKTPEIDSYSTQGLKPNMLEGNVQFSGVV
FNYPTRPSIPVLQGLSLEVKKGQTLALVGSSGAGKSTVVQLLERFYDPMAGSVFLDGKEIKQLNVQWLRAQLGIVSQEPI
LFDTSIAENIAYGDNSRVVSYEEIVRAAKEANIHQFIDSLPDKYNTRVGDKGTQLSGGQKQRIAIARALVRQPHILLLDE
ATCALDTESEKVVQEALDKAREGRTTIVIAHRLSTIQNADLIVVIQNGKVKEHGTHQQLLAQKGIYFSMVSVQAGAKRS
;
A
2 'polypeptide(L)'
;QVVMTQSPLSLPVSLGDQASISCRSSQSLLHSNGNTYLHWYLQKPGQSPKLLIYKVSNRFSGVPDRFSGSGSGTDFTLKI
SRVEAEDLGVYFCSQSTHIPPWTFGGGTKLDIKRADAAPTVSIFPPSSEQLTSGGLSVVCFLNNFYPKDINVKWKIDGSE
RQNGVLNSWTDQDSKDSTYSMSSTLTLTKDEYERHNSYTCEATHKTSTSPIVKSFNRNEC
;
B
3 'polypeptide(L)'
;EVQLQESGPELVKTGASVKISCKASGYSFSNYYIHWVKQSHGKSLEWIGFISCYNGATFYNQKFKGKATFTVDNSSSTAY
MKFNSLTFEDSAVYYCARLPIQFGNFYPMDYWGQGTTVTVSSAKTTAPSVYPLAPVCGDTTGSSVTLGCLVKGYFPEPVT
LTWNSGSLSSGVHTFPAVLQSDLYTLSSSVTVTSSTWPSQSITCNVAHPASSTKVDKKIEPRGPT
;
C
#
# COMPACT_ATOMS: atom_id res chain seq x y z
N PRO A 31 9.37 -8.94 22.34
CA PRO A 31 8.40 -9.53 23.28
C PRO A 31 6.95 -9.28 22.86
N ALA A 32 6.03 -10.06 23.42
CA ALA A 32 4.61 -9.97 23.13
C ALA A 32 3.87 -9.39 24.34
N VAL A 33 2.55 -9.62 24.41
CA VAL A 33 1.77 -9.12 25.53
C VAL A 33 0.78 -10.12 26.16
N SER A 34 0.07 -10.95 25.39
CA SER A 34 0.00 -11.06 23.94
C SER A 34 -1.31 -10.43 23.42
N VAL A 35 -1.71 -10.83 22.21
CA VAL A 35 -2.78 -10.12 21.49
C VAL A 35 -4.11 -10.14 22.23
N LEU A 36 -4.31 -11.05 23.18
CA LEU A 36 -5.52 -10.99 23.99
C LEU A 36 -5.47 -9.82 24.96
N THR A 37 -4.34 -9.62 25.62
CA THR A 37 -4.20 -8.58 26.64
C THR A 37 -3.94 -7.21 26.06
N MET A 38 -3.83 -7.08 24.74
CA MET A 38 -3.68 -5.76 24.12
C MET A 38 -4.88 -4.87 24.43
N PHE A 39 -6.09 -5.42 24.27
CA PHE A 39 -7.33 -4.68 24.50
C PHE A 39 -7.83 -4.82 25.93
N ARG A 40 -6.91 -4.94 26.90
CA ARG A 40 -7.32 -5.24 28.26
C ARG A 40 -8.18 -4.13 28.86
N TYR A 41 -7.94 -2.88 28.46
CA TYR A 41 -8.69 -1.74 28.95
C TYR A 41 -9.85 -1.37 28.02
N ALA A 42 -10.47 -2.37 27.40
CA ALA A 42 -11.60 -2.14 26.50
C ALA A 42 -12.76 -1.48 27.23
N GLY A 43 -13.63 -2.28 27.83
CA GLY A 43 -14.71 -1.74 28.63
C GLY A 43 -16.09 -2.14 28.16
N TRP A 44 -17.06 -1.24 28.36
CA TRP A 44 -18.46 -1.55 28.10
C TRP A 44 -18.77 -1.63 26.62
N LEU A 45 -18.69 -0.50 25.92
CA LEU A 45 -19.29 -0.37 24.60
C LEU A 45 -18.30 -0.13 23.46
N ASP A 46 -17.00 0.02 23.75
CA ASP A 46 -16.07 0.15 22.63
C ASP A 46 -15.88 -1.17 21.88
N ARG A 47 -16.13 -2.30 22.54
CA ARG A 47 -16.16 -3.57 21.83
C ARG A 47 -17.26 -3.58 20.78
N LEU A 48 -18.37 -2.90 21.06
CA LEU A 48 -19.42 -2.76 20.06
C LEU A 48 -18.92 -1.98 18.85
N TYR A 49 -18.17 -0.91 19.09
CA TYR A 49 -17.57 -0.19 17.98
C TYR A 49 -16.60 -1.06 17.20
N MET A 50 -15.84 -1.91 17.91
CA MET A 50 -14.95 -2.85 17.21
C MET A 50 -15.73 -3.76 16.29
N LEU A 51 -16.81 -4.35 16.80
CA LEU A 51 -17.58 -5.31 16.00
C LEU A 51 -18.24 -4.64 14.80
N VAL A 52 -18.96 -3.54 15.04
CA VAL A 52 -19.61 -2.85 13.94
C VAL A 52 -18.58 -2.33 12.96
N GLY A 53 -17.40 -1.94 13.44
CA GLY A 53 -16.38 -1.44 12.54
C GLY A 53 -15.81 -2.50 11.64
N THR A 54 -15.50 -3.67 12.20
CA THR A 54 -14.98 -4.73 11.34
C THR A 54 -16.05 -5.25 10.38
N LEU A 55 -17.32 -5.24 10.79
CA LEU A 55 -18.39 -5.55 9.84
C LEU A 55 -18.44 -4.54 8.71
N ALA A 56 -18.32 -3.25 9.04
CA ALA A 56 -18.30 -2.22 8.00
C ALA A 56 -17.10 -2.39 7.08
N ALA A 57 -15.94 -2.76 7.63
CA ALA A 57 -14.78 -2.98 6.78
C ALA A 57 -14.99 -4.16 5.84
N ILE A 58 -15.59 -5.23 6.34
CA ILE A 58 -15.82 -6.39 5.49
C ILE A 58 -16.81 -6.06 4.37
N ILE A 59 -17.87 -5.31 4.67
CA ILE A 59 -18.85 -5.01 3.63
C ILE A 59 -18.46 -3.75 2.86
N HIS A 60 -17.30 -3.18 3.19
CA HIS A 60 -16.71 -2.15 2.34
C HIS A 60 -15.72 -2.72 1.35
N GLY A 61 -14.87 -3.65 1.79
CA GLY A 61 -13.87 -4.21 0.90
C GLY A 61 -14.45 -5.02 -0.24
N VAL A 62 -15.59 -5.67 -0.01
CA VAL A 62 -16.21 -6.47 -1.06
C VAL A 62 -16.85 -5.62 -2.14
N ALA A 63 -16.99 -4.31 -1.91
CA ALA A 63 -17.72 -3.46 -2.84
C ALA A 63 -16.90 -3.02 -4.05
N LEU A 64 -15.63 -3.39 -4.13
CA LEU A 64 -14.83 -2.92 -5.26
C LEU A 64 -14.74 -3.94 -6.39
N PRO A 65 -14.55 -5.24 -6.12
CA PRO A 65 -14.53 -6.21 -7.24
C PRO A 65 -15.84 -6.29 -8.01
N LEU A 66 -16.99 -6.14 -7.33
CA LEU A 66 -18.25 -6.32 -8.03
C LEU A 66 -18.51 -5.18 -9.02
N MET A 67 -18.00 -3.98 -8.75
CA MET A 67 -18.10 -2.96 -9.79
C MET A 67 -17.19 -3.28 -10.97
N MET A 68 -16.11 -4.02 -10.74
CA MET A 68 -15.32 -4.50 -11.87
C MET A 68 -16.12 -5.52 -12.68
N LEU A 69 -16.92 -6.34 -12.01
CA LEU A 69 -17.86 -7.21 -12.72
C LEU A 69 -18.83 -6.40 -13.59
N ILE A 70 -19.42 -5.36 -12.99
CA ILE A 70 -20.35 -4.51 -13.75
C ILE A 70 -19.66 -3.88 -14.94
N PHE A 71 -18.41 -3.44 -14.75
CA PHE A 71 -17.63 -2.87 -15.85
C PHE A 71 -17.45 -3.88 -16.97
N GLY A 72 -17.12 -5.12 -16.62
CA GLY A 72 -17.03 -6.16 -17.62
C GLY A 72 -18.31 -6.30 -18.42
N GLU A 73 -19.45 -6.31 -17.73
CA GLU A 73 -20.71 -6.49 -18.44
C GLU A 73 -21.01 -5.30 -19.36
N MET A 74 -20.77 -4.08 -18.90
CA MET A 74 -21.12 -2.93 -19.73
C MET A 74 -20.20 -2.81 -20.94
N THR A 75 -18.91 -3.10 -20.76
CA THR A 75 -18.03 -3.09 -21.93
C THR A 75 -18.38 -4.23 -22.88
N ASP A 76 -18.93 -5.34 -22.36
CA ASP A 76 -19.44 -6.37 -23.25
C ASP A 76 -20.64 -5.86 -24.05
N ILE A 77 -21.49 -5.04 -23.42
CA ILE A 77 -22.62 -4.46 -24.14
C ILE A 77 -22.14 -3.58 -25.29
N PHE A 78 -21.24 -2.64 -24.98
CA PHE A 78 -20.68 -1.80 -26.05
C PHE A 78 -20.03 -2.65 -27.13
N ALA A 79 -19.33 -3.71 -26.75
CA ALA A 79 -18.68 -4.57 -27.74
C ALA A 79 -19.69 -5.18 -28.69
N ASN A 80 -20.74 -5.80 -28.14
CA ASN A 80 -21.73 -6.46 -29.00
C ASN A 80 -22.43 -5.46 -29.92
N ALA A 81 -22.86 -4.31 -29.37
CA ALA A 81 -23.58 -3.35 -30.18
C ALA A 81 -22.70 -2.79 -31.29
N GLY A 82 -21.48 -2.36 -30.94
CA GLY A 82 -20.58 -1.84 -31.95
C GLY A 82 -20.23 -2.86 -33.01
N ASN A 83 -20.02 -4.11 -32.60
CA ASN A 83 -19.69 -5.15 -33.56
C ASN A 83 -20.82 -5.40 -34.53
N LEU A 84 -22.06 -5.49 -34.02
CA LEU A 84 -23.19 -5.74 -34.91
C LEU A 84 -23.38 -4.59 -35.89
N GLU A 85 -23.33 -3.35 -35.39
CA GLU A 85 -23.53 -2.23 -36.31
C GLU A 85 -22.37 -2.10 -37.29
N ASP A 86 -21.17 -2.50 -36.89
CA ASP A 86 -20.03 -2.49 -37.80
C ASP A 86 -20.11 -3.60 -38.83
N LEU A 87 -20.86 -4.65 -38.55
CA LEU A 87 -21.04 -5.73 -39.52
C LEU A 87 -21.78 -5.24 -40.75
N MET A 88 -23.08 -4.98 -40.62
CA MET A 88 -23.89 -4.52 -41.75
C MET A 88 -23.76 -3.01 -41.89
N SER A 89 -23.57 -2.55 -43.13
CA SER A 89 -23.48 -1.12 -43.41
C SER A 89 -24.09 -0.72 -44.74
N ASN A 90 -24.34 -1.65 -45.66
CA ASN A 90 -24.96 -1.35 -46.94
C ASN A 90 -26.47 -1.58 -46.80
N ILE A 91 -27.12 -0.64 -46.11
CA ILE A 91 -28.53 -0.76 -45.77
C ILE A 91 -29.40 0.07 -46.71
N THR A 92 -28.97 0.25 -47.96
CA THR A 92 -29.63 1.18 -48.84
C THR A 92 -30.78 0.52 -49.58
N ASN A 93 -31.91 1.20 -49.66
CA ASN A 93 -32.08 2.50 -49.02
C ASN A 93 -32.89 2.30 -47.74
N ARG A 94 -33.44 3.38 -47.19
CA ARG A 94 -34.14 3.35 -45.90
C ARG A 94 -33.21 2.75 -44.83
N SER A 95 -32.14 3.50 -44.57
CA SER A 95 -30.97 2.99 -43.88
C SER A 95 -30.80 3.52 -42.47
N ASP A 96 -31.46 4.62 -42.13
CA ASP A 96 -31.18 5.35 -40.90
C ASP A 96 -31.86 4.75 -39.67
N ILE A 97 -33.04 4.17 -39.86
CA ILE A 97 -33.94 3.98 -38.74
C ILE A 97 -33.57 2.72 -37.94
N ASN A 98 -33.11 1.65 -38.61
CA ASN A 98 -32.81 0.43 -37.87
C ASN A 98 -31.47 0.52 -37.15
N ASP A 99 -30.48 1.19 -37.74
CA ASP A 99 -29.22 1.40 -37.03
C ASP A 99 -29.43 2.27 -35.80
N THR A 100 -30.26 3.30 -35.93
CA THR A 100 -30.62 4.12 -34.78
C THR A 100 -31.41 3.32 -33.76
N GLY A 101 -32.19 2.34 -34.20
CA GLY A 101 -32.86 1.46 -33.24
C GLY A 101 -31.88 0.57 -32.50
N PHE A 102 -30.88 0.06 -33.21
CA PHE A 102 -29.80 -0.68 -32.55
C PHE A 102 -29.15 0.17 -31.47
N PHE A 103 -28.75 1.39 -31.83
CA PHE A 103 -28.15 2.26 -30.82
C PHE A 103 -29.15 2.78 -29.80
N MET A 104 -30.46 2.65 -30.06
CA MET A 104 -31.44 2.94 -29.01
C MET A 104 -31.47 1.82 -27.97
N ASN A 105 -31.42 0.57 -28.45
CA ASN A 105 -31.15 -0.53 -27.53
C ASN A 105 -29.89 -0.27 -26.74
N LEU A 106 -28.85 0.25 -27.40
CA LEU A 106 -27.62 0.63 -26.70
C LEU A 106 -27.91 1.68 -25.63
N GLU A 107 -28.69 2.71 -25.97
CA GLU A 107 -28.97 3.79 -25.03
C GLU A 107 -29.65 3.27 -23.77
N GLU A 108 -30.72 2.48 -23.93
CA GLU A 108 -31.45 2.02 -22.75
C GLU A 108 -30.66 0.98 -21.97
N ASP A 109 -30.07 0.01 -22.67
CA ASP A 109 -29.29 -1.03 -22.01
C ASP A 109 -28.03 -0.48 -21.35
N MET A 110 -27.62 0.75 -21.71
CA MET A 110 -26.57 1.40 -20.94
C MET A 110 -27.14 2.21 -19.77
N THR A 111 -28.22 2.95 -19.99
CA THR A 111 -28.78 3.73 -18.89
C THR A 111 -29.43 2.88 -17.82
N THR A 112 -29.46 1.56 -17.96
CA THR A 112 -29.87 0.74 -16.83
C THR A 112 -28.76 0.56 -15.78
N TYR A 113 -27.48 0.67 -16.17
CA TYR A 113 -26.38 0.34 -15.26
C TYR A 113 -25.95 1.52 -14.38
N ALA A 114 -26.22 2.76 -14.83
CA ALA A 114 -25.86 3.91 -14.01
C ALA A 114 -26.54 3.84 -12.65
N TYR A 115 -27.72 3.24 -12.57
CA TYR A 115 -28.38 3.06 -11.30
C TYR A 115 -27.60 2.11 -10.40
N TYR A 116 -27.05 1.02 -10.97
CA TYR A 116 -26.20 0.14 -10.18
C TYR A 116 -24.99 0.89 -9.65
N TYR A 117 -24.33 1.65 -10.52
CA TYR A 117 -23.15 2.41 -10.09
C TYR A 117 -23.49 3.36 -8.94
N THR A 118 -24.55 4.16 -9.10
CA THR A 118 -24.87 5.11 -8.05
C THR A 118 -25.36 4.41 -6.77
N GLY A 119 -25.97 3.24 -6.91
CA GLY A 119 -26.37 2.49 -5.73
C GLY A 119 -25.18 2.06 -4.90
N ILE A 120 -24.19 1.42 -5.55
CA ILE A 120 -23.01 1.08 -4.78
C ILE A 120 -22.29 2.33 -4.33
N GLY A 121 -22.50 3.46 -5.01
CA GLY A 121 -21.95 4.72 -4.51
C GLY A 121 -22.49 5.10 -3.16
N ALA A 122 -23.82 5.12 -3.02
CA ALA A 122 -24.42 5.44 -1.71
C ALA A 122 -24.02 4.43 -0.66
N GLY A 123 -24.03 3.14 -1.03
CA GLY A 123 -23.63 2.11 -0.09
C GLY A 123 -22.21 2.32 0.43
N VAL A 124 -21.25 2.51 -0.48
CA VAL A 124 -19.88 2.69 -0.07
C VAL A 124 -19.73 3.97 0.74
N LEU A 125 -20.53 5.00 0.43
CA LEU A 125 -20.51 6.22 1.23
C LEU A 125 -20.77 5.91 2.70
N ILE A 126 -21.96 5.41 3.00
CA ILE A 126 -22.30 5.25 4.42
C ILE A 126 -21.43 4.18 5.08
N VAL A 127 -21.05 3.13 4.35
CA VAL A 127 -20.25 2.07 4.95
C VAL A 127 -18.86 2.58 5.31
N ALA A 128 -18.22 3.30 4.39
CA ALA A 128 -16.89 3.85 4.67
C ALA A 128 -16.96 4.82 5.84
N TYR A 129 -17.98 5.68 5.88
CA TYR A 129 -18.11 6.58 7.01
C TYR A 129 -18.14 5.82 8.32
N ILE A 130 -19.01 4.81 8.42
CA ILE A 130 -19.12 4.17 9.72
C ILE A 130 -17.84 3.42 10.09
N GLN A 131 -17.15 2.81 9.12
CA GLN A 131 -15.94 2.10 9.51
C GLN A 131 -14.88 3.05 10.05
N VAL A 132 -14.59 4.13 9.31
CA VAL A 132 -13.51 5.02 9.73
C VAL A 132 -13.87 5.69 11.06
N SER A 133 -15.10 6.22 11.15
CA SER A 133 -15.51 6.89 12.38
C SER A 133 -15.42 5.97 13.58
N PHE A 134 -15.96 4.75 13.47
CA PHE A 134 -16.01 3.88 14.63
C PHE A 134 -14.63 3.41 15.06
N TRP A 135 -13.79 3.00 14.11
CA TRP A 135 -12.44 2.57 14.50
C TRP A 135 -11.68 3.69 15.19
N LEU A 136 -11.65 4.88 14.56
CA LEU A 136 -10.86 5.95 15.15
C LEU A 136 -11.43 6.39 16.50
N LEU A 137 -12.75 6.30 16.65
CA LEU A 137 -13.39 6.67 17.91
C LEU A 137 -12.99 5.73 19.04
N ALA A 138 -13.00 4.42 18.76
CA ALA A 138 -12.55 3.46 19.76
C ALA A 138 -11.09 3.68 20.12
N ALA A 139 -10.26 4.00 19.11
CA ALA A 139 -8.87 4.32 19.38
C ALA A 139 -8.75 5.45 20.40
N GLY A 140 -9.50 6.53 20.17
CA GLY A 140 -9.43 7.65 21.10
C GLY A 140 -9.86 7.28 22.52
N ARG A 141 -11.02 6.63 22.63
CA ARG A 141 -11.53 6.30 23.96
C ARG A 141 -10.71 5.25 24.69
N GLN A 142 -9.84 4.50 23.99
CA GLN A 142 -8.91 3.66 24.72
C GLN A 142 -7.63 4.40 25.10
N ILE A 143 -7.09 5.20 24.19
CA ILE A 143 -5.84 5.91 24.47
C ILE A 143 -6.00 6.83 25.66
N HIS A 144 -7.18 7.45 25.80
CA HIS A 144 -7.40 8.35 26.95
C HIS A 144 -7.14 7.62 28.27
N LYS A 145 -7.85 6.51 28.48
CA LYS A 145 -7.72 5.76 29.73
C LYS A 145 -6.30 5.25 29.91
N ILE A 146 -5.72 4.66 28.84
CA ILE A 146 -4.41 4.05 29.03
C ILE A 146 -3.38 5.12 29.36
N ARG A 147 -3.54 6.33 28.85
CA ARG A 147 -2.58 7.38 29.13
C ARG A 147 -2.70 7.88 30.56
N GLN A 148 -3.93 8.13 31.02
CA GLN A 148 -4.07 8.59 32.41
C GLN A 148 -3.60 7.52 33.39
N LYS A 149 -3.89 6.24 33.12
CA LYS A 149 -3.41 5.21 34.03
C LYS A 149 -1.90 5.02 33.93
N PHE A 150 -1.30 5.31 32.78
CA PHE A 150 0.15 5.23 32.67
C PHE A 150 0.82 6.30 33.51
N PHE A 151 0.33 7.53 33.43
CA PHE A 151 0.92 8.57 34.28
C PHE A 151 0.65 8.30 35.75
N HIS A 152 -0.53 7.77 36.08
CA HIS A 152 -0.80 7.38 37.46
C HIS A 152 0.15 6.30 37.94
N ALA A 153 0.54 5.39 37.04
CA ALA A 153 1.49 4.35 37.43
C ALA A 153 2.88 4.92 37.65
N ILE A 154 3.32 5.81 36.77
CA ILE A 154 4.67 6.36 36.93
C ILE A 154 4.76 7.22 38.18
N MET A 155 3.76 8.06 38.45
CA MET A 155 3.85 8.89 39.64
C MET A 155 3.72 8.10 40.94
N ASN A 156 3.23 6.86 40.85
CA ASN A 156 3.10 5.98 42.01
C ASN A 156 4.15 4.88 41.88
N GLN A 157 5.37 5.17 42.33
CA GLN A 157 6.48 4.23 42.21
C GLN A 157 7.40 4.30 43.42
N GLU A 158 8.03 3.17 43.70
CA GLU A 158 9.16 3.13 44.62
C GLU A 158 10.27 4.04 44.13
N ILE A 159 10.75 4.92 45.01
CA ILE A 159 11.84 5.82 44.65
C ILE A 159 13.08 5.04 44.27
N GLY A 160 13.26 3.84 44.85
CA GLY A 160 14.37 2.99 44.45
C GLY A 160 14.29 2.50 43.03
N TRP A 161 13.07 2.45 42.47
CA TRP A 161 12.94 2.09 41.06
C TRP A 161 13.47 3.21 40.17
N PHE A 162 13.40 4.45 40.63
CA PHE A 162 14.13 5.53 39.97
C PHE A 162 15.60 5.45 40.35
N ASP A 163 16.36 6.46 39.91
CA ASP A 163 17.82 6.55 39.90
C ASP A 163 18.48 5.26 39.39
N VAL A 164 17.72 4.43 38.67
CA VAL A 164 18.24 3.22 38.04
C VAL A 164 17.94 3.18 36.55
N HIS A 165 16.76 3.67 36.16
CA HIS A 165 16.32 3.58 34.77
C HIS A 165 16.42 4.92 34.03
N ASP A 166 17.23 5.85 34.52
CA ASP A 166 17.63 7.04 33.77
C ASP A 166 16.43 7.88 33.33
N VAL A 167 16.16 8.96 34.08
CA VAL A 167 14.93 9.73 33.90
C VAL A 167 14.80 10.27 32.48
N GLY A 168 15.93 10.47 31.78
CA GLY A 168 15.87 11.00 30.43
C GLY A 168 15.12 10.09 29.47
N GLU A 169 15.37 8.78 29.58
CA GLU A 169 14.65 7.83 28.74
C GLU A 169 13.17 7.77 29.11
N LEU A 170 12.88 7.72 30.41
CA LEU A 170 11.51 7.59 30.89
C LEU A 170 10.68 8.82 30.56
N ASN A 171 11.31 9.98 30.36
CA ASN A 171 10.56 11.16 29.96
C ASN A 171 9.97 10.99 28.57
N THR A 172 10.82 10.65 27.59
CA THR A 172 10.33 10.48 26.22
C THR A 172 9.51 9.21 26.05
N ARG A 173 9.68 8.22 26.94
CA ARG A 173 9.00 6.96 26.75
C ARG A 173 7.48 7.14 26.71
N LEU A 174 6.92 7.93 27.62
CA LEU A 174 5.47 8.02 27.70
C LEU A 174 4.88 8.59 26.40
N THR A 175 5.30 9.80 26.02
CA THR A 175 4.70 10.41 24.84
C THR A 175 5.03 9.64 23.57
N ASP A 176 6.32 9.34 23.34
CA ASP A 176 6.70 8.65 22.12
C ASP A 176 6.01 7.29 22.01
N ASP A 177 6.02 6.51 23.09
CA ASP A 177 5.54 5.13 23.01
C ASP A 177 4.01 5.07 22.99
N VAL A 178 3.33 5.96 23.70
CA VAL A 178 1.88 5.89 23.63
C VAL A 178 1.39 6.46 22.30
N SER A 179 2.11 7.39 21.68
CA SER A 179 1.78 7.75 20.31
C SER A 179 2.05 6.58 19.36
N LYS A 180 3.10 5.82 19.64
CA LYS A 180 3.42 4.66 18.83
C LYS A 180 2.34 3.60 18.92
N ILE A 181 1.69 3.47 20.09
CA ILE A 181 0.60 2.51 20.19
C ILE A 181 -0.70 3.12 19.65
N ASN A 182 -0.83 4.45 19.70
CA ASN A 182 -1.99 5.12 19.12
C ASN A 182 -2.07 4.87 17.62
N GLU A 183 -0.98 5.09 16.91
CA GLU A 183 -0.98 4.82 15.47
C GLU A 183 -0.92 3.34 15.15
N GLY A 184 -1.00 2.46 16.13
CA GLY A 184 -0.85 1.05 15.87
C GLY A 184 -2.07 0.23 16.23
N ILE A 185 -2.92 0.74 17.12
CA ILE A 185 -4.09 -0.02 17.56
C ILE A 185 -5.38 0.48 16.93
N GLY A 186 -5.44 1.71 16.44
CA GLY A 186 -6.71 2.29 16.07
C GLY A 186 -7.15 2.12 14.63
N ASP A 187 -6.42 2.73 13.69
CA ASP A 187 -6.88 2.86 12.32
C ASP A 187 -6.36 1.77 11.40
N LYS A 188 -5.12 1.32 11.59
CA LYS A 188 -4.46 0.51 10.58
C LYS A 188 -5.12 -0.87 10.44
N ILE A 189 -5.56 -1.46 11.54
CA ILE A 189 -6.12 -2.80 11.45
C ILE A 189 -7.47 -2.81 10.75
N GLY A 190 -8.20 -1.69 10.75
CA GLY A 190 -9.38 -1.60 9.91
C GLY A 190 -9.03 -1.73 8.45
N MET A 191 -7.99 -1.01 8.02
CA MET A 191 -7.49 -1.17 6.66
C MET A 191 -7.03 -2.60 6.40
N PHE A 192 -6.48 -3.26 7.42
CA PHE A 192 -6.06 -4.65 7.25
C PHE A 192 -7.27 -5.56 6.98
N PHE A 193 -8.32 -5.42 7.78
CA PHE A 193 -9.52 -6.24 7.58
C PHE A 193 -10.14 -5.96 6.21
N GLN A 194 -10.28 -4.69 5.85
CA GLN A 194 -10.89 -4.41 4.54
C GLN A 194 -9.98 -4.84 3.41
N ALA A 195 -8.67 -4.91 3.62
CA ALA A 195 -7.76 -5.43 2.60
C ALA A 195 -7.97 -6.93 2.41
N MET A 196 -8.04 -7.68 3.51
CA MET A 196 -8.31 -9.11 3.38
C MET A 196 -9.67 -9.35 2.75
N ALA A 197 -10.65 -8.50 3.06
CA ALA A 197 -11.97 -8.64 2.45
C ALA A 197 -11.92 -8.36 0.95
N THR A 198 -11.19 -7.32 0.54
CA THR A 198 -10.99 -7.08 -0.88
C THR A 198 -10.35 -8.29 -1.55
N PHE A 199 -9.36 -8.90 -0.90
CA PHE A 199 -8.69 -10.03 -1.53
C PHE A 199 -9.63 -11.22 -1.71
N PHE A 200 -10.32 -11.62 -0.65
CA PHE A 200 -11.23 -12.76 -0.80
C PHE A 200 -12.38 -12.44 -1.75
N GLY A 201 -12.88 -11.20 -1.75
CA GLY A 201 -13.92 -10.85 -2.68
C GLY A 201 -13.45 -10.93 -4.12
N GLY A 202 -12.28 -10.36 -4.40
CA GLY A 202 -11.72 -10.46 -5.75
C GLY A 202 -11.43 -11.88 -6.17
N PHE A 203 -11.01 -12.72 -5.24
CA PHE A 203 -10.68 -14.10 -5.58
C PHE A 203 -11.93 -14.92 -5.86
N ILE A 204 -12.96 -14.77 -5.03
CA ILE A 204 -14.21 -15.50 -5.27
C ILE A 204 -14.91 -14.97 -6.51
N ILE A 205 -14.85 -13.65 -6.75
CA ILE A 205 -15.44 -13.10 -7.97
C ILE A 205 -14.60 -13.47 -9.18
N GLY A 206 -13.35 -13.87 -8.96
CA GLY A 206 -12.56 -14.43 -10.05
C GLY A 206 -12.97 -15.84 -10.40
N PHE A 207 -13.18 -16.68 -9.37
CA PHE A 207 -13.60 -18.06 -9.64
C PHE A 207 -15.02 -18.12 -10.20
N THR A 208 -15.94 -17.34 -9.65
CA THR A 208 -17.34 -17.45 -10.06
C THR A 208 -17.59 -16.96 -11.47
N ARG A 209 -16.66 -16.23 -12.07
CA ARG A 209 -16.82 -15.70 -13.42
C ARG A 209 -15.86 -16.32 -14.41
N GLY A 210 -14.61 -16.55 -14.01
CA GLY A 210 -13.67 -17.27 -14.84
C GLY A 210 -13.07 -18.44 -14.06
N TRP A 211 -12.46 -19.36 -14.80
CA TRP A 211 -11.92 -20.55 -14.16
C TRP A 211 -10.47 -20.81 -14.52
N LYS A 212 -10.13 -20.86 -15.80
CA LYS A 212 -8.75 -21.15 -16.19
C LYS A 212 -7.82 -20.00 -15.84
N LEU A 213 -8.21 -18.78 -16.22
CA LEU A 213 -7.29 -17.66 -16.15
C LEU A 213 -6.92 -17.28 -14.73
N THR A 214 -7.81 -17.54 -13.75
CA THR A 214 -7.46 -17.29 -12.37
C THR A 214 -6.28 -18.16 -11.94
N LEU A 215 -6.13 -19.36 -12.50
CA LEU A 215 -5.02 -20.22 -12.11
C LEU A 215 -3.68 -19.71 -12.65
N VAL A 216 -3.64 -19.22 -13.88
CA VAL A 216 -2.38 -18.69 -14.38
C VAL A 216 -2.03 -17.37 -13.70
N ILE A 217 -3.04 -16.52 -13.46
CA ILE A 217 -2.73 -15.29 -12.75
C ILE A 217 -2.35 -15.60 -11.30
N LEU A 218 -2.87 -16.69 -10.72
CA LEU A 218 -2.45 -17.09 -9.39
C LEU A 218 -1.04 -17.66 -9.41
N ALA A 219 -0.66 -18.37 -10.47
CA ALA A 219 0.71 -18.84 -10.60
C ALA A 219 1.69 -17.68 -10.67
N ILE A 220 1.30 -16.58 -11.34
CA ILE A 220 2.15 -15.39 -11.33
C ILE A 220 1.98 -14.58 -10.04
N SER A 221 0.90 -14.83 -9.28
CA SER A 221 0.51 -13.92 -8.21
C SER A 221 1.55 -13.68 -7.13
N PRO A 222 2.25 -14.68 -6.58
CA PRO A 222 3.18 -14.38 -5.48
C PRO A 222 4.28 -13.41 -5.87
N VAL A 223 4.71 -13.41 -7.14
CA VAL A 223 5.81 -12.53 -7.54
C VAL A 223 5.39 -11.07 -7.50
N LEU A 224 4.29 -10.72 -8.17
CA LEU A 224 3.86 -9.33 -8.12
C LEU A 224 3.28 -8.97 -6.75
N GLY A 225 2.80 -9.96 -6.00
CA GLY A 225 2.45 -9.72 -4.61
C GLY A 225 3.65 -9.27 -3.81
N LEU A 226 4.78 -9.96 -3.97
CA LEU A 226 6.04 -9.51 -3.37
C LEU A 226 6.43 -8.12 -3.88
N SER A 227 6.25 -7.88 -5.18
CA SER A 227 6.61 -6.59 -5.76
C SER A 227 5.86 -5.47 -5.05
N ALA A 228 4.53 -5.50 -5.11
CA ALA A 228 3.72 -4.48 -4.47
C ALA A 228 3.90 -4.45 -2.95
N GLY A 229 4.14 -5.60 -2.32
CA GLY A 229 4.33 -5.64 -0.89
C GLY A 229 5.57 -4.93 -0.41
N ILE A 230 6.75 -5.39 -0.85
CA ILE A 230 7.97 -4.72 -0.43
C ILE A 230 8.05 -3.33 -1.04
N TRP A 231 7.44 -3.12 -2.21
CA TRP A 231 7.39 -1.79 -2.79
C TRP A 231 6.61 -0.82 -1.93
N ALA A 232 5.48 -1.24 -1.38
CA ALA A 232 4.74 -0.38 -0.45
C ALA A 232 5.49 -0.23 0.86
N LYS A 233 6.14 -1.31 1.31
CA LYS A 233 7.00 -1.25 2.49
C LYS A 233 8.00 -0.10 2.38
N ILE A 234 8.56 0.09 1.18
CA ILE A 234 9.48 1.20 0.95
C ILE A 234 8.75 2.50 0.60
N LEU A 235 7.51 2.41 0.09
CA LEU A 235 6.71 3.61 -0.16
C LEU A 235 6.34 4.31 1.14
N SER A 236 6.26 3.57 2.24
CA SER A 236 5.82 4.15 3.51
C SER A 236 6.75 5.24 4.01
N SER A 237 7.94 4.87 4.45
CA SER A 237 8.85 5.78 5.13
C SER A 237 10.19 5.09 5.30
N PHE A 238 11.31 5.83 5.23
CA PHE A 238 11.52 7.26 4.92
C PHE A 238 10.84 8.26 5.87
N THR A 239 10.97 7.99 7.17
CA THR A 239 10.78 9.00 8.21
C THR A 239 12.01 9.08 9.11
N ASP A 240 12.56 7.94 9.53
CA ASP A 240 13.76 7.96 10.37
C ASP A 240 14.60 6.71 10.18
N LYS A 241 14.51 6.07 9.01
CA LYS A 241 15.41 4.95 8.73
C LYS A 241 16.84 5.42 8.54
N GLU A 242 17.03 6.62 7.97
CA GLU A 242 18.37 7.15 7.80
C GLU A 242 18.97 7.61 9.13
N LEU A 243 18.16 7.75 10.18
CA LEU A 243 18.69 8.00 11.51
C LEU A 243 19.37 6.79 12.11
N HIS A 244 19.07 5.59 11.60
CA HIS A 244 19.62 4.38 12.21
C HIS A 244 21.10 4.22 11.90
N ALA A 245 21.49 4.37 10.63
CA ALA A 245 22.89 4.26 10.24
C ALA A 245 23.69 5.52 10.57
N TYR A 246 23.03 6.56 11.07
CA TYR A 246 23.67 7.84 11.37
C TYR A 246 24.20 7.93 12.80
N ALA A 247 23.93 6.93 13.65
CA ALA A 247 24.01 7.11 15.09
C ALA A 247 25.41 7.51 15.57
N LYS A 248 26.46 7.07 14.89
CA LYS A 248 27.82 7.32 15.39
C LYS A 248 28.16 8.81 15.37
N ALA A 249 28.10 9.42 14.19
CA ALA A 249 28.37 10.85 14.08
C ALA A 249 27.45 11.66 14.96
N GLY A 250 26.22 11.20 15.16
CA GLY A 250 25.33 11.88 16.09
C GLY A 250 25.86 11.87 17.51
N ALA A 251 26.43 10.74 17.93
CA ALA A 251 27.03 10.66 19.25
C ALA A 251 28.22 11.60 19.38
N VAL A 252 29.09 11.61 18.37
CA VAL A 252 30.24 12.52 18.40
C VAL A 252 29.76 13.96 18.49
N ALA A 253 28.75 14.32 17.68
CA ALA A 253 28.24 15.67 17.67
C ALA A 253 27.64 16.06 19.02
N GLU A 254 26.87 15.14 19.62
CA GLU A 254 26.22 15.49 20.88
C GLU A 254 27.23 15.61 22.00
N GLU A 255 28.29 14.79 22.01
CA GLU A 255 29.27 14.97 23.08
C GLU A 255 30.10 16.24 22.88
N VAL A 256 30.49 16.57 21.65
CA VAL A 256 31.29 17.77 21.47
C VAL A 256 30.45 19.02 21.70
N LEU A 257 29.17 19.00 21.32
CA LEU A 257 28.31 20.14 21.61
C LEU A 257 27.87 20.17 23.07
N ALA A 258 27.98 19.06 23.79
CA ALA A 258 27.82 19.08 25.23
C ALA A 258 29.10 19.47 25.96
N ALA A 259 30.23 19.53 25.25
CA ALA A 259 31.50 19.89 25.87
C ALA A 259 32.19 21.07 25.20
N ILE A 260 31.44 21.88 24.44
CA ILE A 260 32.03 23.05 23.77
C ILE A 260 32.88 23.90 24.72
N ARG A 261 32.55 23.93 26.01
CA ARG A 261 33.31 24.78 26.92
C ARG A 261 34.74 24.27 27.11
N THR A 262 34.92 22.96 27.16
CA THR A 262 36.26 22.38 27.22
C THR A 262 36.85 22.13 25.84
N VAL A 263 36.06 22.29 24.79
CA VAL A 263 36.60 22.22 23.43
C VAL A 263 37.25 23.54 23.04
N ILE A 264 36.46 24.63 23.05
CA ILE A 264 36.92 25.91 22.53
C ILE A 264 38.11 26.42 23.32
N ALA A 265 38.19 26.09 24.61
CA ALA A 265 39.31 26.54 25.42
C ALA A 265 40.61 25.83 25.06
N PHE A 266 40.54 24.66 24.44
CA PHE A 266 41.72 23.93 23.99
C PHE A 266 41.86 23.92 22.48
N GLY A 267 41.14 24.79 21.78
CA GLY A 267 41.12 24.74 20.33
C GLY A 267 40.39 23.51 19.83
N GLY A 268 41.11 22.63 19.13
CA GLY A 268 40.56 21.34 18.78
C GLY A 268 39.43 21.32 17.80
N GLN A 269 39.16 22.45 17.13
CA GLN A 269 38.13 22.43 16.09
C GLN A 269 38.52 21.48 14.97
N LYS A 270 39.79 21.49 14.58
CA LYS A 270 40.23 20.67 13.45
C LYS A 270 40.09 19.18 13.76
N LYS A 271 40.49 18.74 14.95
CA LYS A 271 40.48 17.31 15.24
C LYS A 271 39.07 16.76 15.34
N GLU A 272 38.20 17.41 16.12
CA GLU A 272 36.83 16.95 16.21
C GLU A 272 36.14 17.06 14.86
N LEU A 273 36.44 18.10 14.10
CA LEU A 273 35.86 18.23 12.77
C LEU A 273 36.29 17.08 11.87
N GLU A 274 37.55 16.64 11.97
CA GLU A 274 37.99 15.54 11.11
C GLU A 274 37.45 14.19 11.57
N ARG A 275 37.30 13.98 12.87
CA ARG A 275 36.69 12.72 13.33
C ARG A 275 35.24 12.64 12.89
N TYR A 276 34.49 13.72 13.09
CA TYR A 276 33.14 13.82 12.56
C TYR A 276 33.14 13.64 11.05
N ASN A 277 34.16 14.14 10.36
CA ASN A 277 34.25 13.98 8.91
C ASN A 277 34.40 12.51 8.53
N ASN A 278 35.21 11.76 9.26
CA ASN A 278 35.41 10.34 8.97
C ASN A 278 34.10 9.58 9.15
N ASN A 279 33.45 9.76 10.30
CA ASN A 279 32.18 9.06 10.53
C ASN A 279 31.14 9.45 9.48
N LEU A 280 31.08 10.74 9.14
CA LEU A 280 30.11 11.20 8.16
C LEU A 280 30.39 10.61 6.78
N GLU A 281 31.67 10.45 6.43
CA GLU A 281 32.02 9.89 5.13
C GLU A 281 31.60 8.44 5.04
N GLU A 282 31.87 7.65 6.08
CA GLU A 282 31.44 6.25 6.07
C GLU A 282 29.92 6.15 5.97
N ALA A 283 29.20 6.98 6.75
CA ALA A 283 27.75 6.99 6.66
C ALA A 283 27.28 7.36 5.26
N LYS A 284 27.96 8.30 4.61
CA LYS A 284 27.62 8.69 3.25
C LYS A 284 27.72 7.50 2.30
N ARG A 285 28.82 6.75 2.39
CA ARG A 285 29.01 5.63 1.47
C ARG A 285 27.91 4.58 1.66
N LEU A 286 27.62 4.23 2.91
CA LEU A 286 26.57 3.24 3.12
C LEU A 286 25.20 3.75 2.70
N GLY A 287 24.93 5.05 2.87
CA GLY A 287 23.67 5.60 2.38
C GLY A 287 23.55 5.50 0.87
N ILE A 288 24.64 5.79 0.15
CA ILE A 288 24.66 5.60 -1.30
C ILE A 288 24.28 4.17 -1.65
N LYS A 289 24.92 3.19 -0.99
CA LYS A 289 24.64 1.80 -1.32
C LYS A 289 23.18 1.44 -1.09
N LYS A 290 22.63 1.86 0.06
CA LYS A 290 21.25 1.49 0.37
C LYS A 290 20.28 2.15 -0.59
N ALA A 291 20.55 3.40 -0.99
CA ALA A 291 19.68 4.06 -1.97
C ALA A 291 19.69 3.31 -3.30
N ILE A 292 20.88 2.92 -3.76
CA ILE A 292 20.97 2.19 -5.03
C ILE A 292 20.19 0.89 -4.95
N THR A 293 20.30 0.17 -3.84
CA THR A 293 19.59 -1.10 -3.71
C THR A 293 18.08 -0.90 -3.72
N ALA A 294 17.59 0.12 -3.00
CA ALA A 294 16.16 0.40 -2.99
C ALA A 294 15.66 0.72 -4.40
N ASN A 295 16.41 1.52 -5.14
CA ASN A 295 16.00 1.87 -6.49
C ASN A 295 15.95 0.64 -7.38
N ILE A 296 16.95 -0.23 -7.28
CA ILE A 296 16.92 -1.51 -8.00
C ILE A 296 15.63 -2.27 -7.69
N SER A 297 15.28 -2.34 -6.41
CA SER A 297 14.07 -3.08 -6.02
C SER A 297 12.84 -2.52 -6.71
N MET A 298 12.67 -1.20 -6.68
CA MET A 298 11.46 -0.61 -7.25
C MET A 298 11.41 -0.78 -8.76
N GLY A 299 12.57 -0.63 -9.42
CA GLY A 299 12.60 -0.87 -10.86
C GLY A 299 12.23 -2.29 -11.22
N ALA A 300 12.74 -3.26 -10.46
CA ALA A 300 12.35 -4.65 -10.69
C ALA A 300 10.87 -4.86 -10.49
N ALA A 301 10.28 -4.15 -9.53
CA ALA A 301 8.83 -4.22 -9.34
C ALA A 301 8.09 -3.79 -10.60
N PHE A 302 8.48 -2.64 -11.18
CA PHE A 302 7.84 -2.23 -12.43
C PHE A 302 8.03 -3.25 -13.54
N LEU A 303 9.25 -3.79 -13.69
CA LEU A 303 9.49 -4.75 -14.74
C LEU A 303 8.56 -5.96 -14.59
N LEU A 304 8.42 -6.46 -13.36
CA LEU A 304 7.59 -7.63 -13.14
C LEU A 304 6.12 -7.34 -13.41
N ILE A 305 5.62 -6.17 -12.98
CA ILE A 305 4.19 -5.89 -13.19
C ILE A 305 3.89 -5.74 -14.67
N TYR A 306 4.77 -5.10 -15.44
CA TYR A 306 4.48 -4.99 -16.86
C TYR A 306 4.66 -6.31 -17.60
N ALA A 307 5.60 -7.15 -17.19
CA ALA A 307 5.65 -8.50 -17.76
C ALA A 307 4.38 -9.27 -17.48
N SER A 308 3.82 -9.07 -16.28
CA SER A 308 2.56 -9.72 -15.94
C SER A 308 1.45 -9.28 -16.88
N TYR A 309 1.25 -7.97 -17.03
CA TYR A 309 0.27 -7.50 -18.02
C TYR A 309 0.52 -8.12 -19.39
N ALA A 310 1.78 -8.12 -19.83
CA ALA A 310 2.13 -8.59 -21.16
C ALA A 310 1.67 -10.02 -21.40
N LEU A 311 2.23 -10.97 -20.65
CA LEU A 311 1.87 -12.36 -20.92
C LEU A 311 0.44 -12.69 -20.49
N ALA A 312 -0.14 -11.92 -19.57
CA ALA A 312 -1.55 -12.14 -19.22
C ALA A 312 -2.46 -11.81 -20.39
N PHE A 313 -2.31 -10.62 -21.00
CA PHE A 313 -3.10 -10.33 -22.19
C PHE A 313 -2.72 -11.23 -23.35
N TRP A 314 -1.48 -11.72 -23.42
CA TRP A 314 -1.15 -12.69 -24.46
C TRP A 314 -2.03 -13.93 -24.34
N TYR A 315 -2.06 -14.53 -23.15
CA TYR A 315 -2.87 -15.73 -22.97
C TYR A 315 -4.35 -15.43 -23.12
N GLY A 316 -4.79 -14.25 -22.66
CA GLY A 316 -6.19 -13.89 -22.80
C GLY A 316 -6.61 -13.77 -24.25
N THR A 317 -5.77 -13.15 -25.08
CA THR A 317 -6.06 -13.01 -26.49
C THR A 317 -6.07 -14.37 -27.19
N THR A 318 -5.03 -15.18 -26.95
CA THR A 318 -5.00 -16.48 -27.60
C THR A 318 -6.07 -17.42 -27.05
N LEU A 319 -6.75 -17.04 -25.97
CA LEU A 319 -7.91 -17.78 -25.50
C LEU A 319 -9.20 -17.28 -26.14
N VAL A 320 -9.38 -15.96 -26.22
CA VAL A 320 -10.63 -15.41 -26.75
C VAL A 320 -10.75 -15.65 -28.24
N LEU A 321 -9.64 -15.59 -28.97
CA LEU A 321 -9.72 -15.77 -30.42
C LEU A 321 -10.19 -17.17 -30.81
N SER A 322 -10.15 -18.13 -29.89
CA SER A 322 -10.69 -19.45 -30.15
C SER A 322 -12.17 -19.56 -29.80
N GLY A 323 -12.80 -18.47 -29.39
CA GLY A 323 -14.22 -18.48 -29.08
C GLY A 323 -14.58 -19.12 -27.76
N GLU A 324 -13.71 -19.02 -26.76
CA GLU A 324 -13.99 -19.61 -25.45
C GLU A 324 -14.75 -18.62 -24.57
N TYR A 325 -14.06 -17.61 -24.09
CA TYR A 325 -14.67 -16.59 -23.25
C TYR A 325 -15.23 -15.46 -24.13
N SER A 326 -15.51 -14.33 -23.51
CA SER A 326 -15.80 -13.08 -24.19
C SER A 326 -14.71 -12.07 -23.80
N ILE A 327 -15.00 -10.79 -24.02
CA ILE A 327 -14.06 -9.75 -23.57
C ILE A 327 -14.38 -9.29 -22.15
N GLY A 328 -15.67 -9.26 -21.82
CA GLY A 328 -16.07 -8.88 -20.47
C GLY A 328 -15.52 -9.81 -19.42
N GLN A 329 -15.50 -11.12 -19.70
CA GLN A 329 -14.98 -12.07 -18.73
C GLN A 329 -13.49 -11.88 -18.50
N VAL A 330 -12.71 -11.69 -19.56
CA VAL A 330 -11.27 -11.57 -19.36
C VAL A 330 -10.95 -10.27 -18.62
N LEU A 331 -11.62 -9.17 -18.97
CA LEU A 331 -11.41 -7.94 -18.20
C LEU A 331 -11.80 -8.13 -16.74
N THR A 332 -12.99 -8.71 -16.50
CA THR A 332 -13.48 -8.88 -15.14
C THR A 332 -12.52 -9.70 -14.30
N VAL A 333 -12.21 -10.92 -14.74
CA VAL A 333 -11.42 -11.81 -13.91
C VAL A 333 -9.99 -11.29 -13.77
N PHE A 334 -9.43 -10.72 -14.85
CA PHE A 334 -8.06 -10.23 -14.78
C PHE A 334 -7.94 -9.08 -13.80
N PHE A 335 -8.75 -8.03 -13.97
CA PHE A 335 -8.66 -6.90 -13.05
C PHE A 335 -9.06 -7.32 -11.63
N SER A 336 -9.96 -8.29 -11.49
CA SER A 336 -10.34 -8.73 -10.15
C SER A 336 -9.14 -9.34 -9.42
N VAL A 337 -8.48 -10.31 -10.05
CA VAL A 337 -7.36 -10.95 -9.36
C VAL A 337 -6.19 -9.98 -9.21
N LEU A 338 -6.01 -9.06 -10.16
CA LEU A 338 -4.97 -8.04 -10.02
C LEU A 338 -5.21 -7.17 -8.80
N ILE A 339 -6.44 -6.66 -8.64
CA ILE A 339 -6.73 -5.82 -7.50
C ILE A 339 -6.65 -6.62 -6.20
N GLY A 340 -6.97 -7.91 -6.26
CA GLY A 340 -6.75 -8.75 -5.09
C GLY A 340 -5.29 -8.81 -4.69
N ALA A 341 -4.41 -8.99 -5.67
CA ALA A 341 -2.97 -9.03 -5.38
C ALA A 341 -2.48 -7.70 -4.82
N PHE A 342 -2.89 -6.59 -5.44
CA PHE A 342 -2.54 -5.28 -4.91
C PHE A 342 -3.02 -5.13 -3.47
N SER A 343 -4.25 -5.55 -3.19
CA SER A 343 -4.80 -5.38 -1.86
C SER A 343 -4.09 -6.26 -0.83
N VAL A 344 -3.51 -7.38 -1.26
CA VAL A 344 -2.62 -8.11 -0.36
C VAL A 344 -1.33 -7.34 -0.15
N GLY A 345 -0.79 -6.74 -1.21
CA GLY A 345 0.49 -6.06 -1.13
C GLY A 345 0.49 -4.82 -0.26
N GLN A 346 -0.69 -4.26 0.04
CA GLN A 346 -0.80 -3.05 0.84
C GLN A 346 -1.14 -3.32 2.30
N ALA A 347 -0.84 -4.53 2.79
CA ALA A 347 -1.22 -4.91 4.14
C ALA A 347 -0.04 -5.12 5.08
N SER A 348 1.17 -5.29 4.56
CA SER A 348 2.32 -5.57 5.42
C SER A 348 2.68 -4.41 6.35
N PRO A 349 2.69 -3.15 5.93
CA PRO A 349 2.97 -2.06 6.89
C PRO A 349 2.01 -2.07 8.08
N ASN A 350 0.75 -2.41 7.86
CA ASN A 350 -0.21 -2.44 8.96
C ASN A 350 0.20 -3.48 10.01
N ILE A 351 0.52 -4.70 9.57
CA ILE A 351 0.86 -5.74 10.53
C ILE A 351 2.20 -5.47 11.20
N GLU A 352 3.15 -4.84 10.49
CA GLU A 352 4.43 -4.57 11.14
C GLU A 352 4.28 -3.46 12.18
N ALA A 353 3.51 -2.41 11.86
CA ALA A 353 3.22 -1.39 12.86
C ALA A 353 2.45 -1.99 14.05
N PHE A 354 1.56 -2.95 13.77
CA PHE A 354 0.82 -3.60 14.85
C PHE A 354 1.77 -4.34 15.80
N ALA A 355 2.66 -5.17 15.26
CA ALA A 355 3.57 -5.91 16.13
C ALA A 355 4.53 -4.98 16.86
N ASN A 356 4.93 -3.88 16.19
CA ASN A 356 5.78 -2.90 16.86
C ASN A 356 5.05 -2.27 18.04
N ALA A 357 3.77 -1.95 17.85
CA ALA A 357 2.94 -1.50 18.96
C ALA A 357 2.76 -2.60 20.01
N ARG A 358 2.86 -3.87 19.62
CA ARG A 358 2.80 -4.94 20.60
C ARG A 358 4.02 -4.92 21.52
N GLY A 359 5.20 -4.66 20.96
CA GLY A 359 6.38 -4.50 21.80
C GLY A 359 6.26 -3.28 22.71
N ALA A 360 5.83 -2.16 22.13
CA ALA A 360 5.58 -0.96 22.94
C ALA A 360 4.60 -1.26 24.06
N ALA A 361 3.59 -2.07 23.78
CA ALA A 361 2.64 -2.46 24.81
C ALA A 361 3.28 -3.34 25.85
N TYR A 362 4.24 -4.18 25.47
CA TYR A 362 4.96 -4.94 26.50
C TYR A 362 5.63 -4.00 27.49
N GLU A 363 6.35 -2.99 26.99
CA GLU A 363 6.98 -2.04 27.91
C GLU A 363 5.95 -1.33 28.78
N VAL A 364 4.92 -0.75 28.17
CA VAL A 364 3.97 0.07 28.92
C VAL A 364 3.21 -0.78 29.93
N PHE A 365 2.67 -1.93 29.51
CA PHE A 365 1.91 -2.77 30.41
C PHE A 365 2.80 -3.37 31.50
N LYS A 366 4.10 -3.57 31.23
CA LYS A 366 4.98 -3.97 32.31
C LYS A 366 5.08 -2.87 33.36
N ILE A 367 5.23 -1.62 32.93
CA ILE A 367 5.32 -0.54 33.92
C ILE A 367 4.00 -0.36 34.65
N ILE A 368 2.87 -0.66 34.00
CA ILE A 368 1.57 -0.47 34.63
C ILE A 368 1.31 -1.57 35.66
N ASP A 369 1.46 -2.82 35.25
CA ASP A 369 1.06 -3.96 36.06
C ASP A 369 1.96 -4.22 37.25
N ASN A 370 2.98 -3.38 37.48
CA ASN A 370 3.87 -3.57 38.61
C ASN A 370 3.12 -3.31 39.91
N LYS A 371 3.63 -3.90 41.00
CA LYS A 371 3.08 -3.70 42.34
C LYS A 371 4.14 -3.07 43.22
N PRO A 372 4.20 -1.73 43.28
CA PRO A 372 5.13 -1.07 44.20
C PRO A 372 4.77 -1.39 45.65
N SER A 373 5.76 -1.86 46.40
CA SER A 373 5.51 -2.43 47.72
C SER A 373 5.39 -1.37 48.81
N ILE A 374 5.88 -0.15 48.59
CA ILE A 374 5.95 0.81 49.68
C ILE A 374 5.10 2.03 49.35
N ASP A 375 3.93 1.81 48.76
CA ASP A 375 2.97 2.89 48.61
C ASP A 375 2.46 3.30 49.98
N SER A 376 2.52 4.60 50.35
CA SER A 376 2.82 5.85 49.61
C SER A 376 1.68 6.24 48.70
N PHE A 377 0.61 5.45 48.71
CA PHE A 377 -0.62 5.84 48.05
C PHE A 377 -1.77 5.03 48.63
N SER A 378 -1.46 3.80 49.04
CA SER A 378 -2.44 2.90 49.65
C SER A 378 -3.01 3.50 50.93
N LYS A 379 -4.07 2.89 51.45
CA LYS A 379 -4.81 3.45 52.57
C LYS A 379 -4.87 2.45 53.71
N SER A 380 -3.75 1.78 53.99
CA SER A 380 -3.73 0.67 54.94
C SER A 380 -3.32 1.09 56.34
N GLY A 381 -2.14 1.69 56.48
CA GLY A 381 -1.55 1.93 57.77
C GLY A 381 -2.33 2.91 58.64
N HIS A 382 -1.84 3.07 59.86
CA HIS A 382 -2.44 3.99 60.82
C HIS A 382 -2.22 5.44 60.39
N LYS A 383 -2.93 6.34 61.04
CA LYS A 383 -2.78 7.79 60.83
C LYS A 383 -2.82 8.47 62.20
N PRO A 384 -1.78 8.30 63.00
CA PRO A 384 -1.82 8.78 64.39
C PRO A 384 -1.80 10.31 64.45
N ASP A 385 -2.65 10.85 65.31
CA ASP A 385 -2.75 12.29 65.52
C ASP A 385 -1.97 12.70 66.77
N ASN A 386 -1.66 13.99 66.83
CA ASN A 386 -0.88 14.60 67.90
C ASN A 386 0.47 13.88 68.06
N ILE A 387 1.29 14.03 67.03
CA ILE A 387 2.58 13.36 66.95
C ILE A 387 3.60 14.20 67.72
N GLN A 388 4.26 13.59 68.71
CA GLN A 388 5.23 14.33 69.50
C GLN A 388 6.59 14.43 68.80
N GLY A 389 6.99 13.39 68.07
CA GLY A 389 8.22 13.42 67.31
C GLY A 389 9.38 12.65 67.89
N ASN A 390 9.14 11.63 68.71
CA ASN A 390 10.22 10.79 69.20
C ASN A 390 10.65 9.83 68.10
N LEU A 391 11.88 9.99 67.62
CA LEU A 391 12.41 9.21 66.51
C LEU A 391 13.40 8.18 67.02
N GLU A 392 13.43 7.02 66.37
CA GLU A 392 14.36 5.97 66.80
C GLU A 392 14.76 5.10 65.62
N PHE A 393 16.07 4.90 65.46
CA PHE A 393 16.62 3.86 64.60
C PHE A 393 17.16 2.75 65.49
N LYS A 394 16.85 1.51 65.13
CA LYS A 394 17.12 0.35 66.00
C LYS A 394 17.73 -0.75 65.14
N ASN A 395 19.07 -0.86 65.18
CA ASN A 395 19.81 -1.95 64.54
C ASN A 395 19.62 -1.93 63.01
N ILE A 396 19.87 -0.77 62.42
CA ILE A 396 19.56 -0.56 61.00
C ILE A 396 20.71 -1.08 60.14
N HIS A 397 20.39 -2.02 59.25
CA HIS A 397 21.30 -2.52 58.23
C HIS A 397 20.70 -2.17 56.86
N PHE A 398 21.44 -1.43 56.06
CA PHE A 398 20.90 -0.99 54.77
C PHE A 398 21.96 -1.02 53.69
N SER A 399 21.50 -1.29 52.46
CA SER A 399 22.32 -1.21 51.25
C SER A 399 21.42 -0.77 50.11
N TYR A 400 21.89 0.18 49.31
CA TYR A 400 21.10 0.66 48.19
C TYR A 400 20.86 -0.48 47.19
N PRO A 401 19.75 -0.44 46.44
CA PRO A 401 19.45 -1.55 45.52
C PRO A 401 20.39 -1.60 44.32
N SER A 402 21.30 -0.65 44.16
CA SER A 402 22.26 -0.71 43.06
C SER A 402 23.32 -1.77 43.33
N ARG A 403 23.76 -1.90 44.59
CA ARG A 403 24.82 -2.83 44.96
C ARG A 403 24.47 -3.42 46.32
N LYS A 404 23.91 -4.63 46.33
CA LYS A 404 23.56 -5.26 47.59
C LYS A 404 24.80 -5.75 48.33
N GLU A 405 25.89 -6.00 47.62
CA GLU A 405 27.08 -6.57 48.24
C GLU A 405 27.73 -5.61 49.23
N VAL A 406 27.90 -4.36 48.83
CA VAL A 406 28.45 -3.35 49.73
C VAL A 406 27.37 -2.90 50.70
N GLN A 407 27.71 -2.85 51.98
CA GLN A 407 26.81 -2.34 53.01
C GLN A 407 27.13 -0.88 53.30
N ILE A 408 26.08 -0.08 53.41
CA ILE A 408 26.19 1.34 53.73
C ILE A 408 25.94 1.58 55.21
N LEU A 409 24.91 0.95 55.76
CA LEU A 409 24.57 1.03 57.18
C LEU A 409 24.64 -0.37 57.79
N LYS A 410 25.28 -0.46 58.96
CA LYS A 410 25.47 -1.74 59.63
C LYS A 410 25.28 -1.52 61.13
N GLY A 411 24.15 -1.99 61.65
CA GLY A 411 23.88 -1.90 63.08
C GLY A 411 23.78 -0.47 63.59
N LEU A 412 23.00 0.35 62.89
CA LEU A 412 22.84 1.75 63.27
C LEU A 412 21.76 1.88 64.33
N ASN A 413 22.09 2.57 65.43
CA ASN A 413 21.17 2.80 66.53
C ASN A 413 21.24 4.26 66.90
N LEU A 414 20.07 4.90 67.00
CA LEU A 414 20.02 6.34 67.25
C LEU A 414 18.66 6.70 67.82
N LYS A 415 18.64 7.71 68.69
CA LYS A 415 17.40 8.21 69.28
C LYS A 415 17.37 9.73 69.15
N VAL A 416 16.19 10.26 68.85
CA VAL A 416 16.01 11.70 68.73
C VAL A 416 14.76 12.07 69.52
N LYS A 417 14.95 12.88 70.56
CA LYS A 417 13.84 13.22 71.44
C LYS A 417 12.99 14.32 70.81
N SER A 418 11.76 14.46 71.32
CA SER A 418 10.78 15.34 70.71
C SER A 418 11.25 16.79 70.72
N GLY A 419 11.12 17.46 69.58
CA GLY A 419 11.49 18.84 69.43
C GLY A 419 12.97 19.13 69.49
N GLN A 420 13.81 18.10 69.67
CA GLN A 420 15.24 18.28 69.81
C GLN A 420 15.89 18.30 68.42
N THR A 421 17.15 18.77 68.38
CA THR A 421 17.89 18.86 67.13
C THR A 421 19.15 18.02 67.22
N VAL A 422 19.27 17.05 66.32
CA VAL A 422 20.45 16.19 66.21
C VAL A 422 21.13 16.48 64.87
N ALA A 423 22.45 16.44 64.85
CA ALA A 423 23.23 16.68 63.66
C ALA A 423 24.16 15.50 63.41
N LEU A 424 24.05 14.90 62.23
CA LEU A 424 24.82 13.73 61.88
C LEU A 424 25.92 14.15 60.91
N VAL A 425 27.18 13.94 61.30
CA VAL A 425 28.32 14.31 60.47
C VAL A 425 29.35 13.19 60.56
N GLY A 426 30.33 13.23 59.66
CA GLY A 426 31.45 12.30 59.72
C GLY A 426 32.11 12.10 58.38
N ASN A 427 32.13 10.86 57.91
CA ASN A 427 32.71 10.51 56.63
C ASN A 427 31.65 10.66 55.55
N SER A 428 31.99 11.32 54.45
CA SER A 428 31.04 11.45 53.35
C SER A 428 30.79 10.08 52.71
N GLY A 429 29.59 9.91 52.16
CA GLY A 429 29.22 8.68 51.52
C GLY A 429 29.04 7.51 52.48
N ALA A 430 29.43 7.70 53.74
CA ALA A 430 29.37 6.64 54.74
C ALA A 430 27.95 6.13 54.92
N GLY A 431 27.07 6.99 55.42
CA GLY A 431 25.70 6.60 55.65
C GLY A 431 24.87 7.71 56.26
N LYS A 432 25.05 8.93 55.77
CA LYS A 432 24.34 10.07 56.34
C LYS A 432 23.04 10.36 55.57
N SER A 433 23.14 10.62 54.27
CA SER A 433 21.95 10.87 53.47
C SER A 433 20.98 9.68 53.50
N THR A 434 21.49 8.48 53.79
CA THR A 434 20.61 7.33 53.97
C THR A 434 19.64 7.56 55.13
N THR A 435 20.04 8.33 56.14
CA THR A 435 19.12 8.65 57.23
C THR A 435 17.88 9.37 56.70
N VAL A 436 18.10 10.46 55.95
CA VAL A 436 16.99 11.21 55.38
C VAL A 436 16.18 10.32 54.45
N GLN A 437 16.85 9.49 53.66
CA GLN A 437 16.10 8.65 52.72
C GLN A 437 15.44 7.44 53.37
N LEU A 438 15.72 7.17 54.64
CA LEU A 438 14.98 6.16 55.39
C LEU A 438 13.85 6.73 56.22
N MET A 439 14.00 7.96 56.72
CA MET A 439 12.93 8.54 57.52
C MET A 439 11.71 8.87 56.67
N GLN A 440 11.92 9.28 55.42
CA GLN A 440 10.80 9.41 54.51
C GLN A 440 10.25 8.06 54.08
N ARG A 441 10.82 6.97 54.58
CA ARG A 441 10.58 5.62 54.09
C ARG A 441 10.68 5.59 52.57
N LEU A 442 11.71 6.24 52.05
CA LEU A 442 12.02 6.09 50.63
C LEU A 442 12.54 4.69 50.33
N TYR A 443 13.24 4.08 51.29
CA TYR A 443 13.73 2.72 51.15
C TYR A 443 13.37 1.92 52.40
N ASP A 444 13.05 0.63 52.21
CA ASP A 444 13.00 -0.08 53.47
C ASP A 444 14.41 -0.51 53.90
N PRO A 445 14.71 -0.44 55.19
CA PRO A 445 15.94 -1.07 55.68
C PRO A 445 15.79 -2.58 55.68
N LEU A 446 16.88 -3.27 55.33
CA LEU A 446 16.87 -4.73 55.33
C LEU A 446 16.60 -5.27 56.73
N ASP A 447 17.47 -4.94 57.67
CA ASP A 447 17.35 -5.40 59.04
C ASP A 447 17.21 -4.19 59.97
N GLY A 448 16.48 -4.37 61.06
CA GLY A 448 16.29 -3.31 62.02
C GLY A 448 14.89 -2.72 61.95
N MET A 449 14.73 -1.60 62.65
CA MET A 449 13.43 -0.97 62.78
C MET A 449 13.58 0.54 62.91
N VAL A 450 12.82 1.28 62.12
CA VAL A 450 12.70 2.72 62.24
C VAL A 450 11.34 3.02 62.85
N SER A 451 11.33 3.77 63.94
CA SER A 451 10.10 4.01 64.70
C SER A 451 9.91 5.49 64.98
N ILE A 452 8.64 5.89 64.99
CA ILE A 452 8.22 7.24 65.35
C ILE A 452 7.25 7.12 66.51
N ASP A 453 7.62 7.70 67.66
CA ASP A 453 6.81 7.65 68.87
C ASP A 453 6.54 6.21 69.30
N GLY A 454 7.55 5.35 69.16
CA GLY A 454 7.43 3.96 69.57
C GLY A 454 6.68 3.06 68.61
N GLN A 455 6.17 3.59 67.50
CA GLN A 455 5.45 2.81 66.51
C GLN A 455 6.31 2.65 65.27
N ASP A 456 6.36 1.42 64.74
CA ASP A 456 7.18 1.14 63.57
C ASP A 456 6.71 1.98 62.39
N ILE A 457 7.68 2.51 61.64
CA ILE A 457 7.35 3.38 60.51
C ILE A 457 6.66 2.59 59.41
N ARG A 458 6.87 1.28 59.35
CA ARG A 458 6.26 0.47 58.30
C ARG A 458 4.80 0.15 58.58
N THR A 459 4.25 0.65 59.69
CA THR A 459 2.88 0.35 60.07
C THR A 459 1.95 1.56 59.98
N ILE A 460 2.46 2.72 59.58
CA ILE A 460 1.65 3.92 59.45
C ILE A 460 1.47 4.25 57.98
N ASN A 461 0.39 4.95 57.67
CA ASN A 461 0.11 5.34 56.29
C ASN A 461 1.24 6.22 55.77
N VAL A 462 1.75 5.88 54.59
CA VAL A 462 2.93 6.56 54.09
C VAL A 462 2.60 7.97 53.60
N ARG A 463 1.41 8.18 53.03
CA ARG A 463 1.03 9.53 52.65
C ARG A 463 1.00 10.45 53.87
N TYR A 464 0.37 9.99 54.95
CA TYR A 464 0.33 10.81 56.16
C TYR A 464 1.70 10.93 56.81
N LEU A 465 2.52 9.89 56.70
CA LEU A 465 3.92 9.96 57.10
C LEU A 465 4.64 11.11 56.42
N ARG A 466 4.64 11.11 55.08
CA ARG A 466 5.35 12.13 54.33
C ARG A 466 4.65 13.49 54.43
N GLU A 467 3.39 13.52 54.86
CA GLU A 467 2.74 14.79 55.15
C GLU A 467 3.17 15.38 56.48
N ILE A 468 3.49 14.54 57.47
CA ILE A 468 3.92 15.09 58.75
C ILE A 468 5.42 15.33 58.78
N ILE A 469 6.07 15.26 57.62
CA ILE A 469 7.50 15.49 57.50
C ILE A 469 7.75 16.46 56.36
N GLY A 470 8.67 17.41 56.57
CA GLY A 470 9.09 18.30 55.52
C GLY A 470 10.58 18.19 55.23
N VAL A 471 10.95 18.07 53.96
CA VAL A 471 12.34 17.91 53.58
C VAL A 471 12.87 19.27 53.11
N VAL A 472 14.18 19.42 53.18
CA VAL A 472 14.88 20.52 52.52
C VAL A 472 16.11 19.93 51.84
N SER A 473 15.97 19.59 50.55
CA SER A 473 17.00 18.85 49.86
C SER A 473 18.26 19.69 49.66
N GLN A 474 19.31 19.03 49.18
CA GLN A 474 20.59 19.70 48.96
C GLN A 474 20.46 20.81 47.92
N GLU A 475 20.05 20.43 46.72
CA GLU A 475 19.86 21.38 45.62
C GLU A 475 18.39 21.75 45.55
N PRO A 476 18.02 23.01 45.70
CA PRO A 476 16.60 23.37 45.68
C PRO A 476 16.03 23.29 44.28
N VAL A 477 14.81 22.80 44.19
CA VAL A 477 14.11 22.68 42.92
C VAL A 477 12.93 23.64 42.94
N LEU A 478 12.55 24.12 41.76
CA LEU A 478 11.34 24.90 41.60
C LEU A 478 10.56 24.38 40.40
N PHE A 479 9.24 24.40 40.52
CA PHE A 479 8.37 23.92 39.48
C PHE A 479 8.01 25.05 38.53
N ALA A 480 8.13 24.78 37.23
CA ALA A 480 8.00 25.81 36.20
C ALA A 480 6.59 26.39 36.14
N THR A 481 6.10 26.91 37.25
CA THR A 481 4.79 27.53 37.31
C THR A 481 4.95 28.84 38.07
N THR A 482 3.84 29.41 38.54
CA THR A 482 3.93 30.62 39.34
C THR A 482 4.53 30.30 40.71
N ILE A 483 4.87 31.37 41.46
CA ILE A 483 5.32 31.19 42.82
C ILE A 483 4.21 30.59 43.68
N ALA A 484 2.97 31.06 43.46
CA ALA A 484 1.83 30.53 44.21
C ALA A 484 1.71 29.03 44.03
N GLU A 485 1.65 28.55 42.78
CA GLU A 485 1.52 27.12 42.52
C GLU A 485 2.70 26.34 43.08
N ASN A 486 3.89 26.93 43.08
CA ASN A 486 5.02 26.30 43.78
C ASN A 486 4.75 26.19 45.28
N ILE A 487 4.04 27.15 45.86
CA ILE A 487 3.77 27.07 47.29
C ILE A 487 2.67 26.06 47.58
N ARG A 488 1.48 26.23 47.01
CA ARG A 488 0.42 25.29 47.31
C ARG A 488 0.61 23.95 46.59
N TYR A 489 1.79 23.71 45.99
CA TYR A 489 2.28 22.35 45.91
C TYR A 489 2.68 21.83 47.28
N GLY A 490 2.98 22.73 48.22
CA GLY A 490 3.12 22.30 49.60
C GLY A 490 1.81 21.75 50.14
N ARG A 491 0.70 22.38 49.75
CA ARG A 491 -0.63 21.88 50.11
C ARG A 491 -1.66 22.57 49.23
N GLU A 492 -2.48 21.79 48.53
CA GLU A 492 -3.31 22.33 47.45
C GLU A 492 -4.34 23.35 47.96
N ASP A 493 -4.84 23.15 49.18
CA ASP A 493 -5.96 23.94 49.70
C ASP A 493 -5.51 25.11 50.56
N VAL A 494 -4.36 25.69 50.26
CA VAL A 494 -3.81 26.79 51.03
C VAL A 494 -4.35 28.10 50.49
N THR A 495 -4.78 28.98 51.39
CA THR A 495 -5.23 30.31 51.04
C THR A 495 -4.04 31.22 50.75
N MET A 496 -4.32 32.40 50.20
CA MET A 496 -3.24 33.33 49.87
C MET A 496 -2.63 33.95 51.11
N ASP A 497 -3.43 34.16 52.16
CA ASP A 497 -2.90 34.72 53.40
C ASP A 497 -1.91 33.75 54.05
N GLU A 498 -2.25 32.46 54.08
CA GLU A 498 -1.32 31.47 54.57
C GLU A 498 -0.04 31.45 53.75
N ILE A 499 -0.16 31.66 52.44
CA ILE A 499 1.03 31.75 51.60
C ILE A 499 1.89 32.93 52.02
N GLU A 500 1.28 34.09 52.25
CA GLU A 500 2.07 35.24 52.69
C GLU A 500 2.76 34.96 54.01
N LYS A 501 2.04 34.37 54.97
CA LYS A 501 2.66 34.12 56.27
C LYS A 501 3.79 33.11 56.17
N ALA A 502 3.61 32.05 55.38
CA ALA A 502 4.67 31.06 55.23
C ALA A 502 5.88 31.64 54.52
N VAL A 503 5.67 32.57 53.57
CA VAL A 503 6.80 33.22 52.92
C VAL A 503 7.49 34.18 53.87
N LYS A 504 6.74 34.77 54.82
CA LYS A 504 7.34 35.66 55.81
C LYS A 504 8.22 34.90 56.79
N GLU A 505 7.85 33.65 57.10
CA GLU A 505 8.64 32.86 58.03
C GLU A 505 9.94 32.37 57.40
N ALA A 506 9.94 32.13 56.10
CA ALA A 506 11.12 31.65 55.38
C ALA A 506 12.02 32.78 54.89
N ASN A 507 11.78 34.01 55.34
CA ASN A 507 12.61 35.17 54.99
C ASN A 507 12.71 35.35 53.48
N ALA A 508 11.60 35.12 52.78
CA ALA A 508 11.57 35.21 51.33
C ALA A 508 10.63 36.30 50.82
N TYR A 509 10.05 37.09 51.73
CA TYR A 509 9.01 38.05 51.33
C TYR A 509 9.60 39.27 50.64
N ASP A 510 10.59 39.92 51.26
CA ASP A 510 11.03 41.22 50.81
C ASP A 510 11.54 41.20 49.37
N PHE A 511 12.24 40.13 48.96
CA PHE A 511 12.71 40.12 47.58
C PHE A 511 11.60 39.78 46.60
N ILE A 512 10.62 38.97 47.03
CA ILE A 512 9.51 38.63 46.14
C ILE A 512 8.70 39.88 45.81
N MET A 513 8.54 40.78 46.78
CA MET A 513 7.88 42.04 46.52
C MET A 513 8.68 42.90 45.54
N LYS A 514 9.98 42.63 45.39
CA LYS A 514 10.80 43.35 44.42
C LYS A 514 10.68 42.77 43.01
N LEU A 515 10.17 41.54 42.88
CA LEU A 515 9.99 40.95 41.57
C LEU A 515 8.92 41.70 40.77
N PRO A 516 8.96 41.59 39.43
CA PRO A 516 8.03 42.38 38.62
C PRO A 516 6.56 42.01 38.83
N HIS A 517 6.26 40.72 38.97
CA HIS A 517 4.89 40.23 39.02
C HIS A 517 4.51 39.70 40.40
N GLN A 518 5.25 40.14 41.42
CA GLN A 518 5.05 39.76 42.82
C GLN A 518 4.91 38.26 42.99
N PHE A 519 3.71 37.80 43.34
CA PHE A 519 3.46 36.38 43.54
C PHE A 519 3.07 35.64 42.26
N ASP A 520 2.73 36.36 41.19
CA ASP A 520 2.42 35.73 39.92
C ASP A 520 3.60 35.71 38.96
N THR A 521 4.80 36.02 39.45
CA THR A 521 6.00 35.91 38.62
C THR A 521 6.22 34.44 38.22
N LEU A 522 6.44 34.21 36.94
CA LEU A 522 6.66 32.87 36.44
C LEU A 522 8.10 32.46 36.68
N VAL A 523 8.31 31.29 37.28
CA VAL A 523 9.64 30.84 37.65
C VAL A 523 9.86 29.45 37.05
N GLY A 524 11.07 28.92 37.20
CA GLY A 524 11.40 27.59 36.72
C GLY A 524 12.31 27.64 35.50
N GLU A 525 12.27 26.55 34.74
CA GLU A 525 13.02 26.49 33.49
C GLU A 525 12.52 27.53 32.48
N ARG A 526 11.25 27.91 32.58
CA ARG A 526 10.64 28.79 31.60
C ARG A 526 10.76 30.27 31.97
N GLY A 527 10.59 30.60 33.25
CA GLY A 527 10.54 31.98 33.70
C GLY A 527 11.91 32.54 34.05
N ALA A 528 11.88 33.60 34.85
CA ALA A 528 13.10 34.31 35.23
C ALA A 528 13.93 33.47 36.19
N GLN A 529 15.24 33.48 36.00
CA GLN A 529 16.16 32.75 36.85
C GLN A 529 16.30 33.44 38.20
N LEU A 530 16.22 32.66 39.27
CA LEU A 530 16.45 33.17 40.62
C LEU A 530 17.77 32.63 41.15
N SER A 531 18.27 33.28 42.19
CA SER A 531 19.51 32.82 42.81
C SER A 531 19.25 31.54 43.61
N GLY A 532 20.34 30.90 44.05
CA GLY A 532 20.21 29.65 44.77
C GLY A 532 19.53 29.83 46.11
N GLY A 533 19.93 30.85 46.87
CA GLY A 533 19.34 31.07 48.18
C GLY A 533 17.85 31.35 48.11
N GLN A 534 17.42 32.11 47.10
CA GLN A 534 16.00 32.38 46.91
C GLN A 534 15.23 31.09 46.66
N LYS A 535 15.77 30.22 45.81
CA LYS A 535 15.14 28.93 45.54
C LYS A 535 15.03 28.09 46.80
N GLN A 536 16.11 28.04 47.59
CA GLN A 536 16.11 27.23 48.80
C GLN A 536 15.08 27.76 49.80
N ARG A 537 14.95 29.09 49.90
CA ARG A 537 13.95 29.65 50.80
C ARG A 537 12.53 29.35 50.33
N ILE A 538 12.29 29.36 49.01
CA ILE A 538 10.97 28.98 48.53
C ILE A 538 10.67 27.52 48.87
N ALA A 539 11.68 26.66 48.77
CA ALA A 539 11.49 25.27 49.19
C ALA A 539 11.14 25.20 50.67
N ILE A 540 11.80 26.02 51.50
CA ILE A 540 11.47 26.10 52.92
C ILE A 540 10.00 26.47 53.09
N ALA A 541 9.55 27.48 52.35
CA ALA A 541 8.15 27.89 52.45
C ALA A 541 7.21 26.76 52.06
N ARG A 542 7.58 25.97 51.04
CA ARG A 542 6.78 24.80 50.71
C ARG A 542 6.67 23.86 51.89
N ALA A 543 7.78 23.65 52.59
CA ALA A 543 7.76 22.74 53.73
C ALA A 543 6.95 23.31 54.90
N LEU A 544 6.95 24.64 55.06
CA LEU A 544 6.40 25.22 56.28
C LEU A 544 4.88 25.19 56.33
N VAL A 545 4.20 25.43 55.22
CA VAL A 545 2.74 25.45 55.28
C VAL A 545 2.21 24.03 55.48
N ARG A 546 2.99 23.00 55.13
CA ARG A 546 2.63 21.64 55.48
C ARG A 546 2.47 21.47 56.98
N ASN A 547 3.11 22.32 57.77
CA ASN A 547 3.15 22.29 59.22
C ASN A 547 3.59 20.90 59.69
N PRO A 548 4.83 20.51 59.44
CA PRO A 548 5.26 19.17 59.81
C PRO A 548 5.67 19.11 61.28
N LYS A 549 5.63 17.89 61.81
CA LYS A 549 6.13 17.64 63.16
C LYS A 549 7.60 17.22 63.16
N ILE A 550 8.14 16.86 62.00
CA ILE A 550 9.51 16.40 61.86
C ILE A 550 10.13 17.12 60.67
N LEU A 551 11.38 17.56 60.82
CA LEU A 551 12.04 18.35 59.79
C LEU A 551 13.37 17.70 59.41
N LEU A 552 13.56 17.46 58.10
CA LEU A 552 14.75 16.80 57.58
C LEU A 552 15.47 17.76 56.62
N LEU A 553 16.79 17.86 56.78
CA LEU A 553 17.61 18.80 56.01
C LEU A 553 18.79 18.03 55.41
N ASP A 554 18.71 17.70 54.13
CA ASP A 554 19.74 16.90 53.44
C ASP A 554 20.73 17.86 52.81
N GLU A 555 21.79 18.20 53.56
CA GLU A 555 22.84 19.11 53.09
C GLU A 555 22.23 20.39 52.54
N ALA A 556 21.52 21.09 53.43
CA ALA A 556 20.66 22.19 53.02
C ALA A 556 21.42 23.37 52.45
N THR A 557 22.75 23.43 52.63
CA THR A 557 23.46 24.63 52.17
C THR A 557 24.90 24.32 51.72
N CYS A 558 25.14 23.19 51.04
CA CYS A 558 26.48 22.93 50.54
C CYS A 558 26.76 23.78 49.31
N ALA A 559 25.79 23.89 48.42
CA ALA A 559 25.96 24.57 47.15
C ALA A 559 25.87 26.10 47.27
N LEU A 560 25.44 26.61 48.41
CA LEU A 560 25.32 28.06 48.58
C LEU A 560 26.61 28.64 49.14
N ASP A 561 26.86 29.90 48.83
CA ASP A 561 28.06 30.59 49.28
C ASP A 561 27.89 31.05 50.73
N THR A 562 28.84 31.87 51.21
CA THR A 562 28.86 32.26 52.61
C THR A 562 27.86 33.36 52.93
N GLU A 563 27.47 34.17 51.96
CA GLU A 563 26.50 35.22 52.24
C GLU A 563 25.07 34.69 52.15
N SER A 564 24.78 33.85 51.15
CA SER A 564 23.44 33.29 51.04
C SER A 564 23.14 32.30 52.16
N GLU A 565 24.16 31.73 52.80
CA GLU A 565 23.90 30.71 53.80
C GLU A 565 23.41 31.32 55.11
N ALA A 566 23.76 32.58 55.40
CA ALA A 566 23.41 33.16 56.68
C ALA A 566 21.90 33.37 56.81
N VAL A 567 21.28 34.00 55.81
CA VAL A 567 19.85 34.25 55.86
C VAL A 567 19.07 32.94 55.82
N VAL A 568 19.56 31.97 55.04
CA VAL A 568 18.91 30.66 54.99
C VAL A 568 19.01 29.97 56.34
N GLN A 569 20.14 30.14 57.03
CA GLN A 569 20.30 29.54 58.35
C GLN A 569 19.38 30.19 59.36
N ALA A 570 19.18 31.51 59.26
CA ALA A 570 18.18 32.17 60.10
C ALA A 570 16.79 31.60 59.84
N ALA A 571 16.43 31.45 58.56
CA ALA A 571 15.12 30.89 58.23
C ALA A 571 14.97 29.46 58.74
N LEU A 572 16.02 28.66 58.63
CA LEU A 572 15.97 27.28 59.10
C LEU A 572 15.83 27.23 60.63
N ASP A 573 16.58 28.07 61.34
CA ASP A 573 16.46 28.13 62.78
C ASP A 573 15.04 28.54 63.19
N LYS A 574 14.42 29.43 62.40
CA LYS A 574 13.03 29.75 62.65
C LYS A 574 12.12 28.55 62.34
N ALA A 575 12.50 27.72 61.38
CA ALA A 575 11.69 26.56 61.02
C ALA A 575 11.86 25.39 61.98
N ARG A 576 12.98 25.33 62.70
CA ARG A 576 13.19 24.24 63.64
C ARG A 576 12.45 24.42 64.96
N GLU A 577 12.00 25.64 65.26
CA GLU A 577 11.46 25.97 66.56
C GLU A 577 10.19 25.15 66.81
N GLY A 578 10.26 24.21 67.75
CA GLY A 578 9.12 23.38 68.08
C GLY A 578 8.99 22.11 67.26
N ARG A 579 10.01 21.75 66.48
CA ARG A 579 9.96 20.55 65.65
C ARG A 579 11.17 19.68 65.93
N THR A 580 10.99 18.38 65.81
CA THR A 580 12.11 17.44 65.88
C THR A 580 12.86 17.45 64.54
N THR A 581 14.18 17.57 64.61
CA THR A 581 14.99 17.86 63.43
C THR A 581 16.19 16.93 63.35
N ILE A 582 16.42 16.36 62.17
CA ILE A 582 17.64 15.64 61.83
C ILE A 582 18.25 16.32 60.62
N VAL A 583 19.50 16.73 60.72
CA VAL A 583 20.19 17.45 59.65
C VAL A 583 21.41 16.66 59.20
N ILE A 584 21.48 16.41 57.89
CA ILE A 584 22.62 15.79 57.24
C ILE A 584 23.30 16.87 56.43
N ALA A 585 24.44 17.36 56.90
CA ALA A 585 25.10 18.45 56.17
C ALA A 585 26.58 18.49 56.50
N HIS A 586 27.36 18.89 55.50
CA HIS A 586 28.77 19.18 55.70
C HIS A 586 28.93 20.55 56.36
N ARG A 587 30.19 20.90 56.64
CA ARG A 587 30.54 22.20 57.20
C ARG A 587 29.89 22.41 58.56
N LEU A 588 30.64 22.11 59.61
CA LEU A 588 30.12 21.96 60.96
C LEU A 588 30.16 23.28 61.74
N SER A 589 30.04 24.40 61.04
CA SER A 589 30.09 25.73 61.63
C SER A 589 28.89 26.01 62.53
N THR A 590 27.82 26.55 61.96
CA THR A 590 26.64 26.91 62.74
C THR A 590 25.96 25.69 63.35
N VAL A 591 26.37 24.49 62.96
CA VAL A 591 25.91 23.24 63.56
C VAL A 591 26.30 23.23 65.03
N ARG A 592 27.12 24.19 65.44
CA ARG A 592 27.59 24.28 66.82
C ARG A 592 26.44 24.45 67.81
N ASN A 593 25.41 25.19 67.44
CA ASN A 593 24.31 25.47 68.36
C ASN A 593 23.33 24.32 68.49
N ALA A 594 23.56 23.20 67.80
CA ALA A 594 22.65 22.07 67.89
C ALA A 594 22.70 21.44 69.28
N ASP A 595 21.73 20.57 69.54
CA ASP A 595 21.59 19.99 70.87
C ASP A 595 22.49 18.78 71.06
N VAL A 596 22.72 18.01 70.00
CA VAL A 596 23.48 16.76 70.10
C VAL A 596 24.06 16.46 68.72
N ILE A 597 25.26 15.88 68.71
CA ILE A 597 25.98 15.55 67.50
C ILE A 597 26.21 14.05 67.46
N ALA A 598 26.32 13.51 66.24
CA ALA A 598 26.65 12.10 66.05
C ALA A 598 27.61 11.97 64.89
N GLY A 599 28.73 11.29 65.12
CA GLY A 599 29.74 11.07 64.09
C GLY A 599 29.64 9.66 63.54
N PHE A 600 29.53 9.56 62.22
CA PHE A 600 29.42 8.27 61.57
C PHE A 600 30.79 7.78 61.09
N ASP A 601 30.93 6.46 61.02
CA ASP A 601 32.13 5.82 60.48
C ASP A 601 31.74 4.41 60.08
N GLY A 602 31.58 4.18 58.79
CA GLY A 602 31.17 2.87 58.30
C GLY A 602 29.77 2.50 58.73
N GLY A 603 28.83 3.44 58.59
CA GLY A 603 27.46 3.19 58.95
C GLY A 603 27.19 2.99 60.42
N VAL A 604 28.11 3.40 61.29
CA VAL A 604 27.97 3.23 62.73
C VAL A 604 28.24 4.56 63.41
N ILE A 605 27.44 4.87 64.43
CA ILE A 605 27.69 6.03 65.27
C ILE A 605 28.79 5.68 66.26
N VAL A 606 29.94 6.34 66.14
CA VAL A 606 31.06 6.06 67.01
C VAL A 606 31.04 6.95 68.26
N GLU A 607 30.48 8.15 68.14
CA GLU A 607 30.54 9.15 69.19
C GLU A 607 29.31 10.03 69.13
N GLN A 608 28.87 10.51 70.29
CA GLN A 608 27.64 11.29 70.38
C GLN A 608 27.68 12.18 71.61
N GLY A 609 27.27 13.42 71.45
CA GLY A 609 27.25 14.37 72.55
C GLY A 609 27.17 15.79 72.01
N ASN A 610 27.48 16.73 72.90
CA ASN A 610 27.43 18.14 72.58
C ASN A 610 28.73 18.58 71.89
N HIS A 611 28.66 19.76 71.27
CA HIS A 611 29.82 20.33 70.58
C HIS A 611 31.08 20.28 71.44
N ASP A 612 31.00 20.83 72.65
CA ASP A 612 32.17 20.86 73.53
C ASP A 612 32.63 19.46 73.92
N GLU A 613 31.77 18.46 73.73
CA GLU A 613 32.08 17.11 74.18
C GLU A 613 32.82 16.31 73.11
N LEU A 614 32.42 16.46 71.84
CA LEU A 614 33.14 15.79 70.77
C LEU A 614 34.44 16.51 70.45
N MET A 615 34.47 17.84 70.57
CA MET A 615 35.73 18.56 70.48
C MET A 615 36.70 18.09 71.55
N ARG A 616 36.20 17.82 72.76
CA ARG A 616 37.04 17.26 73.82
C ARG A 616 37.32 15.79 73.59
N GLU A 617 36.41 15.07 72.94
CA GLU A 617 36.64 13.67 72.63
C GLU A 617 37.83 13.50 71.69
N LYS A 618 38.08 14.51 70.85
CA LYS A 618 39.15 14.49 69.85
C LYS A 618 39.04 13.27 68.93
N GLY A 619 37.81 12.98 68.52
CA GLY A 619 37.52 11.90 67.59
C GLY A 619 37.36 12.40 66.18
N ILE A 620 36.32 11.91 65.50
CA ILE A 620 36.10 12.25 64.10
C ILE A 620 35.64 13.69 63.97
N TYR A 621 34.66 14.08 64.79
CA TYR A 621 34.12 15.44 64.78
C TYR A 621 35.21 16.49 64.89
N PHE A 622 36.08 16.31 65.89
CA PHE A 622 37.14 17.29 66.17
C PHE A 622 38.04 17.50 64.96
N LYS A 623 38.33 16.42 64.22
CA LYS A 623 39.20 16.54 63.05
C LYS A 623 38.59 17.48 62.00
N LEU A 624 37.32 17.25 61.65
CA LEU A 624 36.66 18.12 60.68
C LEU A 624 36.63 19.56 61.17
N VAL A 625 36.20 19.77 62.42
CA VAL A 625 36.06 21.12 62.94
C VAL A 625 37.39 21.86 62.91
N MET A 626 38.48 21.17 63.27
CA MET A 626 39.78 21.82 63.30
C MET A 626 40.33 22.05 61.89
N THR A 627 40.07 21.13 60.95
CA THR A 627 40.49 21.38 59.58
C THR A 627 39.80 22.61 59.00
N GLN A 628 38.54 22.83 59.35
CA GLN A 628 37.93 24.10 58.96
C GLN A 628 38.52 25.24 59.79
N THR A 629 38.18 25.31 61.07
CA THR A 629 38.81 26.24 62.00
C THR A 629 38.44 25.89 63.45
N PRO A 693 10.40 33.31 5.16
CA PRO A 693 11.08 33.56 3.88
C PRO A 693 11.54 32.28 3.21
N ALA A 694 11.29 32.17 1.90
CA ALA A 694 11.64 30.97 1.14
C ALA A 694 12.97 31.13 0.41
N SER A 695 13.06 32.08 -0.52
CA SER A 695 14.25 32.31 -1.34
C SER A 695 14.62 31.04 -2.10
N PHE A 696 13.81 30.76 -3.12
CA PHE A 696 13.95 29.50 -3.85
C PHE A 696 15.21 29.48 -4.70
N TRP A 697 15.58 30.62 -5.28
CA TRP A 697 16.79 30.66 -6.10
C TRP A 697 18.03 30.32 -5.28
N ARG A 698 18.09 30.77 -4.02
CA ARG A 698 19.22 30.41 -3.17
C ARG A 698 19.19 28.93 -2.80
N ILE A 699 17.99 28.38 -2.57
CA ILE A 699 17.87 26.97 -2.22
C ILE A 699 18.37 26.10 -3.38
N LEU A 700 18.10 26.51 -4.61
CA LEU A 700 18.63 25.76 -5.74
C LEU A 700 20.10 26.08 -5.99
N LYS A 701 20.54 27.29 -5.66
CA LYS A 701 21.91 27.71 -5.88
C LYS A 701 22.88 27.10 -4.88
N LEU A 702 22.37 26.54 -3.78
CA LEU A 702 23.23 25.75 -2.90
C LEU A 702 23.90 24.60 -3.64
N ASN A 703 23.24 24.07 -4.67
CA ASN A 703 23.73 22.90 -5.40
C ASN A 703 24.31 23.28 -6.76
N SER A 704 25.17 24.30 -6.79
CA SER A 704 25.80 24.74 -8.03
C SER A 704 27.01 23.90 -8.40
N THR A 705 27.37 22.90 -7.60
CA THR A 705 28.61 22.16 -7.84
C THR A 705 28.41 21.05 -8.87
N GLU A 706 27.29 20.35 -8.81
CA GLU A 706 27.08 19.14 -9.61
C GLU A 706 25.77 19.24 -10.39
N TRP A 707 25.72 20.19 -11.32
CA TRP A 707 24.55 20.37 -12.17
C TRP A 707 24.36 19.29 -13.25
N PRO A 708 25.41 18.66 -13.80
CA PRO A 708 25.15 17.63 -14.82
C PRO A 708 24.29 16.48 -14.34
N TYR A 709 24.39 16.11 -13.06
CA TYR A 709 23.48 15.10 -12.52
C TYR A 709 22.04 15.57 -12.63
N PHE A 710 21.78 16.83 -12.27
CA PHE A 710 20.43 17.37 -12.46
C PHE A 710 20.02 17.38 -13.93
N VAL A 711 20.94 17.67 -14.84
CA VAL A 711 20.56 17.74 -16.26
C VAL A 711 20.11 16.37 -16.75
N VAL A 712 20.96 15.36 -16.57
CA VAL A 712 20.59 14.03 -17.07
C VAL A 712 19.38 13.49 -16.33
N GLY A 713 19.31 13.73 -15.02
CA GLY A 713 18.16 13.27 -14.25
C GLY A 713 16.87 13.94 -14.65
N ILE A 714 16.92 15.23 -14.99
CA ILE A 714 15.70 15.93 -15.34
C ILE A 714 15.26 15.55 -16.76
N PHE A 715 16.22 15.25 -17.63
CA PHE A 715 15.85 14.72 -18.95
C PHE A 715 15.16 13.37 -18.83
N VAL A 716 15.79 12.43 -18.12
CA VAL A 716 15.16 11.12 -17.95
C VAL A 716 13.95 11.16 -17.03
N ALA A 717 13.72 12.28 -16.34
CA ALA A 717 12.47 12.46 -15.64
C ALA A 717 11.37 12.96 -16.57
N ILE A 718 11.72 13.78 -17.56
CA ILE A 718 10.76 14.13 -18.60
C ILE A 718 10.37 12.89 -19.40
N ILE A 719 11.33 12.00 -19.68
CA ILE A 719 11.00 10.78 -20.42
C ILE A 719 10.08 9.89 -19.59
N ASN A 720 10.28 9.83 -18.28
CA ASN A 720 9.44 9.01 -17.42
C ASN A 720 8.14 9.70 -17.04
N GLY A 721 7.78 10.78 -17.73
CA GLY A 721 6.52 11.45 -17.47
C GLY A 721 5.51 11.22 -18.57
N GLY A 722 5.95 11.35 -19.81
CA GLY A 722 5.10 11.12 -20.95
C GLY A 722 5.10 9.67 -21.40
N LEU A 723 5.49 8.77 -20.51
CA LEU A 723 5.41 7.33 -20.76
C LEU A 723 4.43 6.64 -19.83
N GLN A 724 3.56 7.41 -19.19
CA GLN A 724 2.40 6.86 -18.49
C GLN A 724 1.18 6.83 -19.41
N PRO A 725 0.92 7.87 -20.21
CA PRO A 725 -0.18 7.77 -21.19
C PRO A 725 0.09 6.81 -22.32
N ALA A 726 1.33 6.36 -22.54
CA ALA A 726 1.58 5.38 -23.59
C ALA A 726 0.90 4.06 -23.27
N PHE A 727 1.02 3.60 -22.02
CA PHE A 727 0.25 2.46 -21.57
C PHE A 727 -1.23 2.66 -21.81
N SER A 728 -1.74 3.86 -21.51
CA SER A 728 -3.16 4.13 -21.70
C SER A 728 -3.55 4.00 -23.17
N VAL A 729 -2.74 4.53 -24.08
CA VAL A 729 -3.16 4.55 -25.47
C VAL A 729 -3.05 3.16 -26.09
N ILE A 730 -2.03 2.37 -25.71
CA ILE A 730 -2.00 1.03 -26.29
C ILE A 730 -3.04 0.12 -25.63
N PHE A 731 -3.40 0.39 -24.37
CA PHE A 731 -4.51 -0.31 -23.74
C PHE A 731 -5.80 -0.03 -24.49
N SER A 732 -6.05 1.25 -24.80
CA SER A 732 -7.23 1.58 -25.59
C SER A 732 -7.17 0.91 -26.95
N LYS A 733 -6.01 0.82 -27.57
CA LYS A 733 -5.92 0.19 -28.88
C LYS A 733 -6.21 -1.30 -28.83
N ILE A 734 -5.78 -2.01 -27.78
CA ILE A 734 -6.08 -3.45 -27.73
C ILE A 734 -7.56 -3.69 -27.40
N ILE A 735 -8.08 -2.99 -26.38
CA ILE A 735 -9.49 -3.15 -26.06
C ILE A 735 -10.37 -2.71 -27.22
N GLY A 736 -9.88 -1.79 -28.06
CA GLY A 736 -10.64 -1.37 -29.20
C GLY A 736 -10.57 -2.35 -30.35
N VAL A 737 -9.37 -2.89 -30.63
CA VAL A 737 -9.22 -3.85 -31.71
C VAL A 737 -9.94 -5.16 -31.40
N PHE A 738 -10.31 -5.38 -30.14
CA PHE A 738 -11.27 -6.44 -29.85
C PHE A 738 -12.72 -5.99 -29.96
N THR A 739 -12.99 -4.81 -30.55
CA THR A 739 -14.36 -4.34 -30.73
C THR A 739 -14.63 -3.86 -32.14
N ARG A 740 -14.02 -4.52 -33.14
CA ARG A 740 -14.32 -4.25 -34.53
C ARG A 740 -14.37 -5.57 -35.28
N ILE A 741 -14.40 -5.51 -36.60
CA ILE A 741 -14.64 -6.67 -37.44
C ILE A 741 -13.59 -6.72 -38.54
N ASP A 742 -13.01 -7.90 -38.76
CA ASP A 742 -11.95 -8.08 -39.77
C ASP A 742 -11.46 -9.52 -39.87
N ASP A 743 -10.47 -9.74 -40.72
CA ASP A 743 -9.78 -11.01 -40.86
C ASP A 743 -9.25 -11.46 -39.49
N PRO A 744 -9.36 -12.75 -39.16
CA PRO A 744 -8.79 -13.19 -37.87
C PRO A 744 -7.27 -13.12 -37.78
N GLU A 745 -6.55 -13.46 -38.86
CA GLU A 745 -5.10 -13.52 -38.77
C GLU A 745 -4.49 -12.15 -38.48
N THR A 746 -4.98 -11.11 -39.16
CA THR A 746 -4.50 -9.76 -38.86
C THR A 746 -4.80 -9.39 -37.41
N LYS A 747 -5.95 -9.81 -36.89
CA LYS A 747 -6.28 -9.52 -35.49
C LYS A 747 -5.29 -10.18 -34.55
N ARG A 748 -5.00 -11.46 -34.77
CA ARG A 748 -4.07 -12.18 -33.89
C ARG A 748 -2.67 -11.58 -33.96
N GLN A 749 -2.15 -11.37 -35.17
CA GLN A 749 -0.83 -10.79 -35.31
C GLN A 749 -0.76 -9.40 -34.68
N ASN A 750 -1.81 -8.62 -34.84
CA ASN A 750 -1.86 -7.27 -34.28
C ASN A 750 -1.79 -7.32 -32.76
N SER A 751 -2.59 -8.19 -32.13
CA SER A 751 -2.57 -8.29 -30.68
C SER A 751 -1.23 -8.81 -30.16
N ASN A 752 -0.62 -9.76 -30.88
CA ASN A 752 0.71 -10.23 -30.52
C ASN A 752 1.69 -9.06 -30.50
N LEU A 753 1.64 -8.22 -31.53
CA LEU A 753 2.52 -7.06 -31.57
C LEU A 753 2.28 -6.14 -30.38
N PHE A 754 1.02 -5.89 -30.04
CA PHE A 754 0.75 -5.03 -28.87
C PHE A 754 1.31 -5.63 -27.59
N SER A 755 1.23 -6.95 -27.42
CA SER A 755 1.72 -7.55 -26.19
C SER A 755 3.24 -7.42 -26.08
N LEU A 756 3.96 -7.71 -27.17
CA LEU A 756 5.40 -7.52 -27.10
C LEU A 756 5.74 -6.04 -26.89
N LEU A 757 4.86 -5.13 -27.33
CA LEU A 757 5.08 -3.72 -27.04
C LEU A 757 4.91 -3.42 -25.55
N PHE A 758 3.93 -4.06 -24.90
CA PHE A 758 3.88 -4.04 -23.43
C PHE A 758 5.25 -4.35 -22.84
N LEU A 759 5.83 -5.47 -23.26
CA LEU A 759 7.08 -5.89 -22.63
C LEU A 759 8.21 -4.89 -22.89
N ILE A 760 8.27 -4.33 -24.10
CA ILE A 760 9.30 -3.35 -24.42
C ILE A 760 9.16 -2.12 -23.53
N LEU A 761 7.92 -1.63 -23.36
CA LEU A 761 7.72 -0.47 -22.50
C LEU A 761 8.12 -0.80 -21.07
N GLY A 762 7.91 -2.05 -20.64
CA GLY A 762 8.39 -2.45 -19.33
C GLY A 762 9.91 -2.31 -19.20
N ILE A 763 10.64 -2.78 -20.21
CA ILE A 763 12.11 -2.68 -20.18
C ILE A 763 12.55 -1.22 -20.08
N ILE A 764 11.97 -0.36 -20.93
CA ILE A 764 12.39 1.04 -20.94
C ILE A 764 12.09 1.70 -19.61
N SER A 765 10.90 1.45 -19.06
CA SER A 765 10.57 1.96 -17.74
C SER A 765 11.60 1.52 -16.71
N PHE A 766 11.99 0.23 -16.77
CA PHE A 766 12.98 -0.27 -15.83
C PHE A 766 14.26 0.57 -15.87
N ILE A 767 14.88 0.69 -17.03
CA ILE A 767 16.23 1.27 -17.05
C ILE A 767 16.17 2.77 -16.77
N THR A 768 15.18 3.49 -17.34
CA THR A 768 15.13 4.92 -17.05
C THR A 768 14.76 5.18 -15.61
N PHE A 769 13.91 4.35 -15.02
CA PHE A 769 13.55 4.50 -13.62
C PHE A 769 14.77 4.31 -12.74
N PHE A 770 15.55 3.27 -13.01
CA PHE A 770 16.77 3.02 -12.26
C PHE A 770 17.69 4.23 -12.27
N LEU A 771 18.13 4.65 -13.47
CA LEU A 771 19.15 5.69 -13.46
C LEU A 771 18.61 7.05 -13.01
N GLN A 772 17.31 7.30 -13.20
CA GLN A 772 16.67 8.49 -12.67
C GLN A 772 16.79 8.54 -11.15
N GLY A 773 16.22 7.54 -10.49
CA GLY A 773 16.31 7.47 -9.04
C GLY A 773 17.75 7.49 -8.57
N PHE A 774 18.65 6.86 -9.33
CA PHE A 774 20.07 6.82 -8.96
C PHE A 774 20.68 8.21 -8.92
N THR A 775 20.58 8.95 -10.02
CA THR A 775 21.24 10.25 -10.07
C THR A 775 20.62 11.24 -9.08
N PHE A 776 19.29 11.22 -8.94
CA PHE A 776 18.70 12.13 -7.95
C PHE A 776 19.11 11.72 -6.53
N GLY A 777 19.19 10.43 -6.25
CA GLY A 777 19.59 10.00 -4.92
C GLY A 777 21.01 10.40 -4.59
N LYS A 778 21.93 10.22 -5.55
CA LYS A 778 23.32 10.57 -5.27
C LYS A 778 23.49 12.09 -5.17
N ALA A 779 22.75 12.86 -5.97
CA ALA A 779 22.76 14.31 -5.79
C ALA A 779 22.29 14.69 -4.40
N GLY A 780 21.19 14.09 -3.94
CA GLY A 780 20.71 14.38 -2.60
C GLY A 780 21.72 14.03 -1.52
N GLU A 781 22.41 12.90 -1.68
CA GLU A 781 23.38 12.50 -0.67
C GLU A 781 24.59 13.43 -0.65
N ILE A 782 25.08 13.83 -1.82
CA ILE A 782 26.19 14.78 -1.84
C ILE A 782 25.77 16.10 -1.22
N LEU A 783 24.54 16.55 -1.52
CA LEU A 783 24.06 17.81 -0.97
C LEU A 783 23.98 17.73 0.55
N THR A 784 23.42 16.66 1.09
CA THR A 784 23.31 16.57 2.55
C THR A 784 24.67 16.39 3.21
N LYS A 785 25.60 15.67 2.58
CA LYS A 785 26.93 15.54 3.19
C LYS A 785 27.63 16.90 3.25
N ARG A 786 27.69 17.60 2.12
CA ARG A 786 28.40 18.88 2.13
C ARG A 786 27.70 19.89 3.02
N LEU A 787 26.37 19.92 3.01
CA LEU A 787 25.65 20.88 3.83
C LEU A 787 25.82 20.59 5.31
N ARG A 788 25.73 19.32 5.70
CA ARG A 788 25.91 18.95 7.10
C ARG A 788 27.33 19.24 7.58
N TYR A 789 28.32 18.92 6.74
CA TYR A 789 29.70 19.28 7.05
C TYR A 789 29.85 20.77 7.29
N MET A 790 29.34 21.58 6.36
CA MET A 790 29.57 23.02 6.45
C MET A 790 28.81 23.64 7.62
N VAL A 791 27.61 23.13 7.91
CA VAL A 791 26.87 23.65 9.05
C VAL A 791 27.56 23.28 10.35
N PHE A 792 28.13 22.08 10.43
CA PHE A 792 28.86 21.74 11.66
C PHE A 792 30.09 22.62 11.81
N LYS A 793 30.76 22.93 10.69
CA LYS A 793 31.90 23.84 10.75
C LYS A 793 31.49 25.21 11.26
N SER A 794 30.43 25.78 10.68
CA SER A 794 30.00 27.12 11.09
C SER A 794 29.47 27.14 12.51
N MET A 795 28.91 26.03 12.99
CA MET A 795 28.53 25.96 14.40
C MET A 795 29.75 25.97 15.29
N LEU A 796 30.80 25.24 14.91
CA LEU A 796 32.03 25.27 15.70
C LEU A 796 32.67 26.66 15.68
N ARG A 797 32.45 27.43 14.62
CA ARG A 797 33.09 28.74 14.55
C ARG A 797 32.41 29.76 15.45
N GLN A 798 31.11 29.61 15.70
CA GLN A 798 30.35 30.63 16.40
C GLN A 798 30.69 30.63 17.90
N ASP A 799 30.64 31.82 18.50
CA ASP A 799 31.20 32.03 19.83
C ASP A 799 30.32 31.40 20.91
N VAL A 800 30.58 31.77 22.17
CA VAL A 800 29.95 31.12 23.30
C VAL A 800 28.60 31.75 23.65
N SER A 801 28.43 33.04 23.37
CA SER A 801 27.16 33.71 23.70
C SER A 801 25.98 33.04 23.01
N TRP A 802 26.21 32.38 21.87
CA TRP A 802 25.12 31.75 21.15
C TRP A 802 24.64 30.47 21.84
N PHE A 803 25.39 29.96 22.80
CA PHE A 803 25.06 28.70 23.47
C PHE A 803 24.34 28.93 24.80
N ASP A 804 23.76 30.10 25.00
CA ASP A 804 22.96 30.37 26.20
C ASP A 804 21.50 30.66 25.89
N ASP A 805 21.15 30.93 24.64
CA ASP A 805 19.76 31.06 24.23
C ASP A 805 19.05 29.72 24.47
N PRO A 806 18.03 29.68 25.32
CA PRO A 806 17.42 28.38 25.67
C PRO A 806 16.83 27.64 24.49
N LYS A 807 16.58 28.30 23.36
CA LYS A 807 16.21 27.58 22.16
C LYS A 807 17.42 26.96 21.46
N ASN A 808 18.62 27.24 21.94
CA ASN A 808 19.86 26.64 21.43
C ASN A 808 20.48 25.81 22.55
N THR A 809 20.02 24.58 22.68
CA THR A 809 20.58 23.61 23.60
C THR A 809 21.18 22.44 22.81
N THR A 810 21.72 21.47 23.54
CA THR A 810 22.39 20.34 22.89
C THR A 810 21.41 19.54 22.03
N GLY A 811 20.35 19.04 22.64
CA GLY A 811 19.32 18.35 21.88
C GLY A 811 18.75 19.23 20.79
N ALA A 812 18.55 20.51 21.08
CA ALA A 812 18.02 21.44 20.07
C ALA A 812 18.93 21.49 18.85
N LEU A 813 20.24 21.53 19.04
CA LEU A 813 21.16 21.69 17.92
C LEU A 813 21.43 20.39 17.18
N THR A 814 21.55 19.26 17.89
CA THR A 814 21.67 17.99 17.16
C THR A 814 20.39 17.70 16.38
N THR A 815 19.23 17.99 16.99
CA THR A 815 17.97 17.90 16.26
C THR A 815 17.98 18.83 15.07
N ARG A 816 18.47 20.06 15.24
CA ARG A 816 18.46 21.03 14.15
C ARG A 816 19.29 20.54 12.98
N LEU A 817 20.55 20.17 13.21
CA LEU A 817 21.37 19.75 12.08
C LEU A 817 20.83 18.46 11.46
N ALA A 818 20.57 17.42 12.27
CA ALA A 818 20.09 16.16 11.71
C ALA A 818 18.78 16.35 10.95
N ASN A 819 17.73 16.80 11.64
CA ASN A 819 16.40 16.91 11.05
C ASN A 819 16.38 17.91 9.90
N ASP A 820 17.04 19.06 10.05
CA ASP A 820 16.96 20.10 9.03
C ASP A 820 17.77 19.74 7.80
N ALA A 821 18.91 19.08 7.94
CA ALA A 821 19.57 18.55 6.76
C ALA A 821 18.71 17.51 6.08
N ALA A 822 18.10 16.62 6.88
CA ALA A 822 17.21 15.60 6.33
C ALA A 822 16.00 16.20 5.61
N GLN A 823 15.58 17.41 6.00
CA GLN A 823 14.45 18.03 5.31
C GLN A 823 14.88 18.87 4.10
N VAL A 824 16.01 19.57 4.20
CA VAL A 824 16.46 20.39 3.08
C VAL A 824 16.99 19.52 1.94
N LYS A 825 17.34 18.26 2.21
CA LYS A 825 17.71 17.41 1.08
C LYS A 825 16.55 17.22 0.10
N GLY A 826 15.31 17.30 0.57
CA GLY A 826 14.16 17.01 -0.26
C GLY A 826 13.64 18.16 -1.11
N ALA A 827 13.66 19.39 -0.57
CA ALA A 827 13.14 20.55 -1.29
C ALA A 827 13.92 20.85 -2.57
N THR A 828 15.09 20.24 -2.75
CA THR A 828 15.81 20.29 -4.00
C THR A 828 16.05 18.90 -4.60
N GLY A 829 15.98 17.85 -3.79
CA GLY A 829 16.20 16.51 -4.29
C GLY A 829 15.13 15.95 -5.21
N SER A 830 13.92 15.76 -4.68
CA SER A 830 12.91 14.96 -5.36
C SER A 830 11.70 15.76 -5.84
N ARG A 831 11.75 17.09 -5.78
CA ARG A 831 10.58 17.86 -6.20
C ARG A 831 10.53 18.05 -7.70
N LEU A 832 11.69 18.33 -8.32
CA LEU A 832 11.72 18.57 -9.75
C LEU A 832 11.25 17.35 -10.52
N ALA A 833 11.71 16.17 -10.12
CA ALA A 833 11.31 14.95 -10.82
C ALA A 833 9.81 14.75 -10.81
N VAL A 834 9.18 14.91 -9.63
CA VAL A 834 7.74 14.65 -9.57
C VAL A 834 6.94 15.74 -10.25
N ILE A 835 7.36 17.00 -10.19
CA ILE A 835 6.56 18.04 -10.84
C ILE A 835 6.67 17.93 -12.35
N PHE A 836 7.88 17.66 -12.87
CA PHE A 836 7.98 17.47 -14.31
C PHE A 836 7.28 16.18 -14.75
N GLN A 837 7.34 15.13 -13.94
CA GLN A 837 6.65 13.91 -14.32
C GLN A 837 5.14 14.14 -14.38
N ASN A 838 4.58 14.88 -13.42
CA ASN A 838 3.13 15.05 -13.46
C ASN A 838 2.71 15.99 -14.58
N ILE A 839 3.48 17.06 -14.84
CA ILE A 839 3.07 17.95 -15.92
C ILE A 839 3.20 17.23 -17.26
N ALA A 840 4.28 16.47 -17.47
CA ALA A 840 4.40 15.71 -18.72
C ALA A 840 3.27 14.71 -18.85
N ASN A 841 2.97 13.96 -17.79
CA ASN A 841 1.91 12.97 -17.82
C ASN A 841 0.57 13.60 -18.20
N LEU A 842 0.10 14.55 -17.39
CA LEU A 842 -1.25 15.05 -17.60
C LEU A 842 -1.35 15.93 -18.84
N GLY A 843 -0.25 16.59 -19.24
CA GLY A 843 -0.29 17.36 -20.46
C GLY A 843 -0.35 16.47 -21.69
N THR A 844 0.45 15.40 -21.71
CA THR A 844 0.33 14.42 -22.77
C THR A 844 -1.07 13.85 -22.82
N GLY A 845 -1.68 13.60 -21.65
CA GLY A 845 -3.05 13.12 -21.63
C GLY A 845 -4.02 14.10 -22.24
N ILE A 846 -3.91 15.38 -21.87
CA ILE A 846 -4.80 16.41 -22.40
C ILE A 846 -4.68 16.50 -23.92
N ILE A 847 -3.45 16.50 -24.43
CA ILE A 847 -3.27 16.68 -25.88
C ILE A 847 -3.75 15.44 -26.63
N ILE A 848 -3.40 14.25 -26.14
CA ILE A 848 -3.81 13.02 -26.80
C ILE A 848 -5.32 12.82 -26.67
N SER A 849 -5.97 13.54 -25.74
CA SER A 849 -7.42 13.57 -25.71
C SER A 849 -7.98 14.52 -26.76
N PHE A 850 -7.55 15.78 -26.72
CA PHE A 850 -8.03 16.80 -27.65
C PHE A 850 -7.76 16.46 -29.11
N ILE A 851 -6.86 15.53 -29.40
CA ILE A 851 -6.72 15.11 -30.79
C ILE A 851 -7.86 14.20 -31.21
N TYR A 852 -8.10 13.11 -30.47
CA TYR A 852 -9.14 12.16 -30.86
C TYR A 852 -10.53 12.64 -30.49
N GLY A 853 -10.86 12.62 -29.20
CA GLY A 853 -12.17 13.04 -28.76
C GLY A 853 -12.27 14.54 -28.57
N TRP A 854 -13.47 15.08 -28.83
CA TRP A 854 -13.71 16.51 -28.73
C TRP A 854 -14.65 16.87 -27.60
N GLN A 855 -15.76 16.13 -27.44
CA GLN A 855 -16.79 16.52 -26.49
C GLN A 855 -16.44 16.13 -25.07
N LEU A 856 -16.15 14.85 -24.84
CA LEU A 856 -16.10 14.30 -23.49
C LEU A 856 -15.04 14.97 -22.63
N THR A 857 -13.96 15.45 -23.23
CA THR A 857 -12.90 16.04 -22.43
C THR A 857 -13.37 17.30 -21.73
N LEU A 858 -14.27 18.06 -22.38
CA LEU A 858 -14.83 19.24 -21.73
C LEU A 858 -15.64 18.86 -20.49
N LEU A 859 -16.25 17.67 -20.49
CA LEU A 859 -16.94 17.19 -19.31
C LEU A 859 -15.95 16.73 -18.25
N LEU A 860 -14.91 15.99 -18.65
CA LEU A 860 -13.99 15.43 -17.67
C LEU A 860 -13.07 16.48 -17.05
N LEU A 861 -12.91 17.65 -17.69
CA LEU A 861 -12.08 18.67 -17.06
C LEU A 861 -12.74 19.27 -15.82
N ALA A 862 -14.05 19.12 -15.66
CA ALA A 862 -14.72 19.44 -14.41
C ALA A 862 -14.73 18.26 -13.46
N ILE A 863 -14.11 17.15 -13.86
CA ILE A 863 -14.08 15.94 -13.04
C ILE A 863 -12.71 15.71 -12.39
N VAL A 864 -11.64 16.20 -13.00
CA VAL A 864 -10.28 15.92 -12.55
C VAL A 864 -9.95 16.52 -11.17
N PRO A 865 -10.51 17.67 -10.73
CA PRO A 865 -10.06 18.19 -9.43
C PRO A 865 -10.46 17.32 -8.25
N ILE A 866 -11.69 16.82 -8.24
CA ILE A 866 -12.16 16.07 -7.07
C ILE A 866 -11.45 14.73 -6.95
N ILE A 867 -11.16 14.08 -8.07
CA ILE A 867 -10.41 12.83 -8.00
C ILE A 867 -8.93 13.10 -7.72
N ALA A 868 -8.42 14.26 -8.16
CA ALA A 868 -7.08 14.66 -7.73
C ALA A 868 -7.03 14.83 -6.22
N ILE A 869 -8.09 15.36 -5.62
CA ILE A 869 -8.19 15.41 -4.17
C ILE A 869 -8.27 14.01 -3.58
N ALA A 870 -9.02 13.13 -4.25
CA ALA A 870 -9.15 11.75 -3.78
C ALA A 870 -7.80 11.06 -3.67
N GLY A 871 -6.92 11.28 -4.64
CA GLY A 871 -5.60 10.69 -4.57
C GLY A 871 -4.83 11.08 -3.33
N VAL A 872 -4.72 12.39 -3.08
CA VAL A 872 -3.88 12.84 -1.97
C VAL A 872 -4.53 12.54 -0.63
N VAL A 873 -5.87 12.55 -0.55
CA VAL A 873 -6.52 12.24 0.72
C VAL A 873 -6.44 10.73 1.01
N GLU A 874 -6.57 9.91 -0.02
CA GLU A 874 -6.39 8.47 0.15
C GLU A 874 -4.96 8.17 0.60
N MET A 875 -3.98 8.91 0.07
CA MET A 875 -2.62 8.70 0.54
C MET A 875 -2.39 9.26 1.94
N LYS A 876 -3.09 10.32 2.33
CA LYS A 876 -3.07 10.75 3.73
C LYS A 876 -3.56 9.63 4.65
N MET A 877 -4.68 9.01 4.30
CA MET A 877 -5.25 7.98 5.16
C MET A 877 -4.47 6.67 5.09
N LEU A 878 -3.75 6.43 3.99
CA LEU A 878 -2.93 5.22 3.90
C LEU A 878 -1.59 5.39 4.58
N SER A 879 -1.05 6.61 4.60
CA SER A 879 0.21 6.87 5.28
C SER A 879 0.03 7.37 6.71
N GLY A 880 -1.12 7.94 7.04
CA GLY A 880 -1.37 8.44 8.38
C GLY A 880 -0.58 9.67 8.74
N GLN A 881 -0.17 10.46 7.75
CA GLN A 881 0.65 11.64 8.03
C GLN A 881 -0.19 12.81 8.54
N ALA A 882 -1.46 12.90 8.13
CA ALA A 882 -2.31 14.00 8.57
C ALA A 882 -2.72 13.86 10.03
N LEU A 883 -2.55 12.67 10.62
CA LEU A 883 -2.92 12.47 12.02
C LEU A 883 -1.91 13.14 12.96
N LYS A 884 -0.65 13.24 12.54
CA LYS A 884 0.41 13.74 13.42
C LYS A 884 0.49 15.26 13.28
N ASP A 885 -0.26 15.97 14.13
CA ASP A 885 -0.15 17.41 14.26
C ASP A 885 0.53 17.80 15.57
N LYS A 886 0.02 17.32 16.69
CA LYS A 886 0.71 17.34 17.98
C LYS A 886 1.11 18.77 18.38
N LYS A 887 0.09 19.57 18.68
CA LYS A 887 0.31 20.93 19.17
C LYS A 887 -0.16 21.10 20.61
N GLU A 888 -1.43 20.82 20.90
CA GLU A 888 -1.90 20.90 22.27
C GLU A 888 -1.30 19.79 23.12
N LEU A 889 -0.98 18.65 22.50
CA LEU A 889 -0.26 17.60 23.22
C LEU A 889 1.08 18.10 23.73
N GLU A 890 1.83 18.81 22.86
CA GLU A 890 3.10 19.36 23.29
C GLU A 890 2.92 20.55 24.22
N GLY A 891 1.77 21.24 24.14
CA GLY A 891 1.46 22.25 25.14
C GLY A 891 1.08 21.68 26.49
N SER A 892 0.73 20.40 26.55
CA SER A 892 0.42 19.73 27.80
C SER A 892 1.58 18.95 28.38
N GLY A 893 2.45 18.38 27.54
CA GLY A 893 3.56 17.57 28.02
C GLY A 893 4.60 18.32 28.81
N LYS A 894 4.53 19.66 28.82
CA LYS A 894 5.45 20.44 29.63
C LYS A 894 5.30 20.10 31.11
N ILE A 895 4.05 19.98 31.58
CA ILE A 895 3.83 19.60 32.97
C ILE A 895 4.25 18.16 33.23
N ALA A 896 4.19 17.29 32.22
CA ALA A 896 4.64 15.91 32.40
C ALA A 896 6.14 15.84 32.60
N THR A 897 6.91 16.41 31.67
CA THR A 897 8.37 16.46 31.85
C THR A 897 8.71 17.16 33.15
N GLU A 898 8.04 18.28 33.41
CA GLU A 898 8.33 19.13 34.55
C GLU A 898 7.97 18.47 35.87
N ALA A 899 7.10 17.47 35.86
CA ALA A 899 6.80 16.72 37.06
C ALA A 899 7.65 15.47 37.19
N ILE A 900 8.14 14.91 36.07
CA ILE A 900 8.88 13.66 36.16
C ILE A 900 10.37 13.89 36.43
N GLU A 901 10.98 14.93 35.87
CA GLU A 901 12.40 15.10 36.12
C GLU A 901 12.70 15.78 37.44
N ASN A 902 11.69 16.33 38.11
CA ASN A 902 11.86 16.90 39.44
C ASN A 902 11.12 16.04 40.45
N PHE A 903 11.50 14.75 40.53
CA PHE A 903 10.64 13.79 41.18
C PHE A 903 10.83 13.75 42.69
N ARG A 904 12.08 13.76 43.16
CA ARG A 904 12.32 13.56 44.58
C ARG A 904 11.60 14.59 45.44
N THR A 905 11.58 15.85 45.01
CA THR A 905 10.91 16.86 45.80
C THR A 905 9.39 16.72 45.75
N VAL A 906 8.83 16.41 44.58
CA VAL A 906 7.37 16.30 44.52
C VAL A 906 6.89 15.07 45.29
N VAL A 907 7.69 14.00 45.32
CA VAL A 907 7.29 12.83 46.10
C VAL A 907 7.58 13.04 47.58
N SER A 908 8.49 13.93 47.93
CA SER A 908 8.70 14.26 49.33
C SER A 908 7.78 15.38 49.80
N LEU A 909 7.01 15.99 48.91
CA LEU A 909 5.99 16.96 49.26
C LEU A 909 4.58 16.41 49.13
N THR A 910 4.44 15.15 48.73
CA THR A 910 3.14 14.48 48.61
C THR A 910 2.20 15.29 47.70
N ARG A 911 2.59 15.34 46.42
CA ARG A 911 1.75 15.93 45.37
C ARG A 911 1.64 14.94 44.22
N GLU A 912 0.55 14.24 44.21
CA GLU A 912 0.20 13.30 43.16
C GLU A 912 -1.21 13.56 42.66
N GLN A 913 -2.13 13.98 43.53
CA GLN A 913 -3.46 14.34 43.08
C GLN A 913 -3.45 15.68 42.36
N LYS A 914 -2.55 16.59 42.74
CA LYS A 914 -2.48 17.87 42.05
C LYS A 914 -1.97 17.69 40.62
N PHE A 915 -0.92 16.90 40.44
CA PHE A 915 -0.37 16.72 39.10
C PHE A 915 -1.27 15.89 38.22
N GLU A 916 -1.97 14.89 38.76
CA GLU A 916 -2.93 14.16 37.94
C GLU A 916 -4.15 15.02 37.61
N THR A 917 -4.61 15.83 38.57
CA THR A 917 -5.74 16.71 38.32
C THR A 917 -5.39 17.76 37.27
N MET A 918 -4.18 18.31 37.31
CA MET A 918 -3.75 19.25 36.29
C MET A 918 -3.43 18.53 34.97
N TYR A 919 -3.10 17.25 35.01
CA TYR A 919 -2.85 16.47 33.81
C TYR A 919 -4.14 16.00 33.16
N ALA A 920 -5.28 16.16 33.84
CA ALA A 920 -6.56 15.80 33.23
C ALA A 920 -7.01 16.80 32.17
N GLN A 921 -6.87 18.11 32.45
CA GLN A 921 -7.55 19.12 31.63
C GLN A 921 -6.87 19.31 30.28
N SER A 922 -5.57 19.59 30.31
CA SER A 922 -4.79 19.84 29.09
C SER A 922 -4.67 18.55 28.29
N LEU A 923 -5.24 17.47 28.80
CA LEU A 923 -5.40 16.26 28.03
C LEU A 923 -6.82 16.07 27.53
N GLN A 924 -7.82 16.58 28.25
CA GLN A 924 -9.20 16.43 27.82
C GLN A 924 -9.56 17.40 26.70
N ILE A 925 -8.81 18.46 26.49
CA ILE A 925 -9.10 19.31 25.33
C ILE A 925 -8.78 18.55 24.04
N PRO A 926 -7.59 17.97 23.87
CA PRO A 926 -7.35 17.14 22.67
C PRO A 926 -8.29 15.96 22.57
N TYR A 927 -8.95 15.56 23.65
CA TYR A 927 -9.97 14.52 23.57
C TYR A 927 -11.11 14.94 22.64
N ARG A 928 -11.76 16.06 22.97
CA ARG A 928 -12.83 16.58 22.12
C ARG A 928 -12.31 16.95 20.74
N ASN A 929 -11.09 17.48 20.67
CA ASN A 929 -10.53 17.80 19.35
C ASN A 929 -10.38 16.55 18.50
N ALA A 930 -9.93 15.44 19.11
CA ALA A 930 -9.82 14.19 18.37
C ALA A 930 -11.18 13.67 17.95
N MET A 931 -12.21 13.90 18.76
CA MET A 931 -13.57 13.52 18.36
C MET A 931 -13.99 14.24 17.09
N LYS A 932 -13.89 15.57 17.10
CA LYS A 932 -14.27 16.37 15.94
C LYS A 932 -13.45 15.97 14.71
N LYS A 933 -12.14 15.76 14.90
CA LYS A 933 -11.28 15.37 13.79
C LYS A 933 -11.69 14.01 13.24
N ALA A 934 -12.05 13.07 14.12
CA ALA A 934 -12.49 11.76 13.66
C ALA A 934 -13.70 11.88 12.76
N HIS A 935 -14.73 12.61 13.21
CA HIS A 935 -15.94 12.72 12.40
C HIS A 935 -15.67 13.41 11.06
N VAL A 936 -14.95 14.53 11.09
CA VAL A 936 -14.73 15.26 9.83
C VAL A 936 -13.88 14.44 8.87
N PHE A 937 -12.89 13.71 9.38
CA PHE A 937 -12.04 12.90 8.50
C PHE A 937 -12.85 11.77 7.88
N GLY A 938 -13.67 11.10 8.68
CA GLY A 938 -14.52 10.05 8.12
C GLY A 938 -15.41 10.57 7.01
N ILE A 939 -16.10 11.69 7.26
CA ILE A 939 -17.03 12.17 6.25
C ILE A 939 -16.29 12.62 4.99
N THR A 940 -15.08 13.18 5.14
CA THR A 940 -14.31 13.61 3.97
C THR A 940 -13.89 12.42 3.11
N PHE A 941 -13.30 11.40 3.73
CA PHE A 941 -12.86 10.23 2.98
C PHE A 941 -14.04 9.56 2.28
N SER A 942 -15.14 9.39 2.99
CA SER A 942 -16.30 8.75 2.39
C SER A 942 -16.85 9.59 1.22
N PHE A 943 -16.86 10.92 1.39
CA PHE A 943 -17.38 11.78 0.33
C PHE A 943 -16.53 11.67 -0.92
N THR A 944 -15.21 11.63 -0.79
CA THR A 944 -14.38 11.59 -1.99
C THR A 944 -14.50 10.23 -2.68
N GLN A 945 -14.61 9.14 -1.91
CA GLN A 945 -14.86 7.84 -2.54
C GLN A 945 -16.18 7.85 -3.32
N ALA A 946 -17.23 8.40 -2.70
CA ALA A 946 -18.53 8.43 -3.35
C ALA A 946 -18.49 9.26 -4.62
N MET A 947 -17.77 10.38 -4.61
CA MET A 947 -17.72 11.23 -5.80
C MET A 947 -16.97 10.55 -6.93
N MET A 948 -15.88 9.85 -6.61
CA MET A 948 -15.25 8.95 -7.57
C MET A 948 -16.27 8.03 -8.23
N TYR A 949 -16.95 7.21 -7.42
CA TYR A 949 -17.84 6.21 -7.99
C TYR A 949 -19.03 6.82 -8.72
N PHE A 950 -19.40 8.06 -8.40
CA PHE A 950 -20.49 8.73 -9.11
C PHE A 950 -20.06 9.21 -10.48
N SER A 951 -18.96 9.98 -10.53
CA SER A 951 -18.53 10.49 -11.82
C SER A 951 -18.11 9.39 -12.77
N TYR A 952 -17.73 8.22 -12.25
CA TYR A 952 -17.54 7.05 -13.09
C TYR A 952 -18.76 6.83 -13.98
N ALA A 953 -19.93 6.69 -13.35
CA ALA A 953 -21.17 6.42 -14.08
C ALA A 953 -21.56 7.58 -14.97
N ALA A 954 -21.42 8.82 -14.46
CA ALA A 954 -21.79 9.96 -15.28
C ALA A 954 -20.98 10.01 -16.56
N ALA A 955 -19.66 9.79 -16.45
CA ALA A 955 -18.81 9.80 -17.63
C ALA A 955 -19.21 8.71 -18.60
N PHE A 956 -19.47 7.50 -18.11
CA PHE A 956 -19.82 6.45 -19.06
C PHE A 956 -21.19 6.66 -19.70
N ARG A 957 -22.14 7.30 -19.02
CA ARG A 957 -23.43 7.53 -19.67
C ARG A 957 -23.30 8.61 -20.75
N PHE A 958 -22.58 9.69 -20.45
CA PHE A 958 -22.41 10.71 -21.49
C PHE A 958 -21.60 10.15 -22.65
N GLY A 959 -20.64 9.26 -22.37
CA GLY A 959 -19.94 8.59 -23.45
C GLY A 959 -20.84 7.65 -24.23
N ALA A 960 -21.87 7.10 -23.58
CA ALA A 960 -22.84 6.30 -24.31
C ALA A 960 -23.69 7.16 -25.24
N TYR A 961 -24.03 8.37 -24.82
CA TYR A 961 -24.73 9.26 -25.73
C TYR A 961 -23.84 9.71 -26.88
N LEU A 962 -22.54 9.89 -26.63
CA LEU A 962 -21.64 10.30 -27.70
C LEU A 962 -21.55 9.24 -28.79
N VAL A 963 -21.41 7.96 -28.40
CA VAL A 963 -21.36 6.89 -29.39
C VAL A 963 -22.73 6.60 -29.99
N ALA A 964 -23.78 7.24 -29.49
CA ALA A 964 -25.12 6.94 -29.96
C ALA A 964 -25.41 7.53 -31.34
N HIS A 965 -24.92 8.74 -31.61
CA HIS A 965 -25.19 9.42 -32.86
C HIS A 965 -24.04 9.29 -33.86
N LYS A 966 -23.26 8.21 -33.78
CA LYS A 966 -22.34 7.78 -34.83
C LYS A 966 -21.28 8.85 -35.13
N LEU A 967 -20.78 9.51 -34.09
CA LEU A 967 -19.79 10.55 -34.28
C LEU A 967 -18.55 10.37 -33.40
N MET A 968 -18.39 9.21 -32.77
CA MET A 968 -17.25 8.93 -31.90
C MET A 968 -17.17 7.45 -31.59
N SER A 969 -16.02 6.83 -31.80
CA SER A 969 -15.87 5.41 -31.57
C SER A 969 -15.60 5.12 -30.10
N PHE A 970 -15.85 3.87 -29.71
CA PHE A 970 -15.66 3.46 -28.32
C PHE A 970 -14.18 3.52 -27.93
N GLU A 971 -13.29 3.29 -28.89
CA GLU A 971 -11.86 3.45 -28.62
C GLU A 971 -11.57 4.81 -28.03
N ASP A 972 -12.20 5.85 -28.58
CA ASP A 972 -11.86 7.21 -28.17
C ASP A 972 -12.41 7.54 -26.78
N VAL A 973 -13.64 7.13 -26.47
CA VAL A 973 -14.16 7.39 -25.13
C VAL A 973 -13.34 6.62 -24.09
N LEU A 974 -13.01 5.36 -24.38
CA LEU A 974 -12.17 4.62 -23.43
C LEU A 974 -10.78 5.26 -23.33
N LEU A 975 -10.27 5.79 -24.44
CA LEU A 975 -8.94 6.40 -24.43
C LEU A 975 -8.90 7.65 -23.58
N VAL A 976 -9.87 8.55 -23.77
CA VAL A 976 -9.84 9.80 -23.01
C VAL A 976 -10.20 9.56 -21.55
N PHE A 977 -11.11 8.61 -21.26
CA PHE A 977 -11.39 8.27 -19.87
C PHE A 977 -10.14 7.72 -19.20
N SER A 978 -9.47 6.77 -19.84
CA SER A 978 -8.23 6.24 -19.28
C SER A 978 -7.20 7.35 -19.09
N ALA A 979 -7.00 8.18 -20.11
CA ALA A 979 -6.01 9.24 -20.01
C ALA A 979 -6.27 10.14 -18.82
N ILE A 980 -7.47 10.75 -18.75
CA ILE A 980 -7.73 11.73 -17.70
C ILE A 980 -7.77 11.06 -16.32
N VAL A 981 -8.47 9.93 -16.20
CA VAL A 981 -8.66 9.32 -14.89
C VAL A 981 -7.36 8.73 -14.37
N PHE A 982 -6.66 7.93 -15.19
CA PHE A 982 -5.38 7.42 -14.74
C PHE A 982 -4.35 8.53 -14.58
N GLY A 983 -4.52 9.67 -15.27
CA GLY A 983 -3.66 10.80 -14.99
C GLY A 983 -3.90 11.37 -13.61
N ALA A 984 -5.16 11.48 -13.22
CA ALA A 984 -5.47 11.98 -11.87
C ALA A 984 -5.01 10.99 -10.80
N MET A 985 -5.21 9.70 -11.04
CA MET A 985 -4.70 8.71 -10.10
C MET A 985 -3.18 8.74 -10.03
N ALA A 986 -2.51 9.01 -11.15
CA ALA A 986 -1.07 9.10 -11.15
C ALA A 986 -0.58 10.33 -10.38
N VAL A 987 -1.26 11.46 -10.55
CA VAL A 987 -0.85 12.65 -9.81
C VAL A 987 -1.18 12.50 -8.33
N GLY A 988 -2.17 11.68 -7.99
CA GLY A 988 -2.41 11.38 -6.60
C GLY A 988 -1.36 10.48 -6.00
N GLN A 989 -0.95 9.46 -6.76
CA GLN A 989 0.04 8.51 -6.26
C GLN A 989 1.44 9.12 -6.19
N VAL A 990 1.75 10.04 -7.10
CA VAL A 990 3.08 10.64 -7.12
C VAL A 990 3.15 11.93 -6.30
N SER A 991 2.07 12.72 -6.29
CA SER A 991 2.09 14.03 -5.66
C SER A 991 2.24 13.98 -4.14
N SER A 992 2.23 12.79 -3.54
CA SER A 992 2.39 12.68 -2.10
C SER A 992 3.33 11.54 -1.74
N PHE A 993 4.31 11.27 -2.60
CA PHE A 993 5.40 10.38 -2.26
C PHE A 993 6.67 11.10 -1.86
N ALA A 994 6.92 12.28 -2.44
CA ALA A 994 8.01 13.14 -2.01
C ALA A 994 7.55 14.02 -0.85
N PRO A 995 8.48 14.48 0.00
CA PRO A 995 8.10 15.28 1.17
C PRO A 995 7.40 16.59 0.84
N ASP A 996 6.99 17.31 1.88
CA ASP A 996 6.15 18.50 1.73
C ASP A 996 6.94 19.73 1.30
N TYR A 997 6.46 20.91 1.70
CA TYR A 997 7.00 22.17 1.23
C TYR A 997 7.28 23.16 2.36
N ALA A 998 6.42 23.22 3.36
CA ALA A 998 6.53 24.24 4.41
C ALA A 998 7.77 24.03 5.27
N LYS A 999 7.81 22.93 6.02
CA LYS A 999 8.95 22.65 6.88
C LYS A 999 10.23 22.55 6.08
N ALA A 1000 10.17 22.13 4.81
CA ALA A 1000 11.37 22.09 3.98
C ALA A 1000 11.93 23.50 3.75
N THR A 1001 11.09 24.43 3.30
CA THR A 1001 11.60 25.76 2.99
C THR A 1001 11.96 26.52 4.26
N VAL A 1002 11.26 26.29 5.37
CA VAL A 1002 11.68 27.00 6.59
C VAL A 1002 12.93 26.34 7.18
N SER A 1003 13.14 25.04 6.96
CA SER A 1003 14.40 24.43 7.32
C SER A 1003 15.54 25.03 6.51
N ALA A 1004 15.29 25.27 5.22
CA ALA A 1004 16.28 25.98 4.42
C ALA A 1004 16.51 27.40 4.94
N SER A 1005 15.45 28.06 5.40
CA SER A 1005 15.63 29.36 6.03
C SER A 1005 16.57 29.27 7.22
N HIS A 1006 16.36 28.27 8.09
CA HIS A 1006 17.27 28.05 9.21
C HIS A 1006 18.70 27.84 8.74
N ILE A 1007 18.90 26.90 7.81
CA ILE A 1007 20.24 26.47 7.43
C ILE A 1007 20.99 27.64 6.79
N ILE A 1008 20.36 28.36 5.86
CA ILE A 1008 21.05 29.50 5.27
C ILE A 1008 21.22 30.62 6.29
N ARG A 1009 20.28 30.78 7.23
CA ARG A 1009 20.42 31.85 8.22
C ARG A 1009 21.62 31.63 9.13
N ILE A 1010 21.92 30.37 9.48
CA ILE A 1010 23.07 30.12 10.34
C ILE A 1010 24.36 29.81 9.57
N ILE A 1011 24.27 29.46 8.29
CA ILE A 1011 25.50 29.34 7.50
C ILE A 1011 25.97 30.70 7.01
N GLU A 1012 25.06 31.68 6.92
CA GLU A 1012 25.44 33.05 6.63
C GLU A 1012 25.81 33.81 7.90
N LYS A 1013 25.38 33.33 9.06
CA LYS A 1013 25.70 33.96 10.34
C LYS A 1013 27.20 34.06 10.52
N THR A 1014 27.72 35.27 10.55
CA THR A 1014 29.16 35.43 10.72
C THR A 1014 29.49 35.65 12.18
N PRO A 1015 30.48 34.93 12.71
CA PRO A 1015 30.88 35.14 14.10
C PRO A 1015 31.51 36.51 14.26
N GLU A 1016 31.28 37.11 15.43
CA GLU A 1016 31.93 38.37 15.77
C GLU A 1016 33.42 38.17 15.97
N ILE A 1017 33.79 37.17 16.77
CA ILE A 1017 35.18 36.88 17.09
C ILE A 1017 35.57 35.60 16.34
N ASP A 1018 35.90 35.74 15.06
CA ASP A 1018 36.18 34.59 14.22
C ASP A 1018 37.38 33.81 14.74
N SER A 1019 37.12 32.59 15.23
CA SER A 1019 38.20 31.71 15.67
C SER A 1019 38.91 31.09 14.47
N TYR A 1020 38.14 30.51 13.55
CA TYR A 1020 38.63 30.03 12.26
C TYR A 1020 39.51 31.03 11.51
N SER A 1021 39.52 32.28 11.94
CA SER A 1021 40.43 33.25 11.37
C SER A 1021 41.88 32.80 11.57
N THR A 1022 42.76 33.38 10.77
CA THR A 1022 44.18 33.09 10.85
C THR A 1022 45.04 34.30 11.15
N GLN A 1023 44.47 35.51 11.13
CA GLN A 1023 45.24 36.70 11.41
C GLN A 1023 45.36 36.93 12.92
N GLY A 1024 46.24 37.84 13.28
CA GLY A 1024 46.57 38.10 14.67
C GLY A 1024 48.08 38.23 14.81
N LEU A 1025 48.51 38.83 15.91
CA LEU A 1025 49.93 39.09 16.11
C LEU A 1025 50.72 37.80 16.24
N LYS A 1026 50.35 36.98 17.22
CA LYS A 1026 51.00 35.69 17.47
C LYS A 1026 52.49 35.89 17.69
N PRO A 1027 52.90 36.54 18.77
CA PRO A 1027 54.31 36.89 18.96
C PRO A 1027 55.11 35.69 19.45
N ASN A 1028 56.41 35.92 19.64
CA ASN A 1028 57.33 34.93 20.18
C ASN A 1028 57.66 35.19 21.64
N MET A 1029 56.73 35.81 22.37
CA MET A 1029 56.97 36.25 23.74
C MET A 1029 56.30 35.28 24.70
N LEU A 1030 57.11 34.57 25.49
CA LEU A 1030 56.63 33.49 26.34
C LEU A 1030 56.51 33.90 27.81
N GLU A 1031 56.33 35.20 28.08
CA GLU A 1031 56.25 35.67 29.45
C GLU A 1031 54.97 35.21 30.14
N GLY A 1032 53.94 36.04 30.14
CA GLY A 1032 52.69 35.69 30.77
C GLY A 1032 52.15 36.74 31.70
N ASN A 1033 52.30 38.01 31.33
CA ASN A 1033 51.79 39.11 32.13
C ASN A 1033 50.31 39.35 31.79
N VAL A 1034 49.43 39.19 32.78
CA VAL A 1034 48.00 39.35 32.57
C VAL A 1034 47.55 40.66 33.20
N GLN A 1035 46.59 41.33 32.54
CA GLN A 1035 46.12 42.62 33.04
C GLN A 1035 44.72 42.89 32.51
N PHE A 1036 43.73 42.88 33.40
CA PHE A 1036 42.43 43.49 33.12
C PHE A 1036 42.45 44.94 33.57
N SER A 1037 41.90 45.82 32.74
CA SER A 1037 41.86 47.25 33.02
C SER A 1037 40.41 47.73 32.86
N GLY A 1038 39.68 47.76 33.97
CA GLY A 1038 38.33 48.30 34.00
C GLY A 1038 37.38 47.72 32.98
N VAL A 1039 37.26 46.39 32.96
CA VAL A 1039 36.40 45.75 31.97
C VAL A 1039 34.94 45.97 32.35
N VAL A 1040 34.11 46.18 31.34
CA VAL A 1040 32.67 46.36 31.52
C VAL A 1040 31.98 45.34 30.63
N PHE A 1041 31.17 44.47 31.23
CA PHE A 1041 30.60 43.35 30.49
C PHE A 1041 29.20 43.04 30.99
N ASN A 1042 28.33 42.67 30.05
CA ASN A 1042 27.03 42.11 30.34
C ASN A 1042 26.84 40.87 29.47
N TYR A 1043 26.30 39.81 30.05
CA TYR A 1043 25.97 38.65 29.24
C TYR A 1043 24.91 39.02 28.21
N PRO A 1044 25.19 38.90 26.90
CA PRO A 1044 24.21 39.32 25.89
C PRO A 1044 22.93 38.50 25.91
N THR A 1045 22.90 37.38 26.63
CA THR A 1045 21.65 36.67 26.82
C THR A 1045 20.70 37.44 27.72
N ARG A 1046 21.24 38.13 28.72
CA ARG A 1046 20.44 38.98 29.63
C ARG A 1046 21.14 40.32 29.76
N PRO A 1047 21.03 41.18 28.75
CA PRO A 1047 21.77 42.45 28.78
C PRO A 1047 21.26 43.43 29.84
N SER A 1048 20.18 43.10 30.54
CA SER A 1048 19.66 44.01 31.56
C SER A 1048 20.46 43.95 32.85
N ILE A 1049 20.99 42.78 33.20
CA ILE A 1049 21.72 42.59 34.45
C ILE A 1049 23.20 42.89 34.21
N PRO A 1050 23.84 43.69 35.07
CA PRO A 1050 25.30 43.83 35.00
C PRO A 1050 26.01 42.73 35.77
N VAL A 1051 27.24 42.43 35.32
CA VAL A 1051 28.05 41.41 35.97
C VAL A 1051 29.44 41.96 36.30
N LEU A 1052 30.03 42.72 35.38
CA LEU A 1052 31.34 43.33 35.61
C LEU A 1052 31.29 44.78 35.19
N GLN A 1053 31.83 45.65 36.04
CA GLN A 1053 31.82 47.09 35.80
C GLN A 1053 33.02 47.69 36.54
N GLY A 1054 34.02 48.14 35.77
CA GLY A 1054 35.21 48.70 36.36
C GLY A 1054 36.14 47.70 37.02
N LEU A 1055 36.16 46.46 36.55
CA LEU A 1055 37.00 45.43 37.14
C LEU A 1055 38.43 45.56 36.61
N SER A 1056 39.38 45.82 37.49
CA SER A 1056 40.78 45.96 37.14
C SER A 1056 41.63 45.09 38.06
N LEU A 1057 42.64 44.42 37.48
CA LEU A 1057 43.48 43.50 38.23
C LEU A 1057 44.62 43.02 37.35
N GLU A 1058 45.81 42.88 37.95
CA GLU A 1058 46.98 42.38 37.24
C GLU A 1058 47.44 41.06 37.83
N VAL A 1059 48.10 40.26 36.99
CA VAL A 1059 48.67 38.99 37.39
C VAL A 1059 50.08 38.95 36.82
N LYS A 1060 51.08 38.90 37.69
CA LYS A 1060 52.46 38.82 37.27
C LYS A 1060 52.82 37.38 36.92
N LYS A 1061 53.98 37.20 36.30
CA LYS A 1061 54.36 35.89 35.79
C LYS A 1061 54.65 34.93 36.95
N GLY A 1062 54.01 33.76 36.90
CA GLY A 1062 54.29 32.67 37.82
C GLY A 1062 53.47 32.66 39.08
N GLN A 1063 53.06 33.83 39.58
CA GLN A 1063 52.35 33.89 40.84
C GLN A 1063 50.91 33.43 40.68
N THR A 1064 50.14 33.52 41.76
CA THR A 1064 48.75 33.07 41.80
C THR A 1064 47.85 34.24 42.19
N LEU A 1065 46.82 34.47 41.38
CA LEU A 1065 45.76 35.43 41.71
C LEU A 1065 44.51 34.66 42.11
N ALA A 1066 43.88 35.11 43.18
CA ALA A 1066 42.66 34.49 43.69
C ALA A 1066 41.49 35.45 43.56
N LEU A 1067 40.36 34.94 43.09
CA LEU A 1067 39.14 35.72 42.91
C LEU A 1067 38.06 35.15 43.81
N VAL A 1068 37.52 35.98 44.69
CA VAL A 1068 36.46 35.59 45.61
C VAL A 1068 35.41 36.69 45.67
N GLY A 1069 34.26 36.33 46.22
CA GLY A 1069 33.17 37.28 46.35
C GLY A 1069 31.86 36.54 46.60
N SER A 1070 30.78 37.32 46.53
CA SER A 1070 29.45 36.82 46.81
C SER A 1070 28.83 36.26 45.53
N SER A 1071 27.52 36.02 45.56
CA SER A 1071 26.80 35.55 44.38
C SER A 1071 26.60 36.70 43.41
N GLY A 1072 26.80 36.41 42.13
CA GLY A 1072 26.67 37.43 41.10
C GLY A 1072 27.78 38.45 41.11
N ALA A 1073 28.95 38.10 41.65
CA ALA A 1073 30.06 39.04 41.68
C ALA A 1073 30.77 39.14 40.33
N GLY A 1074 30.86 38.03 39.62
CA GLY A 1074 31.51 37.98 38.33
C GLY A 1074 32.87 37.32 38.30
N LYS A 1075 33.15 36.39 39.22
CA LYS A 1075 34.48 35.78 39.26
C LYS A 1075 34.69 34.81 38.10
N SER A 1076 33.68 34.00 37.79
CA SER A 1076 33.80 33.05 36.69
C SER A 1076 33.88 33.73 35.33
N THR A 1077 33.51 35.02 35.26
CA THR A 1077 33.58 35.73 33.99
C THR A 1077 35.03 35.97 33.58
N VAL A 1078 35.94 36.09 34.55
CA VAL A 1078 37.34 36.34 34.24
C VAL A 1078 37.91 35.20 33.40
N VAL A 1079 37.61 33.96 33.77
CA VAL A 1079 38.10 32.82 33.00
C VAL A 1079 37.54 32.86 31.59
N GLN A 1080 36.28 33.26 31.45
CA GLN A 1080 35.64 33.27 30.14
C GLN A 1080 36.05 34.48 29.30
N LEU A 1081 36.55 35.55 29.92
CA LEU A 1081 37.03 36.69 29.15
C LEU A 1081 38.47 36.50 28.70
N LEU A 1082 39.31 35.86 29.51
CA LEU A 1082 40.67 35.61 29.09
C LEU A 1082 40.71 34.52 28.00
N GLU A 1083 39.86 33.51 28.12
CA GLU A 1083 39.59 32.62 27.00
C GLU A 1083 38.99 33.35 25.82
N ARG A 1084 38.55 34.59 26.01
CA ARG A 1084 37.85 35.38 25.00
C ARG A 1084 36.62 34.62 24.48
N PHE A 1085 35.87 34.02 25.41
CA PHE A 1085 34.55 33.52 25.05
C PHE A 1085 33.61 34.68 24.74
N TYR A 1086 33.89 35.85 25.30
CA TYR A 1086 33.04 37.03 25.12
C TYR A 1086 33.95 38.24 24.96
N ASP A 1087 33.40 39.28 24.36
CA ASP A 1087 34.15 40.51 24.46
C ASP A 1087 33.52 41.44 25.49
N PRO A 1088 34.32 42.24 26.18
CA PRO A 1088 33.75 43.25 27.08
C PRO A 1088 33.22 44.44 26.31
N MET A 1089 32.18 45.07 26.87
CA MET A 1089 31.62 46.25 26.23
C MET A 1089 32.61 47.40 26.25
N ALA A 1090 33.17 47.69 27.43
CA ALA A 1090 34.21 48.69 27.59
C ALA A 1090 35.40 48.05 28.28
N GLY A 1091 36.48 48.82 28.42
CA GLY A 1091 37.69 48.32 29.02
C GLY A 1091 38.50 47.47 28.05
N SER A 1092 39.58 46.90 28.56
CA SER A 1092 40.49 46.13 27.73
C SER A 1092 41.13 45.02 28.54
N VAL A 1093 41.52 43.95 27.85
CA VAL A 1093 42.22 42.82 28.42
C VAL A 1093 43.55 42.68 27.71
N PHE A 1094 44.65 42.68 28.48
CA PHE A 1094 45.99 42.68 27.92
C PHE A 1094 46.72 41.40 28.29
N LEU A 1095 47.46 40.86 27.31
CA LEU A 1095 48.36 39.73 27.51
C LEU A 1095 49.75 40.15 27.07
N ASP A 1096 50.69 40.16 28.01
CA ASP A 1096 52.06 40.64 27.76
C ASP A 1096 52.04 42.06 27.19
N GLY A 1097 51.17 42.90 27.75
CA GLY A 1097 51.04 44.27 27.30
C GLY A 1097 50.38 44.44 25.95
N LYS A 1098 49.77 43.40 25.41
CA LYS A 1098 49.14 43.43 24.10
C LYS A 1098 47.66 43.11 24.24
N GLU A 1099 46.80 43.93 23.63
CA GLU A 1099 45.37 43.69 23.70
C GLU A 1099 45.02 42.38 23.00
N ILE A 1100 44.20 41.56 23.66
CA ILE A 1100 43.88 40.24 23.12
C ILE A 1100 43.03 40.35 21.87
N LYS A 1101 42.34 41.48 21.65
CA LYS A 1101 41.57 41.65 20.43
C LYS A 1101 42.46 41.77 19.21
N GLN A 1102 43.76 42.01 19.41
CA GLN A 1102 44.73 42.06 18.32
C GLN A 1102 45.42 40.73 18.10
N LEU A 1103 45.35 39.83 19.07
CA LEU A 1103 46.01 38.53 19.00
C LEU A 1103 45.16 37.52 18.23
N ASN A 1104 45.82 36.50 17.71
CA ASN A 1104 45.09 35.37 17.14
C ASN A 1104 44.39 34.62 18.25
N VAL A 1105 43.10 34.33 18.04
CA VAL A 1105 42.29 33.75 19.10
C VAL A 1105 42.75 32.33 19.41
N GLN A 1106 43.04 31.54 18.36
CA GLN A 1106 43.52 30.19 18.60
C GLN A 1106 44.84 30.19 19.36
N TRP A 1107 45.72 31.15 19.09
CA TRP A 1107 46.97 31.22 19.83
C TRP A 1107 46.74 31.60 21.30
N LEU A 1108 45.97 32.67 21.53
CA LEU A 1108 45.60 33.07 22.88
C LEU A 1108 45.09 31.88 23.68
N ARG A 1109 44.05 31.22 23.15
CA ARG A 1109 43.51 30.04 23.82
C ARG A 1109 44.51 28.90 23.87
N ALA A 1110 45.53 28.89 22.99
CA ALA A 1110 46.53 27.84 23.02
C ALA A 1110 47.41 27.96 24.25
N GLN A 1111 47.89 29.17 24.55
CA GLN A 1111 48.67 29.37 25.77
C GLN A 1111 47.81 29.62 27.00
N LEU A 1112 46.64 28.98 27.10
CA LEU A 1112 45.82 29.01 28.31
C LEU A 1112 45.44 27.59 28.67
N GLY A 1113 45.56 27.26 29.95
CA GLY A 1113 45.17 25.93 30.41
C GLY A 1113 43.95 25.97 31.32
N ILE A 1114 42.78 25.73 30.75
CA ILE A 1114 41.55 25.75 31.53
C ILE A 1114 41.43 24.47 32.33
N VAL A 1115 40.84 24.56 33.52
CA VAL A 1115 40.50 23.40 34.34
C VAL A 1115 39.08 23.65 34.84
N SER A 1116 38.10 23.12 34.10
CA SER A 1116 36.71 23.42 34.37
C SER A 1116 36.28 22.81 35.71
N GLN A 1117 35.09 23.22 36.15
CA GLN A 1117 34.49 22.72 37.37
C GLN A 1117 34.26 21.22 37.27
N GLU A 1118 33.22 20.83 36.52
CA GLU A 1118 32.98 19.43 36.22
C GLU A 1118 33.74 19.07 34.95
N PRO A 1119 34.84 18.32 35.04
CA PRO A 1119 35.63 18.03 33.83
C PRO A 1119 34.88 17.10 32.90
N ILE A 1120 34.72 17.54 31.66
CA ILE A 1120 34.06 16.70 30.66
C ILE A 1120 35.10 15.75 30.07
N LEU A 1121 34.72 14.48 29.94
CA LEU A 1121 35.55 13.48 29.31
C LEU A 1121 34.82 12.88 28.12
N PHE A 1122 35.54 12.67 27.03
CA PHE A 1122 34.94 12.16 25.80
C PHE A 1122 34.96 10.64 25.79
N ASP A 1123 33.98 10.06 25.09
CA ASP A 1123 33.85 8.60 24.99
C ASP A 1123 34.99 8.05 24.14
N THR A 1124 36.15 7.92 24.73
CA THR A 1124 37.32 7.33 24.07
C THR A 1124 38.34 6.98 25.15
N SER A 1125 39.55 6.62 24.70
CA SER A 1125 40.58 6.13 25.61
C SER A 1125 41.18 7.27 26.42
N ILE A 1126 42.02 6.90 27.40
CA ILE A 1126 42.71 7.89 28.22
C ILE A 1126 43.67 8.73 27.38
N ALA A 1127 44.47 8.06 26.54
CA ALA A 1127 45.49 8.77 25.78
C ALA A 1127 44.88 9.81 24.86
N GLU A 1128 43.73 9.50 24.26
CA GLU A 1128 43.11 10.45 23.33
C GLU A 1128 42.47 11.62 24.07
N ASN A 1129 41.81 11.36 25.20
CA ASN A 1129 41.24 12.44 26.00
C ASN A 1129 42.32 13.38 26.51
N ILE A 1130 43.50 12.84 26.83
CA ILE A 1130 44.58 13.72 27.30
C ILE A 1130 45.21 14.46 26.14
N ALA A 1131 45.45 13.77 25.02
CA ALA A 1131 46.03 14.42 23.86
C ALA A 1131 45.10 15.47 23.26
N TYR A 1132 43.80 15.41 23.56
CA TYR A 1132 42.86 16.39 23.04
C TYR A 1132 43.17 17.80 23.56
N GLY A 1133 44.01 17.92 24.58
CA GLY A 1133 44.41 19.22 25.08
C GLY A 1133 45.25 20.00 24.09
N ASP A 1134 46.38 19.44 23.68
CA ASP A 1134 47.24 20.04 22.68
C ASP A 1134 46.93 19.41 21.33
N ASN A 1135 46.53 20.24 20.38
CA ASN A 1135 46.04 19.77 19.10
C ASN A 1135 47.02 20.09 17.98
N SER A 1136 47.00 19.27 16.94
CA SER A 1136 47.96 19.31 15.83
C SER A 1136 49.38 19.08 16.34
N ARG A 1137 49.62 17.82 16.73
CA ARG A 1137 50.92 17.39 17.23
C ARG A 1137 50.97 15.88 17.19
N VAL A 1138 52.19 15.35 17.01
CA VAL A 1138 52.36 13.91 16.82
C VAL A 1138 51.97 13.14 18.09
N VAL A 1139 52.48 13.57 19.24
CA VAL A 1139 52.20 12.98 20.55
C VAL A 1139 52.47 11.48 20.56
N SER A 1140 53.62 11.07 21.08
CA SER A 1140 54.01 9.67 21.08
C SER A 1140 53.77 9.05 22.46
N TYR A 1141 54.21 7.79 22.61
CA TYR A 1141 54.01 7.06 23.85
C TYR A 1141 54.74 7.71 25.01
N GLU A 1142 55.88 8.35 24.74
CA GLU A 1142 56.70 8.92 25.80
C GLU A 1142 56.07 10.16 26.41
N GLU A 1143 55.34 10.93 25.61
CA GLU A 1143 54.82 12.22 26.05
C GLU A 1143 53.58 12.07 26.94
N ILE A 1144 52.86 10.96 26.83
CA ILE A 1144 51.61 10.80 27.56
C ILE A 1144 51.88 10.51 29.03
N VAL A 1145 52.88 9.66 29.30
CA VAL A 1145 53.07 9.13 30.65
C VAL A 1145 53.53 10.23 31.61
N ARG A 1146 54.33 11.19 31.12
CA ARG A 1146 54.80 12.26 32.00
C ARG A 1146 53.65 13.13 32.48
N ALA A 1147 52.78 13.53 31.56
CA ALA A 1147 51.60 14.29 31.94
C ALA A 1147 50.71 13.49 32.88
N ALA A 1148 50.56 12.19 32.63
CA ALA A 1148 49.78 11.37 33.56
C ALA A 1148 50.42 11.29 34.93
N LYS A 1149 51.76 11.34 34.99
CA LYS A 1149 52.45 11.33 36.27
C LYS A 1149 52.19 12.61 37.05
N GLU A 1150 52.42 13.76 36.42
CA GLU A 1150 52.28 15.02 37.14
C GLU A 1150 50.85 15.27 37.60
N ALA A 1151 49.87 14.65 36.96
CA ALA A 1151 48.48 14.78 37.38
C ALA A 1151 48.10 13.78 38.47
N ASN A 1152 49.05 12.95 38.92
CA ASN A 1152 48.85 12.01 40.03
C ASN A 1152 47.76 10.98 39.70
N ILE A 1153 47.74 10.55 38.44
CA ILE A 1153 46.92 9.41 38.03
C ILE A 1153 47.75 8.27 37.48
N HIS A 1154 49.06 8.44 37.34
CA HIS A 1154 49.92 7.36 36.87
C HIS A 1154 49.78 6.11 37.73
N GLN A 1155 49.88 6.28 39.04
CA GLN A 1155 49.84 5.12 39.94
C GLN A 1155 48.48 4.43 39.90
N PHE A 1156 47.40 5.20 39.86
CA PHE A 1156 46.07 4.61 39.82
C PHE A 1156 45.80 3.94 38.47
N ILE A 1157 46.31 4.52 37.38
CA ILE A 1157 46.09 3.95 36.06
C ILE A 1157 46.86 2.64 35.91
N ASP A 1158 48.09 2.58 36.44
CA ASP A 1158 48.90 1.38 36.28
C ASP A 1158 48.26 0.12 36.86
N SER A 1159 47.28 0.27 37.75
CA SER A 1159 46.57 -0.88 38.29
C SER A 1159 45.24 -1.15 37.59
N LEU A 1160 44.80 -0.24 36.72
CA LEU A 1160 43.54 -0.43 36.02
C LEU A 1160 43.69 -1.49 34.93
N PRO A 1161 42.58 -2.14 34.56
CA PRO A 1161 42.63 -3.15 33.48
C PRO A 1161 43.01 -2.50 32.16
N ASP A 1162 44.08 -3.02 31.53
CA ASP A 1162 44.64 -2.44 30.31
C ASP A 1162 45.00 -0.99 30.55
N LYS A 1163 46.19 -0.76 31.11
CA LYS A 1163 46.62 0.51 31.71
C LYS A 1163 46.08 1.76 31.01
N TYR A 1164 46.82 2.28 30.04
CA TYR A 1164 46.44 3.53 29.40
C TYR A 1164 45.53 3.34 28.20
N ASN A 1165 45.24 2.11 27.80
CA ASN A 1165 44.33 1.85 26.69
C ASN A 1165 42.91 1.61 27.15
N THR A 1166 42.61 1.84 28.42
CA THR A 1166 41.28 1.60 28.95
C THR A 1166 40.29 2.58 28.35
N ARG A 1167 39.26 2.07 27.68
CA ARG A 1167 38.25 2.93 27.08
C ARG A 1167 37.39 3.54 28.18
N VAL A 1168 37.23 4.86 28.14
CA VAL A 1168 36.44 5.59 29.13
C VAL A 1168 35.16 6.07 28.46
N GLY A 1169 34.05 5.97 29.17
CA GLY A 1169 32.77 6.40 28.66
C GLY A 1169 31.66 5.62 29.34
N ASP A 1170 30.53 5.54 28.64
CA ASP A 1170 29.38 4.82 29.18
C ASP A 1170 29.62 3.32 29.17
N LYS A 1171 30.47 2.83 28.26
CA LYS A 1171 30.75 1.40 28.16
C LYS A 1171 31.87 0.97 29.09
N GLY A 1172 32.95 1.75 29.18
CA GLY A 1172 34.11 1.37 29.95
C GLY A 1172 33.94 1.63 31.44
N THR A 1173 35.08 1.66 32.13
CA THR A 1173 35.08 1.86 33.57
C THR A 1173 34.61 3.26 33.92
N GLN A 1174 33.96 3.38 35.08
CA GLN A 1174 33.49 4.65 35.59
C GLN A 1174 34.48 5.16 36.64
N LEU A 1175 35.06 6.32 36.40
CA LEU A 1175 36.03 6.92 37.29
C LEU A 1175 35.36 7.93 38.21
N SER A 1176 35.92 8.11 39.40
CA SER A 1176 35.36 9.06 40.35
C SER A 1176 35.57 10.49 39.84
N GLY A 1177 34.86 11.42 40.49
CA GLY A 1177 34.91 12.81 40.04
C GLY A 1177 36.30 13.42 40.14
N GLY A 1178 36.99 13.18 41.26
CA GLY A 1178 38.33 13.71 41.41
C GLY A 1178 39.30 13.18 40.36
N GLN A 1179 39.17 11.88 40.05
CA GLN A 1179 40.02 11.28 39.02
C GLN A 1179 39.76 11.92 37.66
N LYS A 1180 38.49 12.18 37.35
CA LYS A 1180 38.15 12.94 36.15
C LYS A 1180 38.83 14.30 36.15
N GLN A 1181 38.82 14.98 37.30
CA GLN A 1181 39.46 16.29 37.38
C GLN A 1181 40.96 16.18 37.12
N ARG A 1182 41.58 15.12 37.62
CA ARG A 1182 43.02 14.96 37.42
C ARG A 1182 43.35 14.65 35.97
N ILE A 1183 42.47 13.91 35.29
CA ILE A 1183 42.62 13.73 33.84
C ILE A 1183 42.55 15.07 33.14
N ALA A 1184 41.61 15.93 33.55
CA ALA A 1184 41.54 17.26 32.97
C ALA A 1184 42.83 18.04 33.22
N ILE A 1185 43.41 17.86 34.40
CA ILE A 1185 44.67 18.54 34.72
C ILE A 1185 45.79 18.06 33.80
N ALA A 1186 45.91 16.76 33.60
CA ALA A 1186 46.93 16.24 32.68
C ALA A 1186 46.70 16.77 31.27
N ARG A 1187 45.44 16.77 30.82
CA ARG A 1187 45.08 17.34 29.53
C ARG A 1187 45.55 18.78 29.42
N ALA A 1188 45.45 19.55 30.51
CA ALA A 1188 45.98 20.90 30.52
C ALA A 1188 47.51 20.94 30.56
N LEU A 1189 48.14 19.88 31.10
CA LEU A 1189 49.59 19.88 31.24
C LEU A 1189 50.31 19.56 29.93
N VAL A 1190 49.72 18.73 29.08
CA VAL A 1190 50.40 18.41 27.82
C VAL A 1190 50.63 19.66 26.99
N ARG A 1191 49.68 20.60 27.02
CA ARG A 1191 49.79 21.81 26.21
C ARG A 1191 51.00 22.65 26.60
N GLN A 1192 51.49 22.47 27.82
CA GLN A 1192 52.56 23.30 28.37
C GLN A 1192 52.25 24.78 28.25
N PRO A 1193 51.20 25.28 28.91
CA PRO A 1193 50.87 26.70 28.84
C PRO A 1193 51.66 27.51 29.86
N HIS A 1194 51.79 28.79 29.55
CA HIS A 1194 52.40 29.74 30.47
C HIS A 1194 51.36 30.41 31.37
N ILE A 1195 50.08 30.08 31.19
CA ILE A 1195 49.00 30.56 32.04
C ILE A 1195 48.07 29.38 32.33
N LEU A 1196 47.55 29.37 33.54
CA LEU A 1196 46.73 28.27 34.04
C LEU A 1196 45.52 28.87 34.75
N LEU A 1197 44.33 28.52 34.28
CA LEU A 1197 43.09 29.04 34.83
C LEU A 1197 42.38 27.89 35.55
N LEU A 1198 42.19 28.03 36.86
CA LEU A 1198 41.59 26.99 37.69
C LEU A 1198 40.20 27.44 38.12
N ASP A 1199 39.17 26.84 37.55
CA ASP A 1199 37.79 27.22 37.83
C ASP A 1199 37.10 26.10 38.61
N GLU A 1200 37.52 25.94 39.87
CA GLU A 1200 37.04 24.90 40.76
C GLU A 1200 36.28 25.51 41.93
N ALA A 1201 35.47 24.70 42.61
CA ALA A 1201 34.64 25.21 43.70
C ALA A 1201 34.00 24.06 44.47
N THR A 1202 33.05 24.41 45.33
CA THR A 1202 32.21 23.48 46.08
C THR A 1202 31.57 22.45 45.17
N CYS A 1203 31.29 21.26 45.71
CA CYS A 1203 31.63 20.85 47.07
C CYS A 1203 32.81 19.90 47.05
N ALA A 1204 32.78 18.88 47.91
CA ALA A 1204 33.84 17.88 47.97
C ALA A 1204 33.41 16.70 48.83
N LEU A 1205 33.27 15.52 48.22
CA LEU A 1205 32.88 14.32 48.93
C LEU A 1205 33.89 13.19 48.83
N ASP A 1206 34.92 13.34 47.98
CA ASP A 1206 35.84 12.26 47.72
C ASP A 1206 36.55 11.79 48.98
N THR A 1207 36.86 12.72 49.90
CA THR A 1207 37.53 12.45 51.18
C THR A 1207 38.82 11.65 51.02
N GLU A 1208 39.22 11.40 49.78
CA GLU A 1208 40.44 10.68 49.46
C GLU A 1208 41.02 11.13 48.12
N SER A 1209 40.20 11.18 47.08
CA SER A 1209 40.64 11.71 45.80
C SER A 1209 40.78 13.22 45.81
N GLU A 1210 40.11 13.90 46.76
CA GLU A 1210 40.15 15.36 46.79
C GLU A 1210 41.56 15.86 47.08
N LYS A 1211 42.22 15.27 48.07
CA LYS A 1211 43.58 15.71 48.44
C LYS A 1211 44.57 15.44 47.31
N VAL A 1212 44.37 14.36 46.56
CA VAL A 1212 45.28 14.07 45.46
C VAL A 1212 45.08 15.07 44.33
N VAL A 1213 43.83 15.46 44.09
CA VAL A 1213 43.55 16.54 43.14
C VAL A 1213 44.26 17.81 43.58
N GLN A 1214 44.24 18.12 44.87
CA GLN A 1214 44.95 19.30 45.34
C GLN A 1214 46.46 19.16 45.16
N GLU A 1215 47.00 17.95 45.34
CA GLU A 1215 48.42 17.73 45.07
C GLU A 1215 48.76 18.05 43.62
N ALA A 1216 47.98 17.52 42.68
CA ALA A 1216 48.24 17.80 41.27
C ALA A 1216 48.08 19.28 40.96
N LEU A 1217 47.05 19.92 41.54
CA LEU A 1217 46.83 21.35 41.31
C LEU A 1217 48.01 22.17 41.79
N ASP A 1218 48.50 21.88 43.00
CA ASP A 1218 49.66 22.59 43.51
C ASP A 1218 50.91 22.31 42.67
N LYS A 1219 51.01 21.11 42.11
CA LYS A 1219 52.15 20.80 41.25
C LYS A 1219 52.08 21.59 39.95
N ALA A 1220 50.89 21.85 39.43
CA ALA A 1220 50.78 22.55 38.16
C ALA A 1220 51.08 24.03 38.27
N ARG A 1221 50.84 24.63 39.44
CA ARG A 1221 50.94 26.07 39.60
C ARG A 1221 52.34 26.55 39.97
N GLU A 1222 53.32 25.65 40.04
CA GLU A 1222 54.61 26.02 40.63
C GLU A 1222 55.37 27.03 39.78
N GLY A 1223 55.34 26.87 38.45
CA GLY A 1223 56.09 27.75 37.59
C GLY A 1223 55.28 28.34 36.46
N ARG A 1224 54.00 28.62 36.73
CA ARG A 1224 53.09 29.14 35.72
C ARG A 1224 52.25 30.26 36.31
N THR A 1225 52.05 31.31 35.51
CA THR A 1225 51.04 32.30 35.84
C THR A 1225 49.70 31.62 36.04
N THR A 1226 49.02 31.93 37.13
CA THR A 1226 47.78 31.21 37.45
C THR A 1226 46.71 32.15 37.97
N ILE A 1227 45.49 31.98 37.47
CA ILE A 1227 44.32 32.66 37.98
C ILE A 1227 43.37 31.61 38.55
N VAL A 1228 42.96 31.79 39.80
CA VAL A 1228 42.19 30.80 40.55
C VAL A 1228 40.84 31.39 40.91
N ILE A 1229 39.77 30.67 40.60
CA ILE A 1229 38.42 31.01 41.03
C ILE A 1229 38.20 30.28 42.34
N ALA A 1230 38.42 30.96 43.45
CA ALA A 1230 38.52 30.31 44.75
C ALA A 1230 37.17 30.28 45.46
N HIS A 1231 36.79 29.09 45.92
CA HIS A 1231 35.72 28.92 46.88
C HIS A 1231 36.13 28.14 48.13
N ARG A 1232 37.18 27.34 48.07
CA ARG A 1232 37.71 26.64 49.23
C ARG A 1232 38.71 27.54 49.94
N LEU A 1233 38.57 27.66 51.27
CA LEU A 1233 39.35 28.61 52.02
C LEU A 1233 40.79 28.14 52.28
N SER A 1234 41.06 26.85 52.08
CA SER A 1234 42.39 26.32 52.33
C SER A 1234 43.36 26.66 51.19
N THR A 1235 42.88 26.61 49.95
CA THR A 1235 43.75 26.88 48.81
C THR A 1235 44.15 28.34 48.73
N ILE A 1236 43.33 29.24 49.27
CA ILE A 1236 43.54 30.67 49.04
C ILE A 1236 44.55 31.29 50.00
N GLN A 1237 44.78 30.68 51.16
CA GLN A 1237 45.69 31.27 52.13
C GLN A 1237 47.13 31.31 51.62
N ASN A 1238 47.48 30.43 50.70
CA ASN A 1238 48.85 30.33 50.19
C ASN A 1238 49.04 31.03 48.86
N ALA A 1239 48.00 31.68 48.33
CA ALA A 1239 48.13 32.41 47.08
C ALA A 1239 48.94 33.69 47.30
N ASP A 1240 49.52 34.20 46.22
CA ASP A 1240 50.36 35.38 46.33
C ASP A 1240 49.55 36.66 46.38
N LEU A 1241 48.33 36.65 45.84
CA LEU A 1241 47.47 37.82 45.84
C LEU A 1241 46.02 37.37 45.77
N ILE A 1242 45.15 38.08 46.49
CA ILE A 1242 43.73 37.76 46.58
C ILE A 1242 42.95 38.99 46.13
N VAL A 1243 41.86 38.77 45.40
CA VAL A 1243 40.97 39.83 44.95
C VAL A 1243 39.55 39.49 45.42
N VAL A 1244 38.94 40.39 46.17
CA VAL A 1244 37.56 40.24 46.62
C VAL A 1244 36.69 41.11 45.72
N ILE A 1245 35.74 40.48 45.03
CA ILE A 1245 34.90 41.15 44.05
C ILE A 1245 33.47 41.21 44.58
N GLN A 1246 32.85 42.37 44.44
CA GLN A 1246 31.41 42.51 44.68
C GLN A 1246 30.85 43.52 43.70
N ASN A 1247 29.75 43.13 43.02
CA ASN A 1247 29.08 43.99 42.05
C ASN A 1247 30.05 44.47 40.97
N GLY A 1248 30.95 43.58 40.56
CA GLY A 1248 31.93 43.90 39.54
C GLY A 1248 33.05 44.82 39.96
N LYS A 1249 33.12 45.19 41.24
CA LYS A 1249 34.15 46.08 41.75
C LYS A 1249 35.06 45.31 42.69
N VAL A 1250 36.34 45.66 42.68
CA VAL A 1250 37.30 45.09 43.62
C VAL A 1250 37.17 45.86 44.93
N LYS A 1251 36.65 45.20 45.96
CA LYS A 1251 36.49 45.87 47.24
C LYS A 1251 37.80 45.94 48.01
N GLU A 1252 38.62 44.90 47.91
CA GLU A 1252 39.88 44.85 48.63
C GLU A 1252 40.76 43.78 48.01
N HIS A 1253 42.08 43.98 48.10
CA HIS A 1253 43.01 42.99 47.60
C HIS A 1253 44.28 43.02 48.45
N GLY A 1254 44.98 41.90 48.43
CA GLY A 1254 46.19 41.73 49.23
C GLY A 1254 46.44 40.27 49.50
N THR A 1255 47.53 40.02 50.20
CA THR A 1255 47.87 38.65 50.58
C THR A 1255 46.90 38.14 51.65
N HIS A 1256 47.05 36.86 51.99
CA HIS A 1256 46.23 36.27 53.06
C HIS A 1256 46.41 37.05 54.36
N GLN A 1257 47.65 37.25 54.79
CA GLN A 1257 47.88 37.88 56.08
C GLN A 1257 47.40 39.33 56.09
N GLN A 1258 47.51 40.03 54.96
CA GLN A 1258 47.10 41.43 54.91
C GLN A 1258 45.59 41.56 54.95
N LEU A 1259 44.88 40.84 54.07
CA LEU A 1259 43.43 40.89 54.08
C LEU A 1259 42.83 40.27 55.34
N LEU A 1260 43.58 39.42 56.04
CA LEU A 1260 43.14 38.95 57.35
C LEU A 1260 43.24 40.07 58.38
N ALA A 1261 44.34 40.81 58.37
CA ALA A 1261 44.48 41.97 59.24
C ALA A 1261 43.62 43.13 58.78
N GLN A 1262 43.20 43.14 57.50
CA GLN A 1262 42.26 44.15 57.04
C GLN A 1262 40.94 44.08 57.79
N LYS A 1263 40.56 42.88 58.24
CA LYS A 1263 39.35 42.66 59.01
C LYS A 1263 38.12 43.16 58.26
N GLY A 1264 38.07 42.88 56.96
CA GLY A 1264 36.97 43.31 56.12
C GLY A 1264 36.15 42.17 55.56
N ILE A 1265 35.96 42.16 54.24
CA ILE A 1265 35.12 41.14 53.62
C ILE A 1265 35.81 39.78 53.67
N TYR A 1266 37.07 39.72 53.25
CA TYR A 1266 37.79 38.45 53.24
C TYR A 1266 37.96 37.89 54.65
N PHE A 1267 38.06 38.76 55.66
CA PHE A 1267 38.11 38.29 57.03
C PHE A 1267 36.78 37.66 57.46
N SER A 1268 35.68 38.12 56.88
CA SER A 1268 34.37 37.55 57.23
C SER A 1268 34.22 36.14 56.67
N MET A 1269 34.83 35.85 55.53
CA MET A 1269 34.69 34.52 54.93
C MET A 1269 35.44 33.46 55.72
N VAL A 1270 36.63 33.79 56.21
CA VAL A 1270 37.43 32.81 56.95
C VAL A 1270 36.87 32.58 58.35
N SER A 1271 36.11 33.53 58.89
CA SER A 1271 35.54 33.38 60.23
C SER A 1271 34.35 32.42 60.25
N VAL A 1272 33.77 32.12 59.10
CA VAL A 1272 32.58 31.28 59.07
C VAL A 1272 32.94 29.82 59.35
N GLN A 1273 34.04 29.34 58.79
CA GLN A 1273 34.44 27.94 59.00
C GLN A 1273 34.86 27.65 60.43
N ALA A 1274 34.76 28.62 61.34
CA ALA A 1274 35.12 28.40 62.74
C ALA A 1274 34.09 27.55 63.46
N GLN B 1 -27.06 -8.37 -54.72
CA GLN B 1 -27.32 -9.79 -54.98
C GLN B 1 -26.23 -10.37 -55.85
N VAL B 2 -25.48 -11.34 -55.30
CA VAL B 2 -24.34 -11.93 -55.97
C VAL B 2 -24.74 -13.35 -56.37
N VAL B 3 -25.18 -13.52 -57.61
CA VAL B 3 -25.52 -14.85 -58.09
C VAL B 3 -24.25 -15.63 -58.41
N MET B 4 -24.36 -16.95 -58.40
CA MET B 4 -23.20 -17.81 -58.56
C MET B 4 -23.54 -18.96 -59.51
N THR B 5 -22.49 -19.55 -60.09
CA THR B 5 -22.65 -20.66 -61.02
C THR B 5 -21.60 -21.71 -60.74
N GLN B 6 -22.03 -22.96 -60.59
CA GLN B 6 -21.15 -24.07 -60.20
C GLN B 6 -21.19 -25.16 -61.25
N SER B 7 -20.04 -25.80 -61.51
CA SER B 7 -19.99 -26.88 -62.47
C SER B 7 -18.87 -27.84 -62.11
N PRO B 8 -19.03 -29.14 -62.41
CA PRO B 8 -20.23 -29.75 -62.99
C PRO B 8 -21.25 -30.11 -61.92
N LEU B 9 -22.52 -30.19 -62.31
CA LEU B 9 -23.58 -30.43 -61.33
C LEU B 9 -23.63 -31.88 -60.88
N SER B 10 -23.31 -32.82 -61.77
CA SER B 10 -23.27 -34.24 -61.41
C SER B 10 -22.10 -34.88 -62.16
N LEU B 11 -21.06 -35.26 -61.43
CA LEU B 11 -19.87 -35.77 -62.06
C LEU B 11 -19.57 -37.20 -61.60
N PRO B 12 -19.07 -38.05 -62.48
CA PRO B 12 -18.63 -39.39 -62.07
C PRO B 12 -17.18 -39.38 -61.62
N VAL B 13 -16.82 -40.44 -60.90
CA VAL B 13 -15.45 -40.60 -60.41
C VAL B 13 -15.24 -42.08 -60.12
N SER B 14 -14.00 -42.53 -60.23
CA SER B 14 -13.65 -43.92 -59.92
C SER B 14 -13.25 -44.00 -58.45
N LEU B 15 -12.45 -44.99 -58.09
CA LEU B 15 -11.94 -45.13 -56.73
C LEU B 15 -10.47 -44.74 -56.68
N GLY B 16 -10.11 -43.87 -55.75
CA GLY B 16 -8.73 -43.47 -55.52
C GLY B 16 -8.09 -42.68 -56.64
N ASP B 17 -8.80 -41.69 -57.18
CA ASP B 17 -8.26 -40.85 -58.25
C ASP B 17 -8.44 -39.38 -57.88
N GLN B 18 -8.36 -38.53 -58.89
CA GLN B 18 -8.50 -37.08 -58.73
C GLN B 18 -9.81 -36.63 -59.33
N ALA B 19 -10.47 -35.69 -58.64
CA ALA B 19 -11.75 -35.16 -59.09
C ALA B 19 -11.83 -33.68 -58.72
N SER B 20 -12.07 -32.83 -59.71
CA SER B 20 -12.04 -31.39 -59.52
C SER B 20 -13.40 -30.77 -59.78
N ILE B 21 -13.69 -29.69 -59.06
CA ILE B 21 -14.96 -28.98 -59.17
C ILE B 21 -14.66 -27.48 -59.22
N SER B 22 -15.51 -26.73 -59.93
CA SER B 22 -15.25 -25.32 -60.20
C SER B 22 -16.45 -24.45 -59.83
N CYS B 23 -16.16 -23.32 -59.20
CA CYS B 23 -17.17 -22.37 -58.71
C CYS B 23 -16.83 -21.00 -59.29
N ARG B 24 -17.83 -20.33 -59.87
CA ARG B 24 -17.62 -19.05 -60.56
C ARG B 24 -18.64 -18.03 -60.09
N SER B 25 -18.16 -16.84 -59.77
CA SER B 25 -19.00 -15.76 -59.28
C SER B 25 -19.54 -14.95 -60.45
N SER B 26 -20.07 -13.76 -60.17
CA SER B 26 -20.48 -12.82 -61.20
C SER B 26 -19.90 -11.45 -60.86
N GLN B 27 -19.74 -11.20 -59.56
CA GLN B 27 -19.03 -10.02 -59.09
C GLN B 27 -17.55 -10.38 -58.91
N SER B 28 -16.83 -9.61 -58.10
CA SER B 28 -15.45 -9.92 -57.74
C SER B 28 -15.39 -10.21 -56.26
N LEU B 29 -14.92 -11.39 -55.90
CA LEU B 29 -14.84 -11.79 -54.49
C LEU B 29 -13.59 -11.27 -53.81
N LEU B 30 -12.70 -10.59 -54.53
CA LEU B 30 -11.48 -10.07 -53.94
C LEU B 30 -11.81 -8.86 -53.07
N HIS B 31 -11.61 -8.99 -51.76
CA HIS B 31 -11.90 -7.91 -50.85
C HIS B 31 -10.85 -6.81 -51.01
N SER B 32 -11.09 -5.67 -50.34
CA SER B 32 -10.13 -4.56 -50.39
C SER B 32 -8.75 -5.01 -49.92
N ASN B 33 -8.67 -5.53 -48.70
CA ASN B 33 -7.45 -6.17 -48.26
C ASN B 33 -7.28 -7.51 -48.96
N GLY B 34 -6.02 -7.94 -49.09
CA GLY B 34 -5.69 -9.09 -49.90
C GLY B 34 -6.24 -10.42 -49.40
N ASN B 35 -7.52 -10.68 -49.67
CA ASN B 35 -8.14 -11.94 -49.31
C ASN B 35 -9.24 -12.26 -50.31
N THR B 36 -9.46 -13.56 -50.52
CA THR B 36 -10.61 -14.05 -51.27
C THR B 36 -11.25 -15.18 -50.48
N TYR B 37 -12.55 -15.05 -50.23
CA TYR B 37 -13.24 -15.88 -49.26
C TYR B 37 -14.09 -16.93 -49.95
N LEU B 38 -13.75 -18.20 -49.75
CA LEU B 38 -14.61 -19.32 -50.09
C LEU B 38 -14.69 -20.24 -48.89
N HIS B 39 -15.72 -21.08 -48.87
CA HIS B 39 -15.91 -21.99 -47.74
C HIS B 39 -16.53 -23.28 -48.28
N TRP B 40 -15.70 -24.18 -48.75
CA TRP B 40 -16.17 -25.42 -49.34
C TRP B 40 -16.77 -26.33 -48.27
N TYR B 41 -18.01 -26.74 -48.47
CA TYR B 41 -18.74 -27.55 -47.50
C TYR B 41 -19.04 -28.93 -48.09
N LEU B 42 -18.94 -29.95 -47.23
CA LEU B 42 -19.37 -31.31 -47.52
C LEU B 42 -20.67 -31.58 -46.80
N GLN B 43 -21.54 -32.38 -47.43
CA GLN B 43 -22.85 -32.70 -46.88
C GLN B 43 -23.19 -34.15 -47.21
N LYS B 44 -23.32 -34.97 -46.19
CA LYS B 44 -23.82 -36.32 -46.43
C LYS B 44 -25.32 -36.36 -46.22
N PRO B 45 -26.01 -37.33 -46.83
CA PRO B 45 -27.47 -37.39 -46.67
C PRO B 45 -27.87 -37.70 -45.24
N GLY B 46 -28.76 -36.90 -44.70
CA GLY B 46 -29.29 -37.11 -43.36
C GLY B 46 -28.50 -36.47 -42.24
N GLN B 47 -27.18 -36.64 -42.25
CA GLN B 47 -26.33 -36.09 -41.22
C GLN B 47 -26.18 -34.58 -41.42
N SER B 48 -25.40 -33.97 -40.57
CA SER B 48 -25.27 -32.52 -40.75
C SER B 48 -24.07 -32.19 -41.62
N PRO B 49 -24.16 -31.12 -42.41
CA PRO B 49 -23.02 -30.74 -43.26
C PRO B 49 -21.83 -30.28 -42.44
N LYS B 50 -20.65 -30.69 -42.87
CA LYS B 50 -19.40 -30.33 -42.22
C LYS B 50 -18.77 -29.13 -42.92
N LEU B 51 -17.67 -28.65 -42.34
CA LEU B 51 -16.79 -27.69 -43.00
C LEU B 51 -15.57 -28.44 -43.52
N LEU B 52 -15.05 -28.02 -44.67
CA LEU B 52 -13.98 -28.78 -45.27
C LEU B 52 -12.76 -27.92 -45.59
N ILE B 53 -12.93 -26.88 -46.39
CA ILE B 53 -11.86 -25.96 -46.74
C ILE B 53 -12.38 -24.54 -46.64
N TYR B 54 -11.67 -23.69 -45.90
CA TYR B 54 -12.06 -22.29 -45.79
C TYR B 54 -10.89 -21.40 -46.19
N LYS B 55 -11.21 -20.25 -46.77
CA LYS B 55 -10.24 -19.31 -47.31
C LYS B 55 -9.34 -19.98 -48.35
N VAL B 56 -10.02 -20.59 -49.32
CA VAL B 56 -9.46 -21.15 -50.55
C VAL B 56 -8.43 -22.25 -50.29
N SER B 57 -7.26 -21.89 -49.75
CA SER B 57 -6.15 -22.82 -49.71
C SER B 57 -5.94 -23.47 -48.35
N ASN B 58 -6.41 -22.87 -47.27
CA ASN B 58 -6.13 -23.40 -45.94
C ASN B 58 -6.92 -24.69 -45.71
N ARG B 59 -6.78 -25.25 -44.51
CA ARG B 59 -7.53 -26.43 -44.11
C ARG B 59 -8.20 -26.16 -42.76
N PHE B 60 -8.88 -27.18 -42.24
CA PHE B 60 -9.57 -27.07 -40.98
C PHE B 60 -9.11 -28.19 -40.06
N SER B 61 -9.03 -27.89 -38.76
CA SER B 61 -8.49 -28.82 -37.77
C SER B 61 -9.35 -30.07 -37.71
N GLY B 62 -8.82 -31.18 -38.19
CA GLY B 62 -9.50 -32.45 -38.17
C GLY B 62 -9.91 -33.01 -39.53
N VAL B 63 -9.33 -32.50 -40.61
CA VAL B 63 -9.65 -32.99 -41.95
C VAL B 63 -8.55 -33.93 -42.40
N PRO B 64 -8.79 -34.79 -43.37
CA PRO B 64 -7.69 -35.61 -43.92
C PRO B 64 -6.73 -34.79 -44.76
N ASP B 65 -5.79 -35.45 -45.41
CA ASP B 65 -4.72 -34.81 -46.16
C ASP B 65 -5.01 -34.74 -47.66
N ARG B 66 -6.16 -35.21 -48.09
CA ARG B 66 -6.41 -35.49 -49.50
C ARG B 66 -7.07 -34.34 -50.24
N PHE B 67 -7.33 -33.21 -49.59
CA PHE B 67 -8.18 -32.16 -50.12
C PHE B 67 -7.37 -30.91 -50.38
N SER B 68 -7.46 -30.37 -51.60
CA SER B 68 -6.75 -29.13 -51.93
C SER B 68 -7.72 -28.15 -52.57
N GLY B 69 -7.34 -26.87 -52.53
CA GLY B 69 -8.18 -25.84 -53.10
C GLY B 69 -7.39 -24.65 -53.63
N SER B 70 -7.61 -24.29 -54.91
CA SER B 70 -6.83 -23.23 -55.52
C SER B 70 -7.71 -22.46 -56.51
N GLY B 71 -7.26 -21.27 -56.85
CA GLY B 71 -8.01 -20.41 -57.74
C GLY B 71 -7.75 -18.96 -57.41
N SER B 72 -8.33 -18.08 -58.22
CA SER B 72 -8.05 -16.66 -58.06
C SER B 72 -9.14 -15.84 -58.73
N GLY B 73 -9.11 -14.53 -58.45
CA GLY B 73 -10.02 -13.58 -59.05
C GLY B 73 -11.48 -13.93 -58.89
N THR B 74 -12.10 -14.38 -59.96
CA THR B 74 -13.51 -14.76 -59.98
C THR B 74 -13.67 -16.18 -60.50
N ASP B 75 -12.76 -17.07 -60.12
CA ASP B 75 -12.83 -18.46 -60.55
C ASP B 75 -12.06 -19.32 -59.55
N PHE B 76 -12.71 -20.38 -59.05
CA PHE B 76 -12.08 -21.18 -58.01
C PHE B 76 -12.32 -22.66 -58.30
N THR B 77 -11.48 -23.50 -57.68
CA THR B 77 -11.48 -24.92 -57.97
C THR B 77 -11.06 -25.68 -56.73
N LEU B 78 -11.76 -26.78 -56.45
CA LEU B 78 -11.39 -27.72 -55.41
C LEU B 78 -10.95 -29.02 -56.06
N LYS B 79 -9.94 -29.66 -55.47
CA LYS B 79 -9.37 -30.89 -56.01
C LYS B 79 -9.37 -31.97 -54.94
N ILE B 80 -9.89 -33.14 -55.31
CA ILE B 80 -9.87 -34.34 -54.50
C ILE B 80 -8.80 -35.26 -55.06
N SER B 81 -7.88 -35.70 -54.19
CA SER B 81 -6.88 -36.69 -54.55
C SER B 81 -7.16 -37.96 -53.76
N ARG B 82 -7.14 -39.11 -54.44
CA ARG B 82 -7.38 -40.41 -53.83
C ARG B 82 -8.75 -40.45 -53.15
N VAL B 83 -9.78 -40.52 -53.99
CA VAL B 83 -11.15 -40.57 -53.48
C VAL B 83 -11.40 -41.92 -52.82
N GLU B 84 -11.83 -41.89 -51.58
CA GLU B 84 -12.00 -43.10 -50.78
C GLU B 84 -13.41 -43.64 -50.98
N ALA B 85 -13.87 -44.49 -50.07
CA ALA B 85 -15.25 -44.96 -50.05
C ALA B 85 -16.11 -44.19 -49.06
N GLU B 86 -15.66 -43.00 -48.66
CA GLU B 86 -16.30 -42.25 -47.59
C GLU B 86 -16.70 -40.84 -47.99
N ASP B 87 -16.11 -40.27 -49.04
CA ASP B 87 -16.39 -38.89 -49.45
C ASP B 87 -17.54 -38.79 -50.43
N LEU B 88 -18.55 -39.65 -50.32
CA LEU B 88 -19.67 -39.64 -51.25
C LEU B 88 -20.79 -38.79 -50.69
N GLY B 89 -21.10 -37.69 -51.37
CA GLY B 89 -22.15 -36.79 -50.92
C GLY B 89 -22.32 -35.57 -51.79
N VAL B 90 -22.70 -34.44 -51.20
CA VAL B 90 -22.97 -33.21 -51.93
C VAL B 90 -22.02 -32.13 -51.41
N TYR B 91 -21.22 -31.58 -52.31
CA TYR B 91 -20.31 -30.49 -51.99
C TYR B 91 -20.96 -29.18 -52.42
N PHE B 92 -20.82 -28.14 -51.62
CA PHE B 92 -21.37 -26.86 -52.06
C PHE B 92 -20.50 -25.69 -51.60
N CYS B 93 -20.63 -24.60 -52.37
CA CYS B 93 -19.77 -23.42 -52.38
C CYS B 93 -20.36 -22.33 -51.51
N SER B 94 -19.59 -21.27 -51.26
CA SER B 94 -20.07 -20.16 -50.43
C SER B 94 -19.58 -18.85 -51.04
N GLN B 95 -19.79 -17.74 -50.31
CA GLN B 95 -19.57 -16.41 -50.87
C GLN B 95 -19.08 -15.49 -49.76
N SER B 96 -18.74 -14.26 -50.13
CA SER B 96 -17.99 -13.33 -49.28
C SER B 96 -18.83 -12.22 -48.71
N THR B 97 -19.49 -11.43 -49.55
CA THR B 97 -20.13 -10.19 -49.12
C THR B 97 -21.43 -10.48 -48.37
N HIS B 98 -21.58 -9.88 -47.18
CA HIS B 98 -22.86 -9.91 -46.50
C HIS B 98 -23.91 -9.04 -47.18
N ILE B 99 -24.92 -8.64 -46.41
CA ILE B 99 -26.26 -8.31 -46.92
C ILE B 99 -26.23 -7.27 -48.04
N PRO B 100 -27.02 -7.47 -49.10
CA PRO B 100 -27.70 -8.76 -49.29
C PRO B 100 -27.00 -9.64 -50.31
N PRO B 101 -27.27 -10.95 -50.32
CA PRO B 101 -27.97 -11.69 -49.26
C PRO B 101 -27.11 -12.73 -48.54
N TRP B 102 -25.82 -12.84 -48.88
CA TRP B 102 -24.93 -13.87 -48.31
C TRP B 102 -25.42 -15.26 -48.70
N THR B 103 -25.35 -15.53 -50.01
CA THR B 103 -25.95 -16.72 -50.60
C THR B 103 -24.89 -17.79 -50.89
N PHE B 104 -25.37 -19.00 -51.16
CA PHE B 104 -24.55 -20.18 -51.35
C PHE B 104 -24.64 -20.67 -52.79
N GLY B 105 -24.23 -21.93 -53.02
CA GLY B 105 -24.25 -22.54 -54.32
C GLY B 105 -25.13 -23.78 -54.37
N GLY B 106 -25.23 -24.34 -55.57
CA GLY B 106 -26.12 -25.46 -55.82
C GLY B 106 -25.78 -26.73 -55.07
N GLY B 107 -24.85 -27.51 -55.61
CA GLY B 107 -24.46 -28.78 -55.01
C GLY B 107 -24.05 -29.75 -56.10
N THR B 108 -23.25 -30.74 -55.71
CA THR B 108 -22.70 -31.70 -56.66
C THR B 108 -22.62 -33.06 -56.00
N LYS B 109 -23.35 -34.03 -56.53
CA LYS B 109 -23.26 -35.40 -56.04
C LYS B 109 -22.06 -36.10 -56.67
N LEU B 110 -21.87 -37.37 -56.35
CA LEU B 110 -20.75 -38.14 -56.87
C LEU B 110 -21.21 -39.49 -57.37
N ASP B 111 -20.67 -39.89 -58.52
CA ASP B 111 -21.04 -41.10 -59.22
C ASP B 111 -19.82 -42.00 -59.37
N ILE B 112 -20.05 -43.30 -59.45
CA ILE B 112 -19.00 -44.29 -59.24
C ILE B 112 -18.42 -44.81 -60.55
N LYS B 113 -18.77 -44.17 -61.68
CA LYS B 113 -18.27 -44.56 -63.00
C LYS B 113 -18.51 -46.04 -63.30
N ARG B 114 -19.72 -46.38 -63.72
CA ARG B 114 -20.01 -47.72 -64.21
C ARG B 114 -19.92 -47.74 -65.73
N ALA B 115 -19.67 -48.93 -66.27
CA ALA B 115 -19.79 -49.10 -67.72
C ALA B 115 -21.23 -48.86 -68.15
N ASP B 116 -21.40 -48.36 -69.37
CA ASP B 116 -22.72 -47.97 -69.83
C ASP B 116 -23.63 -49.17 -69.98
N ALA B 117 -24.94 -48.91 -69.97
CA ALA B 117 -25.94 -49.96 -70.07
C ALA B 117 -27.26 -49.35 -70.53
N ALA B 118 -27.94 -50.05 -71.43
CA ALA B 118 -29.25 -49.63 -71.92
C ALA B 118 -30.34 -50.16 -71.00
N PRO B 119 -31.40 -49.39 -70.78
CA PRO B 119 -32.42 -49.80 -69.80
C PRO B 119 -33.31 -50.92 -70.33
N THR B 120 -34.08 -51.49 -69.42
CA THR B 120 -35.11 -52.47 -69.73
C THR B 120 -36.47 -51.81 -69.48
N VAL B 121 -37.40 -52.03 -70.41
CA VAL B 121 -38.68 -51.33 -70.44
C VAL B 121 -39.80 -52.28 -70.09
N SER B 122 -40.87 -51.74 -69.53
CA SER B 122 -42.09 -52.52 -69.30
C SER B 122 -43.30 -51.59 -69.27
N ILE B 123 -44.43 -52.09 -69.74
CA ILE B 123 -45.68 -51.34 -69.80
C ILE B 123 -46.73 -52.03 -68.94
N PHE B 124 -47.54 -51.24 -68.23
CA PHE B 124 -48.63 -51.77 -67.44
C PHE B 124 -49.88 -50.93 -67.61
N PRO B 125 -50.90 -51.48 -68.26
CA PRO B 125 -52.22 -50.83 -68.29
C PRO B 125 -52.93 -51.01 -66.96
N PRO B 126 -53.96 -50.22 -66.70
CA PRO B 126 -54.66 -50.32 -65.41
C PRO B 126 -55.37 -51.66 -65.26
N SER B 127 -55.91 -51.89 -64.07
CA SER B 127 -56.61 -53.10 -63.72
C SER B 127 -58.11 -52.87 -63.63
N SER B 128 -58.87 -53.96 -63.73
CA SER B 128 -60.33 -53.86 -63.73
C SER B 128 -60.87 -53.25 -62.45
N GLU B 129 -60.18 -53.47 -61.32
CA GLU B 129 -60.56 -52.79 -60.09
C GLU B 129 -60.37 -51.28 -60.23
N GLN B 130 -59.25 -50.87 -60.83
CA GLN B 130 -58.98 -49.45 -61.01
C GLN B 130 -59.95 -48.81 -61.99
N LEU B 131 -60.31 -49.53 -63.07
CA LEU B 131 -61.34 -49.03 -63.96
C LEU B 131 -62.69 -48.94 -63.27
N THR B 132 -63.00 -49.93 -62.42
CA THR B 132 -64.25 -49.91 -61.68
C THR B 132 -64.33 -48.73 -60.74
N SER B 133 -63.19 -48.32 -60.16
CA SER B 133 -63.20 -47.15 -59.30
C SER B 133 -63.49 -45.87 -60.07
N GLY B 134 -63.17 -45.84 -61.36
CA GLY B 134 -63.47 -44.67 -62.17
C GLY B 134 -62.25 -44.04 -62.82
N GLY B 135 -61.22 -43.76 -62.03
CA GLY B 135 -59.97 -43.19 -62.53
C GLY B 135 -58.94 -44.28 -62.75
N LEU B 136 -58.20 -44.17 -63.86
CA LEU B 136 -57.26 -45.22 -64.23
C LEU B 136 -55.97 -44.58 -64.70
N SER B 137 -54.86 -45.32 -64.53
CA SER B 137 -53.54 -44.76 -64.77
C SER B 137 -52.67 -45.75 -65.51
N VAL B 138 -52.00 -45.25 -66.55
CA VAL B 138 -51.04 -46.02 -67.33
C VAL B 138 -49.67 -45.89 -66.70
N VAL B 139 -48.90 -46.98 -66.70
CA VAL B 139 -47.62 -47.05 -66.00
C VAL B 139 -46.55 -47.55 -66.98
N CYS B 140 -45.39 -46.90 -66.96
CA CYS B 140 -44.21 -47.36 -67.70
C CYS B 140 -43.02 -47.45 -66.75
N PHE B 141 -42.32 -48.57 -66.81
CA PHE B 141 -41.12 -48.81 -66.00
C PHE B 141 -39.88 -48.87 -66.88
N LEU B 142 -38.78 -48.33 -66.35
CA LEU B 142 -37.45 -48.45 -66.97
C LEU B 142 -36.46 -48.82 -65.88
N ASN B 143 -35.57 -49.75 -66.19
CA ASN B 143 -34.69 -50.31 -65.16
C ASN B 143 -33.26 -50.44 -65.67
N ASN B 144 -32.32 -50.30 -64.73
CA ASN B 144 -30.93 -50.71 -64.92
C ASN B 144 -30.25 -49.95 -66.07
N PHE B 145 -30.30 -48.63 -66.00
CA PHE B 145 -29.68 -47.79 -67.01
C PHE B 145 -28.56 -46.96 -66.38
N TYR B 146 -27.76 -46.35 -67.25
CA TYR B 146 -26.65 -45.49 -66.83
C TYR B 146 -26.22 -44.67 -68.03
N PRO B 147 -25.93 -43.37 -67.86
CA PRO B 147 -25.99 -42.60 -66.61
C PRO B 147 -27.37 -42.04 -66.30
N LYS B 148 -27.41 -40.98 -65.48
CA LYS B 148 -28.65 -40.56 -64.86
C LYS B 148 -29.60 -39.85 -65.83
N ASP B 149 -29.07 -39.21 -66.86
CA ASP B 149 -29.92 -38.45 -67.77
C ASP B 149 -30.67 -39.40 -68.70
N ILE B 150 -31.95 -39.10 -68.93
CA ILE B 150 -32.82 -39.93 -69.76
C ILE B 150 -33.97 -39.05 -70.23
N ASN B 151 -34.58 -39.43 -71.35
CA ASN B 151 -35.67 -38.65 -71.93
C ASN B 151 -36.88 -39.55 -72.14
N VAL B 152 -37.86 -39.43 -71.26
CA VAL B 152 -39.12 -40.14 -71.42
C VAL B 152 -40.07 -39.27 -72.22
N LYS B 153 -40.88 -39.89 -73.07
CA LYS B 153 -41.82 -39.14 -73.88
C LYS B 153 -43.09 -39.94 -74.07
N TRP B 154 -44.23 -39.30 -73.80
CA TRP B 154 -45.54 -39.95 -73.86
C TRP B 154 -46.25 -39.58 -75.15
N LYS B 155 -46.84 -40.57 -75.83
CA LYS B 155 -47.69 -40.27 -76.96
C LYS B 155 -48.94 -41.14 -76.96
N ILE B 156 -50.06 -40.52 -77.30
CA ILE B 156 -51.35 -41.17 -77.46
C ILE B 156 -51.79 -40.96 -78.90
N ASP B 157 -51.97 -42.07 -79.62
CA ASP B 157 -52.27 -42.04 -81.06
C ASP B 157 -51.25 -41.20 -81.81
N GLY B 158 -49.99 -41.32 -81.42
CA GLY B 158 -48.93 -40.55 -82.06
C GLY B 158 -49.07 -39.06 -81.86
N SER B 159 -49.42 -38.63 -80.64
CA SER B 159 -49.61 -37.22 -80.34
C SER B 159 -49.09 -36.92 -78.95
N GLU B 160 -48.42 -35.78 -78.82
CA GLU B 160 -47.82 -35.40 -77.55
C GLU B 160 -48.89 -35.09 -76.51
N ARG B 161 -48.53 -35.25 -75.24
CA ARG B 161 -49.43 -34.95 -74.13
C ARG B 161 -48.59 -34.57 -72.93
N GLN B 162 -48.82 -33.39 -72.37
CA GLN B 162 -47.95 -32.82 -71.34
C GLN B 162 -48.76 -32.40 -70.13
N ASN B 163 -49.53 -33.34 -69.56
CA ASN B 163 -50.27 -33.06 -68.35
C ASN B 163 -50.53 -34.37 -67.61
N GLY B 164 -50.67 -34.26 -66.29
CA GLY B 164 -50.87 -35.44 -65.46
C GLY B 164 -49.69 -36.38 -65.43
N VAL B 165 -48.48 -35.86 -65.60
CA VAL B 165 -47.28 -36.68 -65.66
C VAL B 165 -46.77 -36.93 -64.25
N LEU B 166 -46.41 -38.17 -63.95
CA LEU B 166 -45.76 -38.53 -62.69
C LEU B 166 -44.47 -39.24 -63.02
N ASN B 167 -43.35 -38.72 -62.51
CA ASN B 167 -42.03 -39.27 -62.76
C ASN B 167 -41.34 -39.53 -61.43
N SER B 168 -40.58 -40.62 -61.36
CA SER B 168 -39.82 -40.91 -60.15
C SER B 168 -38.54 -41.63 -60.52
N TRP B 169 -37.43 -41.16 -59.95
CA TRP B 169 -36.12 -41.77 -60.14
C TRP B 169 -35.60 -42.27 -58.80
N THR B 170 -35.03 -43.48 -58.82
CA THR B 170 -34.43 -44.02 -57.61
C THR B 170 -33.08 -43.33 -57.34
N ASP B 171 -32.53 -43.61 -56.17
CA ASP B 171 -31.19 -43.16 -55.83
C ASP B 171 -30.18 -44.21 -56.30
N GLN B 172 -28.91 -44.02 -55.98
CA GLN B 172 -27.88 -44.93 -56.44
C GLN B 172 -27.97 -46.26 -55.70
N ASP B 173 -27.91 -47.36 -56.44
CA ASP B 173 -27.88 -48.68 -55.83
C ASP B 173 -26.50 -48.95 -55.24
N SER B 174 -26.48 -49.76 -54.18
CA SER B 174 -25.23 -50.03 -53.48
C SER B 174 -24.43 -51.13 -54.16
N LYS B 175 -25.09 -52.15 -54.69
CA LYS B 175 -24.37 -53.34 -55.16
C LYS B 175 -23.75 -53.12 -56.54
N ASP B 176 -24.59 -52.97 -57.57
CA ASP B 176 -24.10 -52.83 -58.93
C ASP B 176 -24.09 -51.39 -59.43
N SER B 177 -24.69 -50.45 -58.69
CA SER B 177 -24.71 -49.04 -59.02
C SER B 177 -25.36 -48.80 -60.40
N THR B 178 -26.65 -49.09 -60.45
CA THR B 178 -27.48 -48.82 -61.61
C THR B 178 -28.60 -47.87 -61.21
N TYR B 179 -29.47 -47.56 -62.17
CA TYR B 179 -30.56 -46.63 -61.96
C TYR B 179 -31.88 -47.27 -62.41
N SER B 180 -32.98 -46.57 -62.12
CA SER B 180 -34.30 -47.03 -62.50
C SER B 180 -35.27 -45.86 -62.38
N MET B 181 -36.21 -45.77 -63.32
CA MET B 181 -37.23 -44.74 -63.28
C MET B 181 -38.60 -45.35 -63.55
N SER B 182 -39.63 -44.61 -63.16
CA SER B 182 -41.00 -45.04 -63.37
C SER B 182 -41.87 -43.82 -63.63
N SER B 183 -42.76 -43.93 -64.62
CA SER B 183 -43.67 -42.86 -64.98
C SER B 183 -45.10 -43.38 -65.01
N THR B 184 -46.04 -42.47 -64.77
CA THR B 184 -47.44 -42.83 -64.68
C THR B 184 -48.32 -41.63 -65.01
N LEU B 185 -49.36 -41.86 -65.80
CA LEU B 185 -50.34 -40.82 -66.11
C LEU B 185 -51.75 -41.27 -65.74
N THR B 186 -52.55 -40.32 -65.27
CA THR B 186 -53.89 -40.57 -64.75
C THR B 186 -54.93 -39.95 -65.67
N LEU B 187 -55.96 -40.73 -65.99
CA LEU B 187 -57.04 -40.31 -66.88
C LEU B 187 -58.36 -40.77 -66.29
N THR B 188 -59.45 -40.14 -66.74
CA THR B 188 -60.77 -40.62 -66.40
C THR B 188 -61.21 -41.71 -67.38
N LYS B 189 -62.35 -42.31 -67.09
CA LYS B 189 -62.73 -43.55 -67.77
C LYS B 189 -63.18 -43.32 -69.20
N ASP B 190 -63.69 -42.13 -69.53
CA ASP B 190 -64.27 -41.93 -70.86
C ASP B 190 -63.20 -41.75 -71.93
N GLU B 191 -62.22 -40.87 -71.70
CA GLU B 191 -61.23 -40.61 -72.74
C GLU B 191 -60.25 -41.75 -72.95
N TYR B 192 -60.22 -42.72 -72.03
CA TYR B 192 -59.32 -43.85 -72.20
C TYR B 192 -59.74 -44.74 -73.37
N GLU B 193 -61.01 -45.16 -73.37
CA GLU B 193 -61.50 -46.08 -74.39
C GLU B 193 -61.59 -45.45 -75.77
N ARG B 194 -61.45 -44.13 -75.86
CA ARG B 194 -61.49 -43.47 -77.16
C ARG B 194 -60.31 -43.86 -78.04
N HIS B 195 -59.16 -44.13 -77.43
CA HIS B 195 -57.90 -44.24 -78.17
C HIS B 195 -57.27 -45.59 -77.90
N ASN B 196 -56.44 -46.04 -78.85
CA ASN B 196 -55.74 -47.32 -78.75
C ASN B 196 -54.23 -47.14 -78.63
N SER B 197 -53.60 -46.47 -79.59
CA SER B 197 -52.14 -46.39 -79.65
C SER B 197 -51.60 -45.62 -78.45
N TYR B 198 -51.04 -46.34 -77.49
CA TYR B 198 -50.44 -45.73 -76.30
C TYR B 198 -48.97 -46.12 -76.25
N THR B 199 -48.08 -45.13 -76.19
CA THR B 199 -46.66 -45.43 -76.30
C THR B 199 -45.80 -44.57 -75.38
N CYS B 200 -44.79 -45.22 -74.81
CA CYS B 200 -43.70 -44.59 -74.08
C CYS B 200 -42.41 -44.67 -74.90
N GLU B 201 -41.67 -43.57 -74.93
CA GLU B 201 -40.38 -43.49 -75.60
C GLU B 201 -39.29 -43.22 -74.58
N ALA B 202 -38.18 -43.95 -74.72
CA ALA B 202 -37.01 -43.82 -73.85
C ALA B 202 -35.81 -43.44 -74.73
N THR B 203 -35.50 -42.15 -74.79
CA THR B 203 -34.33 -41.66 -75.50
C THR B 203 -33.15 -41.56 -74.56
N HIS B 204 -32.03 -42.17 -74.94
CA HIS B 204 -30.86 -42.25 -74.08
C HIS B 204 -29.61 -42.14 -74.93
N LYS B 205 -28.49 -41.85 -74.27
CA LYS B 205 -27.23 -41.57 -74.97
C LYS B 205 -26.60 -42.82 -75.57
N THR B 206 -26.96 -44.01 -75.10
CA THR B 206 -26.31 -45.23 -75.55
C THR B 206 -26.74 -45.67 -76.93
N SER B 207 -27.71 -45.00 -77.56
CA SER B 207 -28.12 -45.35 -78.91
C SER B 207 -28.77 -44.14 -79.56
N THR B 208 -28.98 -44.24 -80.87
CA THR B 208 -29.62 -43.17 -81.62
C THR B 208 -31.13 -43.36 -81.74
N SER B 209 -31.60 -44.61 -81.73
CA SER B 209 -33.02 -44.89 -81.89
C SER B 209 -33.68 -44.93 -80.52
N PRO B 210 -34.64 -44.06 -80.23
CA PRO B 210 -35.34 -44.13 -78.95
C PRO B 210 -36.12 -45.42 -78.80
N ILE B 211 -36.15 -45.93 -77.57
CA ILE B 211 -36.85 -47.17 -77.27
C ILE B 211 -38.34 -46.87 -77.26
N VAL B 212 -39.05 -47.33 -78.28
CA VAL B 212 -40.48 -47.06 -78.44
C VAL B 212 -41.24 -48.32 -78.04
N LYS B 213 -42.16 -48.19 -77.08
CA LYS B 213 -42.96 -49.31 -76.62
C LYS B 213 -44.42 -48.88 -76.53
N SER B 214 -45.30 -49.61 -77.21
CA SER B 214 -46.68 -49.19 -77.34
C SER B 214 -47.60 -50.39 -77.07
N PHE B 215 -48.91 -50.08 -77.06
CA PHE B 215 -49.93 -51.12 -77.01
C PHE B 215 -51.25 -50.51 -77.47
N ASN B 216 -52.18 -51.40 -77.79
CA ASN B 216 -53.58 -51.10 -78.06
C ASN B 216 -54.43 -51.81 -77.01
N ARG B 217 -55.75 -51.60 -77.09
CA ARG B 217 -56.64 -52.04 -76.02
C ARG B 217 -57.12 -53.48 -76.15
N ASN B 218 -57.12 -54.05 -77.36
CA ASN B 218 -57.89 -55.25 -77.62
C ASN B 218 -57.07 -56.52 -77.80
N GLU B 219 -55.90 -56.42 -78.42
CA GLU B 219 -55.17 -57.62 -78.82
C GLU B 219 -54.54 -58.33 -77.63
N CYS B 220 -54.29 -59.62 -77.81
CA CYS B 220 -53.58 -60.44 -76.83
C CYS B 220 -52.62 -61.39 -77.52
N GLU C 1 -15.51 -31.50 -28.60
CA GLU C 1 -16.88 -31.96 -28.53
C GLU C 1 -17.85 -30.80 -28.72
N VAL C 2 -18.58 -30.82 -29.83
CA VAL C 2 -19.54 -29.80 -30.17
C VAL C 2 -20.70 -30.45 -30.90
N GLN C 3 -21.93 -30.03 -30.59
CA GLN C 3 -23.06 -30.64 -31.26
C GLN C 3 -24.28 -29.73 -31.19
N LEU C 4 -24.97 -29.61 -32.32
CA LEU C 4 -26.27 -28.98 -32.41
C LEU C 4 -27.32 -30.06 -32.61
N GLN C 5 -28.55 -29.78 -32.16
CA GLN C 5 -29.66 -30.68 -32.37
C GLN C 5 -30.89 -29.87 -32.75
N GLU C 6 -31.81 -30.55 -33.44
CA GLU C 6 -33.11 -29.97 -33.76
C GLU C 6 -34.20 -30.98 -33.42
N SER C 7 -35.45 -30.54 -33.51
CA SER C 7 -36.58 -31.38 -33.15
C SER C 7 -36.80 -32.44 -34.23
N GLY C 8 -37.97 -33.07 -34.19
CA GLY C 8 -38.31 -34.10 -35.14
C GLY C 8 -39.09 -33.56 -36.32
N PRO C 9 -39.46 -34.45 -37.25
CA PRO C 9 -40.20 -34.01 -38.44
C PRO C 9 -41.55 -33.41 -38.07
N GLU C 10 -42.07 -32.61 -38.98
CA GLU C 10 -43.28 -31.84 -38.71
C GLU C 10 -44.29 -32.01 -39.84
N LEU C 11 -45.53 -32.32 -39.46
CA LEU C 11 -46.68 -32.32 -40.38
C LEU C 11 -47.66 -31.28 -39.87
N VAL C 12 -47.83 -30.20 -40.63
CA VAL C 12 -48.63 -29.07 -40.17
C VAL C 12 -49.66 -28.72 -41.24
N LYS C 13 -50.90 -28.46 -40.79
CA LYS C 13 -51.96 -28.09 -41.71
C LYS C 13 -51.88 -26.60 -42.05
N THR C 14 -52.66 -26.21 -43.05
CA THR C 14 -52.53 -24.89 -43.65
C THR C 14 -53.04 -23.80 -42.71
N GLY C 15 -52.33 -22.68 -42.68
CA GLY C 15 -52.80 -21.48 -42.00
C GLY C 15 -52.45 -21.39 -40.53
N ALA C 16 -51.98 -22.47 -39.92
CA ALA C 16 -51.67 -22.47 -38.50
C ALA C 16 -50.29 -21.86 -38.28
N SER C 17 -49.81 -21.92 -37.04
CA SER C 17 -48.48 -21.46 -36.68
C SER C 17 -47.72 -22.60 -36.01
N VAL C 18 -46.41 -22.65 -36.26
CA VAL C 18 -45.58 -23.74 -35.75
C VAL C 18 -44.31 -23.13 -35.16
N LYS C 19 -43.62 -23.91 -34.34
CA LYS C 19 -42.43 -23.44 -33.65
C LYS C 19 -41.35 -24.49 -33.74
N ILE C 20 -40.14 -24.08 -34.10
CA ILE C 20 -39.04 -25.00 -34.35
C ILE C 20 -37.86 -24.59 -33.47
N SER C 21 -37.07 -25.59 -33.06
CA SER C 21 -36.06 -25.38 -32.03
C SER C 21 -34.69 -25.88 -32.47
N CYS C 22 -33.65 -25.16 -32.05
CA CYS C 22 -32.26 -25.53 -32.27
C CYS C 22 -31.54 -25.48 -30.93
N LYS C 23 -31.10 -26.64 -30.44
CA LYS C 23 -30.48 -26.76 -29.13
C LYS C 23 -28.98 -26.94 -29.28
N ALA C 24 -28.21 -26.15 -28.53
CA ALA C 24 -26.76 -26.20 -28.57
C ALA C 24 -26.22 -27.06 -27.45
N SER C 25 -25.04 -27.64 -27.66
CA SER C 25 -24.42 -28.46 -26.62
C SER C 25 -22.92 -28.51 -26.85
N GLY C 26 -22.16 -28.11 -25.85
CA GLY C 26 -20.74 -28.34 -25.84
C GLY C 26 -19.84 -27.16 -26.15
N TYR C 27 -20.32 -25.93 -26.02
CA TYR C 27 -19.49 -24.76 -26.26
C TYR C 27 -20.09 -23.57 -25.53
N SER C 28 -19.45 -22.41 -25.70
CA SER C 28 -19.91 -21.17 -25.09
C SER C 28 -21.11 -20.65 -25.87
N PHE C 29 -22.28 -20.66 -25.24
CA PHE C 29 -23.52 -20.30 -25.92
C PHE C 29 -23.73 -18.81 -26.02
N SER C 30 -22.97 -18.00 -25.28
CA SER C 30 -23.22 -16.57 -25.21
C SER C 30 -22.50 -15.76 -26.29
N ASN C 31 -21.65 -16.39 -27.09
CA ASN C 31 -20.90 -15.65 -28.11
C ASN C 31 -21.58 -15.72 -29.47
N TYR C 32 -21.79 -16.93 -29.98
CA TYR C 32 -22.02 -17.14 -31.40
C TYR C 32 -23.37 -16.62 -31.87
N TYR C 33 -23.36 -15.91 -33.01
CA TYR C 33 -24.58 -15.69 -33.78
C TYR C 33 -25.22 -17.03 -34.15
N ILE C 34 -26.54 -17.00 -34.31
CA ILE C 34 -27.28 -18.13 -34.87
C ILE C 34 -27.91 -17.66 -36.18
N HIS C 35 -27.57 -18.35 -37.28
CA HIS C 35 -28.13 -18.10 -38.60
C HIS C 35 -29.17 -19.16 -38.91
N TRP C 36 -30.39 -18.73 -39.23
CA TRP C 36 -31.40 -19.64 -39.73
C TRP C 36 -31.40 -19.61 -41.25
N VAL C 37 -31.29 -20.81 -41.85
CA VAL C 37 -31.30 -20.97 -43.29
C VAL C 37 -32.30 -22.04 -43.69
N LYS C 38 -32.74 -21.96 -44.93
CA LYS C 38 -33.82 -22.77 -45.50
C LYS C 38 -33.26 -23.59 -46.66
N GLN C 39 -33.96 -24.67 -47.01
CA GLN C 39 -33.62 -25.41 -48.22
C GLN C 39 -34.86 -26.13 -48.72
N SER C 40 -35.36 -25.73 -49.88
CA SER C 40 -36.43 -26.45 -50.53
C SER C 40 -35.88 -27.75 -51.12
N HIS C 41 -36.74 -28.49 -51.80
CA HIS C 41 -36.34 -29.74 -52.45
C HIS C 41 -35.99 -29.43 -53.90
N GLY C 42 -34.70 -29.55 -54.22
CA GLY C 42 -34.26 -29.34 -55.59
C GLY C 42 -34.09 -27.88 -55.97
N LYS C 43 -33.53 -27.07 -55.08
CA LYS C 43 -33.23 -25.68 -55.38
C LYS C 43 -31.93 -25.31 -54.68
N SER C 44 -31.65 -24.01 -54.59
CA SER C 44 -30.47 -23.52 -53.91
C SER C 44 -30.68 -23.53 -52.40
N LEU C 45 -30.01 -22.64 -51.68
CA LEU C 45 -30.23 -22.44 -50.25
C LEU C 45 -30.50 -20.96 -49.99
N GLU C 46 -31.66 -20.68 -49.41
CA GLU C 46 -32.11 -19.32 -49.16
C GLU C 46 -31.37 -18.69 -47.98
N TRP C 47 -32.05 -17.83 -47.23
CA TRP C 47 -31.46 -17.24 -46.03
C TRP C 47 -32.60 -16.66 -45.20
N ILE C 48 -32.96 -17.35 -44.11
CA ILE C 48 -34.02 -16.86 -43.23
C ILE C 48 -33.57 -15.59 -42.54
N GLY C 49 -32.51 -15.67 -41.76
CA GLY C 49 -32.02 -14.47 -41.07
C GLY C 49 -31.03 -14.85 -39.99
N PHE C 50 -30.80 -13.92 -39.06
CA PHE C 50 -29.93 -14.27 -37.95
C PHE C 50 -30.26 -13.48 -36.70
N ILE C 51 -29.84 -14.03 -35.56
CA ILE C 51 -29.97 -13.38 -34.27
C ILE C 51 -28.69 -13.51 -33.47
N SER C 52 -28.52 -12.58 -32.53
CA SER C 52 -27.27 -12.41 -31.79
C SER C 52 -27.07 -13.48 -30.73
N CYS C 53 -28.12 -14.19 -30.34
CA CYS C 53 -28.05 -15.27 -29.37
C CYS C 53 -27.49 -14.82 -28.02
N TYR C 54 -27.35 -13.51 -27.81
CA TYR C 54 -26.97 -12.97 -26.51
C TYR C 54 -28.00 -12.02 -25.95
N ASN C 55 -28.64 -11.20 -26.79
CA ASN C 55 -29.65 -10.28 -26.31
C ASN C 55 -30.85 -10.15 -27.24
N GLY C 56 -30.94 -10.98 -28.28
CA GLY C 56 -32.13 -11.01 -29.10
C GLY C 56 -32.19 -10.00 -30.22
N ALA C 57 -31.07 -9.39 -30.58
CA ALA C 57 -31.04 -8.50 -31.73
C ALA C 57 -31.22 -9.31 -33.00
N THR C 58 -32.20 -8.93 -33.82
CA THR C 58 -32.60 -9.72 -34.97
C THR C 58 -32.19 -9.02 -36.26
N PHE C 59 -32.13 -9.80 -37.34
CA PHE C 59 -32.06 -9.21 -38.67
C PHE C 59 -32.59 -10.20 -39.68
N TYR C 60 -33.40 -9.71 -40.60
CA TYR C 60 -34.13 -10.49 -41.58
C TYR C 60 -33.63 -10.17 -42.98
N ASN C 61 -34.19 -10.87 -43.96
CA ASN C 61 -34.04 -10.56 -45.37
C ASN C 61 -35.38 -10.05 -45.90
N GLN C 62 -35.33 -9.46 -47.10
CA GLN C 62 -36.56 -8.84 -47.63
C GLN C 62 -37.60 -9.87 -48.02
N LYS C 63 -37.18 -11.04 -48.51
CA LYS C 63 -38.14 -12.04 -48.96
C LYS C 63 -39.01 -12.59 -47.84
N PHE C 64 -38.54 -12.51 -46.59
CA PHE C 64 -39.23 -13.13 -45.46
C PHE C 64 -39.59 -12.11 -44.38
N LYS C 65 -39.76 -10.85 -44.75
CA LYS C 65 -40.05 -9.81 -43.78
C LYS C 65 -41.48 -9.96 -43.29
N GLY C 66 -41.66 -10.59 -42.14
CA GLY C 66 -42.96 -10.72 -41.52
C GLY C 66 -43.52 -12.12 -41.46
N LYS C 67 -42.84 -13.10 -42.05
CA LYS C 67 -43.30 -14.48 -42.00
C LYS C 67 -42.57 -15.31 -40.95
N ALA C 68 -41.85 -14.66 -40.04
CA ALA C 68 -41.08 -15.39 -39.03
C ALA C 68 -40.85 -14.49 -37.83
N THR C 69 -40.42 -15.11 -36.73
CA THR C 69 -40.03 -14.37 -35.54
C THR C 69 -39.04 -15.24 -34.77
N PHE C 70 -38.04 -14.61 -34.18
CA PHE C 70 -36.96 -15.32 -33.52
C PHE C 70 -36.98 -15.05 -32.02
N THR C 71 -36.73 -16.10 -31.23
CA THR C 71 -36.59 -15.94 -29.79
C THR C 71 -35.44 -16.83 -29.33
N VAL C 72 -34.95 -16.55 -28.11
CA VAL C 72 -33.87 -17.33 -27.52
C VAL C 72 -34.22 -17.63 -26.06
N ASP C 73 -33.55 -18.62 -25.51
CA ASP C 73 -33.64 -18.97 -24.10
C ASP C 73 -32.25 -19.33 -23.62
N ASN C 74 -31.69 -18.49 -22.74
CA ASN C 74 -30.33 -18.66 -22.27
C ASN C 74 -30.23 -19.61 -21.09
N SER C 75 -31.31 -19.80 -20.34
CA SER C 75 -31.27 -20.69 -19.19
C SER C 75 -31.10 -22.15 -19.61
N SER C 76 -31.57 -22.51 -20.79
CA SER C 76 -31.46 -23.87 -21.28
C SER C 76 -30.63 -23.96 -22.57
N SER C 77 -30.05 -22.85 -23.02
CA SER C 77 -29.20 -22.82 -24.21
C SER C 77 -29.95 -23.33 -25.43
N THR C 78 -30.95 -22.54 -25.86
CA THR C 78 -31.83 -22.97 -26.93
C THR C 78 -32.26 -21.78 -27.77
N ALA C 79 -32.40 -21.97 -29.07
CA ALA C 79 -32.94 -20.96 -29.96
C ALA C 79 -34.24 -21.46 -30.57
N TYR C 80 -35.18 -20.54 -30.79
CA TYR C 80 -36.49 -20.87 -31.33
C TYR C 80 -36.82 -19.96 -32.49
N MET C 81 -37.42 -20.54 -33.54
CA MET C 81 -38.04 -19.79 -34.62
C MET C 81 -39.52 -20.08 -34.59
N LYS C 82 -40.32 -19.06 -34.28
CA LYS C 82 -41.77 -19.12 -34.43
C LYS C 82 -42.12 -18.74 -35.86
N PHE C 83 -43.09 -19.44 -36.43
CA PHE C 83 -43.34 -19.40 -37.87
C PHE C 83 -44.85 -19.34 -38.06
N ASN C 84 -45.36 -18.16 -38.41
CA ASN C 84 -46.79 -17.92 -38.58
C ASN C 84 -47.12 -17.62 -40.03
N SER C 85 -48.41 -17.39 -40.29
CA SER C 85 -48.91 -17.11 -41.64
C SER C 85 -48.48 -18.19 -42.61
N LEU C 86 -48.47 -19.43 -42.13
CA LEU C 86 -47.89 -20.54 -42.87
C LEU C 86 -48.75 -20.90 -44.08
N THR C 87 -48.11 -21.02 -45.23
CA THR C 87 -48.76 -21.39 -46.48
C THR C 87 -48.12 -22.68 -47.02
N PHE C 88 -48.50 -23.05 -48.26
CA PHE C 88 -48.01 -24.30 -48.83
C PHE C 88 -46.55 -24.21 -49.26
N GLU C 89 -46.11 -23.04 -49.72
CA GLU C 89 -44.81 -22.92 -50.36
C GLU C 89 -43.64 -22.94 -49.37
N ASP C 90 -43.84 -23.56 -48.21
CA ASP C 90 -42.80 -23.59 -47.18
C ASP C 90 -42.50 -24.99 -46.69
N SER C 91 -42.86 -26.01 -47.46
CA SER C 91 -42.53 -27.39 -47.11
C SER C 91 -41.09 -27.64 -47.50
N ALA C 92 -40.19 -27.70 -46.52
CA ALA C 92 -38.77 -27.72 -46.82
C ALA C 92 -37.99 -28.19 -45.61
N VAL C 93 -36.67 -28.27 -45.76
CA VAL C 93 -35.77 -28.67 -44.69
C VAL C 93 -35.06 -27.43 -44.19
N TYR C 94 -35.16 -27.16 -42.89
CA TYR C 94 -34.56 -25.98 -42.29
C TYR C 94 -33.32 -26.36 -41.50
N TYR C 95 -32.29 -25.51 -41.58
CA TYR C 95 -31.02 -25.70 -40.89
C TYR C 95 -30.73 -24.49 -40.01
N CYS C 96 -30.09 -24.75 -38.87
CA CYS C 96 -29.56 -23.72 -37.99
C CYS C 96 -28.04 -23.83 -37.97
N ALA C 97 -27.36 -22.68 -38.00
CA ALA C 97 -25.90 -22.66 -38.10
C ALA C 97 -25.31 -21.67 -37.12
N ARG C 98 -24.04 -21.88 -36.80
CA ARG C 98 -23.31 -21.14 -35.78
C ARG C 98 -22.32 -20.18 -36.43
N LEU C 99 -22.09 -19.04 -35.77
CA LEU C 99 -21.04 -18.14 -36.30
C LEU C 99 -20.36 -17.41 -35.15
N PRO C 100 -19.04 -17.22 -35.19
CA PRO C 100 -18.39 -16.48 -34.11
C PRO C 100 -18.66 -14.98 -34.23
N ILE C 101 -19.10 -14.38 -33.13
CA ILE C 101 -19.51 -12.98 -33.15
C ILE C 101 -18.31 -12.05 -33.21
N GLN C 102 -17.16 -12.51 -32.71
CA GLN C 102 -16.04 -11.60 -32.49
C GLN C 102 -15.30 -11.25 -33.77
N PHE C 103 -15.39 -12.09 -34.79
CA PHE C 103 -14.78 -11.79 -36.09
C PHE C 103 -15.59 -12.43 -37.21
N GLY C 104 -16.88 -12.14 -37.25
CA GLY C 104 -17.74 -12.61 -38.30
C GLY C 104 -17.45 -11.95 -39.64
N ASN C 105 -18.31 -12.28 -40.62
CA ASN C 105 -18.26 -11.75 -41.98
C ASN C 105 -17.00 -12.14 -42.74
N PHE C 106 -15.96 -12.58 -42.02
CA PHE C 106 -14.72 -13.00 -42.67
C PHE C 106 -14.33 -14.41 -42.25
N TYR C 107 -15.27 -15.18 -41.70
CA TYR C 107 -14.99 -16.51 -41.17
C TYR C 107 -16.17 -17.40 -41.52
N PRO C 108 -15.94 -18.65 -41.87
CA PRO C 108 -17.05 -19.51 -42.31
C PRO C 108 -18.02 -19.86 -41.20
N MET C 109 -19.05 -20.61 -41.54
CA MET C 109 -19.93 -21.19 -40.53
C MET C 109 -19.34 -22.51 -40.05
N ASP C 110 -19.22 -22.66 -38.73
CA ASP C 110 -18.49 -23.81 -38.18
C ASP C 110 -19.29 -25.10 -38.33
N TYR C 111 -20.44 -25.20 -37.64
CA TYR C 111 -21.16 -26.46 -37.56
C TYR C 111 -22.64 -26.22 -37.83
N TRP C 112 -23.35 -27.33 -38.03
CA TRP C 112 -24.69 -27.32 -38.58
C TRP C 112 -25.53 -28.35 -37.84
N GLY C 113 -26.82 -28.07 -37.70
CA GLY C 113 -27.74 -29.03 -37.14
C GLY C 113 -28.10 -30.12 -38.12
N GLN C 114 -28.68 -31.19 -37.61
CA GLN C 114 -29.05 -32.30 -38.49
C GLN C 114 -30.24 -31.96 -39.39
N GLY C 115 -30.94 -30.86 -39.11
CA GLY C 115 -31.97 -30.38 -40.01
C GLY C 115 -33.36 -30.92 -39.75
N THR C 116 -34.38 -30.07 -39.93
CA THR C 116 -35.75 -30.45 -39.67
C THR C 116 -36.57 -30.36 -40.95
N THR C 117 -37.39 -31.38 -41.20
CA THR C 117 -38.29 -31.37 -42.36
C THR C 117 -39.69 -30.94 -41.94
N VAL C 118 -40.21 -29.91 -42.61
CA VAL C 118 -41.53 -29.38 -42.32
C VAL C 118 -42.39 -29.56 -43.56
N THR C 119 -43.47 -30.33 -43.43
CA THR C 119 -44.40 -30.58 -44.51
C THR C 119 -45.71 -29.83 -44.22
N VAL C 120 -46.21 -29.12 -45.23
CA VAL C 120 -47.43 -28.35 -45.12
C VAL C 120 -48.52 -29.07 -45.90
N SER C 121 -49.69 -29.23 -45.28
CA SER C 121 -50.80 -29.92 -45.91
C SER C 121 -52.08 -29.11 -45.74
N SER C 122 -53.12 -29.57 -46.41
CA SER C 122 -54.44 -28.96 -46.32
C SER C 122 -55.57 -29.97 -46.26
N ALA C 123 -55.33 -31.24 -46.57
CA ALA C 123 -56.37 -32.25 -46.57
C ALA C 123 -56.43 -32.93 -45.20
N LYS C 124 -57.22 -33.98 -45.09
CA LYS C 124 -57.42 -34.73 -43.86
C LYS C 124 -56.90 -36.15 -44.04
N THR C 125 -56.92 -36.92 -42.95
CA THR C 125 -56.46 -38.29 -42.99
C THR C 125 -57.29 -39.10 -43.98
N THR C 126 -56.60 -39.85 -44.84
CA THR C 126 -57.27 -40.58 -45.91
C THR C 126 -56.66 -41.97 -46.03
N ALA C 127 -57.53 -42.98 -46.12
CA ALA C 127 -57.07 -44.34 -46.34
C ALA C 127 -56.53 -44.49 -47.76
N PRO C 128 -55.61 -45.42 -47.98
CA PRO C 128 -55.05 -45.63 -49.31
C PRO C 128 -55.98 -46.47 -50.18
N SER C 129 -55.58 -46.63 -51.43
CA SER C 129 -56.18 -47.62 -52.33
C SER C 129 -55.05 -48.36 -53.01
N VAL C 130 -54.95 -49.67 -52.75
CA VAL C 130 -53.82 -50.47 -53.21
C VAL C 130 -54.24 -51.23 -54.46
N TYR C 131 -53.50 -51.04 -55.56
CA TYR C 131 -53.84 -51.65 -56.82
C TYR C 131 -52.73 -52.57 -57.30
N PRO C 132 -53.05 -53.71 -57.88
CA PRO C 132 -52.00 -54.57 -58.47
C PRO C 132 -51.69 -54.15 -59.91
N LEU C 133 -50.55 -54.65 -60.40
CA LEU C 133 -50.04 -54.29 -61.72
C LEU C 133 -49.48 -55.54 -62.37
N ALA C 134 -50.28 -56.16 -63.24
CA ALA C 134 -49.98 -57.34 -64.03
C ALA C 134 -49.71 -56.96 -65.47
N PRO C 135 -48.86 -57.71 -66.17
CA PRO C 135 -48.47 -57.31 -67.54
C PRO C 135 -49.61 -57.38 -68.54
N VAL C 136 -49.31 -56.97 -69.78
CA VAL C 136 -50.30 -57.05 -70.85
C VAL C 136 -50.43 -58.50 -71.31
N CYS C 137 -51.61 -58.86 -71.79
CA CYS C 137 -51.86 -60.20 -72.26
C CYS C 137 -51.00 -60.52 -73.48
N GLY C 138 -50.24 -61.61 -73.40
CA GLY C 138 -49.36 -61.99 -74.48
C GLY C 138 -48.48 -63.17 -74.07
N ASP C 139 -47.44 -63.39 -74.87
CA ASP C 139 -46.52 -64.49 -74.63
C ASP C 139 -45.39 -64.04 -73.70
N THR C 140 -44.85 -65.01 -72.95
CA THR C 140 -43.67 -64.76 -72.14
C THR C 140 -42.46 -64.63 -73.06
N THR C 141 -42.10 -63.39 -73.40
CA THR C 141 -41.05 -63.15 -74.38
C THR C 141 -39.69 -63.60 -73.84
N GLY C 142 -39.22 -62.94 -72.78
CA GLY C 142 -37.94 -63.27 -72.17
C GLY C 142 -38.13 -63.98 -70.83
N SER C 143 -36.99 -64.40 -70.27
CA SER C 143 -37.02 -65.07 -68.97
C SER C 143 -37.28 -64.07 -67.85
N SER C 144 -36.74 -62.86 -67.96
CA SER C 144 -36.94 -61.84 -66.94
C SER C 144 -38.34 -61.27 -67.05
N VAL C 145 -39.13 -61.40 -65.99
CA VAL C 145 -40.49 -60.89 -65.94
C VAL C 145 -40.64 -59.98 -64.72
N THR C 146 -41.42 -58.93 -64.88
CA THR C 146 -41.55 -57.88 -63.88
C THR C 146 -43.02 -57.70 -63.50
N LEU C 147 -43.28 -57.66 -62.19
CA LEU C 147 -44.62 -57.45 -61.66
C LEU C 147 -44.61 -56.24 -60.74
N GLY C 148 -45.72 -55.49 -60.71
CA GLY C 148 -45.75 -54.22 -60.01
C GLY C 148 -46.96 -54.08 -59.09
N CYS C 149 -46.90 -53.06 -58.25
CA CYS C 149 -48.00 -52.71 -57.36
C CYS C 149 -48.03 -51.19 -57.16
N LEU C 150 -49.19 -50.60 -57.36
CA LEU C 150 -49.43 -49.19 -57.06
C LEU C 150 -50.07 -49.04 -55.69
N VAL C 151 -49.81 -47.90 -55.06
CA VAL C 151 -50.52 -47.44 -53.88
C VAL C 151 -50.91 -45.99 -54.14
N LYS C 152 -52.22 -45.74 -54.25
CA LYS C 152 -52.74 -44.46 -54.75
C LYS C 152 -53.53 -43.75 -53.67
N GLY C 153 -53.42 -42.42 -53.64
CA GLY C 153 -54.27 -41.60 -52.80
C GLY C 153 -53.63 -41.10 -51.52
N TYR C 154 -53.29 -42.06 -50.65
CA TYR C 154 -53.18 -41.92 -49.20
C TYR C 154 -52.49 -40.67 -48.66
N PHE C 155 -52.70 -40.43 -47.37
CA PHE C 155 -52.10 -39.35 -46.61
C PHE C 155 -52.15 -39.77 -45.15
N PRO C 156 -51.13 -39.44 -44.34
CA PRO C 156 -49.86 -38.86 -44.74
C PRO C 156 -48.76 -39.90 -44.80
N GLU C 157 -47.51 -39.43 -44.93
CA GLU C 157 -46.38 -40.34 -44.96
C GLU C 157 -46.13 -40.89 -43.56
N PRO C 158 -45.53 -42.09 -43.44
CA PRO C 158 -45.15 -42.97 -44.54
C PRO C 158 -46.10 -44.14 -44.71
N VAL C 159 -45.69 -45.09 -45.56
CA VAL C 159 -46.35 -46.38 -45.69
C VAL C 159 -45.28 -47.42 -45.90
N THR C 160 -45.42 -48.58 -45.25
CA THR C 160 -44.42 -49.63 -45.36
C THR C 160 -44.93 -50.70 -46.31
N LEU C 161 -44.10 -51.03 -47.30
CA LEU C 161 -44.45 -51.99 -48.34
C LEU C 161 -43.48 -53.17 -48.29
N THR C 162 -44.02 -54.37 -48.39
CA THR C 162 -43.21 -55.58 -48.50
C THR C 162 -43.78 -56.49 -49.58
N TRP C 163 -43.00 -57.49 -49.94
CA TRP C 163 -43.38 -58.48 -50.93
C TRP C 163 -43.44 -59.84 -50.26
N ASN C 164 -44.63 -60.45 -50.26
CA ASN C 164 -44.87 -61.72 -49.57
C ASN C 164 -44.42 -61.65 -48.11
N SER C 165 -44.80 -60.54 -47.46
CA SER C 165 -44.43 -60.28 -46.07
C SER C 165 -42.90 -60.29 -45.89
N GLY C 166 -42.20 -59.74 -46.87
CA GLY C 166 -40.75 -59.68 -46.81
C GLY C 166 -40.07 -61.01 -47.01
N SER C 167 -40.63 -61.87 -47.86
CA SER C 167 -40.02 -63.17 -48.10
C SER C 167 -38.72 -63.04 -48.88
N LEU C 168 -38.74 -62.30 -49.99
CA LEU C 168 -37.57 -62.09 -50.81
C LEU C 168 -37.37 -60.60 -51.02
N SER C 169 -36.12 -60.22 -51.30
CA SER C 169 -35.76 -58.83 -51.56
C SER C 169 -34.70 -58.76 -52.65
N SER C 170 -34.90 -59.54 -53.71
CA SER C 170 -33.99 -59.53 -54.87
C SER C 170 -34.66 -58.77 -56.01
N GLY C 171 -34.02 -57.67 -56.43
CA GLY C 171 -34.59 -56.85 -57.49
C GLY C 171 -35.72 -55.95 -57.05
N VAL C 172 -35.77 -55.57 -55.78
CA VAL C 172 -36.82 -54.72 -55.25
C VAL C 172 -36.45 -53.27 -55.48
N HIS C 173 -37.35 -52.50 -56.08
CA HIS C 173 -37.18 -51.08 -56.28
C HIS C 173 -38.37 -50.35 -55.65
N THR C 174 -38.09 -49.43 -54.74
CA THR C 174 -39.13 -48.70 -54.02
C THR C 174 -38.93 -47.21 -54.28
N PHE C 175 -39.72 -46.66 -55.20
CA PHE C 175 -39.62 -45.25 -55.52
C PHE C 175 -40.15 -44.40 -54.37
N PRO C 176 -39.60 -43.22 -54.16
CA PRO C 176 -40.13 -42.32 -53.14
C PRO C 176 -41.51 -41.78 -53.50
N ALA C 177 -42.08 -40.98 -52.62
CA ALA C 177 -43.44 -40.50 -52.80
C ALA C 177 -43.51 -39.44 -53.90
N VAL C 178 -44.64 -39.40 -54.59
CA VAL C 178 -44.93 -38.38 -55.59
C VAL C 178 -46.20 -37.65 -55.17
N LEU C 179 -46.19 -36.32 -55.26
CA LEU C 179 -47.28 -35.50 -54.77
C LEU C 179 -48.15 -35.00 -55.94
N GLN C 180 -49.46 -35.06 -55.75
CA GLN C 180 -50.38 -34.40 -56.67
C GLN C 180 -51.72 -34.21 -55.99
N SER C 181 -52.33 -33.05 -56.21
CA SER C 181 -53.63 -32.70 -55.64
C SER C 181 -53.67 -33.02 -54.15
N ASP C 182 -52.85 -32.29 -53.40
CA ASP C 182 -52.48 -32.55 -52.00
C ASP C 182 -52.77 -33.97 -51.54
N LEU C 183 -52.42 -34.95 -52.38
CA LEU C 183 -52.51 -36.36 -52.06
C LEU C 183 -51.25 -37.04 -52.61
N TYR C 184 -51.02 -38.28 -52.18
CA TYR C 184 -49.77 -38.94 -52.51
C TYR C 184 -49.98 -40.14 -53.44
N THR C 185 -48.89 -40.54 -54.08
CA THR C 185 -48.89 -41.67 -55.00
C THR C 185 -47.53 -42.35 -54.92
N LEU C 186 -47.53 -43.67 -54.80
CA LEU C 186 -46.29 -44.44 -54.72
C LEU C 186 -46.45 -45.70 -55.56
N SER C 187 -45.33 -46.18 -56.09
CA SER C 187 -45.36 -47.41 -56.88
C SER C 187 -44.17 -48.27 -56.48
N SER C 188 -44.23 -49.54 -56.87
CA SER C 188 -43.09 -50.43 -56.69
C SER C 188 -43.23 -51.57 -57.67
N SER C 189 -42.11 -52.27 -57.88
CA SER C 189 -42.10 -53.41 -58.78
C SER C 189 -40.95 -54.33 -58.40
N VAL C 190 -40.92 -55.49 -59.05
CA VAL C 190 -39.85 -56.46 -58.81
C VAL C 190 -39.76 -57.35 -60.05
N THR C 191 -38.60 -57.96 -60.26
CA THR C 191 -38.34 -58.78 -61.43
C THR C 191 -37.75 -60.11 -60.98
N VAL C 192 -38.29 -61.20 -61.53
CA VAL C 192 -37.78 -62.55 -61.30
C VAL C 192 -37.73 -63.29 -62.62
N THR C 193 -37.43 -64.58 -62.56
CA THR C 193 -37.33 -65.39 -63.76
C THR C 193 -38.71 -65.85 -64.21
N SER C 194 -38.75 -66.48 -65.39
CA SER C 194 -40.01 -66.95 -65.95
C SER C 194 -40.51 -68.22 -65.29
N SER C 195 -39.63 -68.97 -64.61
CA SER C 195 -40.02 -70.20 -63.94
C SER C 195 -40.50 -69.96 -62.51
N THR C 196 -41.04 -68.78 -62.24
CA THR C 196 -41.54 -68.42 -60.92
C THR C 196 -43.03 -68.12 -60.91
N TRP C 197 -43.53 -67.46 -61.95
CA TRP C 197 -44.88 -66.93 -61.99
C TRP C 197 -45.60 -67.46 -63.22
N PRO C 198 -46.84 -67.93 -63.10
CA PRO C 198 -47.62 -68.00 -61.86
C PRO C 198 -47.46 -69.31 -61.11
N SER C 199 -46.24 -69.84 -61.04
CA SER C 199 -46.03 -71.10 -60.33
C SER C 199 -45.92 -70.93 -58.83
N GLN C 200 -45.65 -69.72 -58.35
CA GLN C 200 -45.54 -69.44 -56.94
C GLN C 200 -46.55 -68.35 -56.55
N SER C 201 -46.44 -67.86 -55.32
CA SER C 201 -47.37 -66.88 -54.78
C SER C 201 -46.63 -65.56 -54.57
N ILE C 202 -47.09 -64.51 -55.24
CA ILE C 202 -46.55 -63.17 -55.10
C ILE C 202 -47.67 -62.27 -54.58
N THR C 203 -47.43 -61.59 -53.48
CA THR C 203 -48.45 -60.78 -52.83
C THR C 203 -47.83 -59.52 -52.25
N CYS C 204 -48.32 -58.36 -52.69
CA CYS C 204 -47.87 -57.11 -52.11
C CYS C 204 -48.56 -56.86 -50.77
N ASN C 205 -47.80 -56.37 -49.80
CA ASN C 205 -48.28 -56.24 -48.44
C ASN C 205 -48.05 -54.81 -47.98
N VAL C 206 -49.15 -54.12 -47.66
CA VAL C 206 -49.13 -52.70 -47.35
C VAL C 206 -49.49 -52.51 -45.88
N ALA C 207 -48.75 -51.64 -45.20
CA ALA C 207 -49.06 -51.30 -43.82
C ALA C 207 -49.06 -49.78 -43.70
N HIS C 208 -50.21 -49.23 -43.32
CA HIS C 208 -50.36 -47.80 -43.07
C HIS C 208 -50.78 -47.60 -41.62
N PRO C 209 -49.95 -46.96 -40.79
CA PRO C 209 -50.25 -46.82 -39.37
C PRO C 209 -51.40 -45.87 -39.08
N ALA C 210 -51.36 -44.66 -39.66
CA ALA C 210 -52.37 -43.65 -39.34
C ALA C 210 -53.78 -44.13 -39.64
N SER C 211 -53.95 -44.93 -40.68
CA SER C 211 -55.22 -45.61 -40.93
C SER C 211 -55.25 -47.02 -40.38
N SER C 212 -54.11 -47.52 -39.90
CA SER C 212 -54.02 -48.83 -39.25
C SER C 212 -54.52 -49.94 -40.17
N THR C 213 -54.16 -49.86 -41.45
CA THR C 213 -54.57 -50.85 -42.43
C THR C 213 -53.36 -51.70 -42.82
N LYS C 214 -53.44 -52.99 -42.54
CA LYS C 214 -52.42 -53.96 -42.93
C LYS C 214 -53.05 -54.86 -43.99
N VAL C 215 -53.02 -54.38 -45.23
CA VAL C 215 -53.79 -54.96 -46.32
C VAL C 215 -52.88 -55.81 -47.19
N ASP C 216 -53.32 -57.01 -47.51
CA ASP C 216 -52.67 -57.86 -48.49
C ASP C 216 -53.39 -57.74 -49.82
N LYS C 217 -52.62 -57.67 -50.91
CA LYS C 217 -53.16 -57.67 -52.26
C LYS C 217 -52.35 -58.63 -53.09
N LYS C 218 -52.97 -59.74 -53.51
CA LYS C 218 -52.32 -60.73 -54.35
C LYS C 218 -52.58 -60.41 -55.81
N ILE C 219 -51.52 -60.46 -56.61
CA ILE C 219 -51.67 -60.26 -58.04
C ILE C 219 -52.29 -61.50 -58.68
N GLU C 220 -52.79 -61.31 -59.90
CA GLU C 220 -53.35 -62.37 -60.71
C GLU C 220 -52.99 -62.12 -62.17
N PRO C 221 -52.82 -63.17 -62.98
CA PRO C 221 -52.54 -62.97 -64.40
C PRO C 221 -53.68 -62.20 -65.07
N ARG C 222 -53.30 -61.35 -66.02
CA ARG C 222 -54.26 -60.49 -66.69
C ARG C 222 -55.19 -61.33 -67.57
N GLY C 223 -56.49 -61.01 -67.50
CA GLY C 223 -57.47 -61.66 -68.35
C GLY C 223 -57.44 -61.11 -69.75
N PRO C 224 -58.15 -61.81 -70.65
CA PRO C 224 -58.16 -61.35 -72.05
C PRO C 224 -58.89 -60.03 -72.24
N THR C 225 -60.00 -59.82 -71.54
CA THR C 225 -60.74 -58.57 -71.63
C THR C 225 -61.61 -58.36 -70.40
#